data_5W6Q
#
_entry.id   5W6Q
#
_cell.length_a   199.282
_cell.length_b   114.611
_cell.length_c   90.516
_cell.angle_alpha   90.000
_cell.angle_beta   91.880
_cell.angle_gamma   90.000
#
_symmetry.space_group_name_H-M   'C 1 2 1'
#
loop_
_entity.id
_entity.type
_entity.pdbx_description
1 polymer 'DNA polymerase I, thermostable'
2 polymer "DNA (5'-D(*GP*AP*CP*CP*AP*CP*GP*GP*CP*GP*CP*(1W5))-3')"
3 polymer "DNA (5'-D(P*GP*(1WA)P*GP*CP*GP*CP*CP*GP*TP*GP*GP*TP*C)-3')"
4 water water
#
loop_
_entity_poly.entity_id
_entity_poly.type
_entity_poly.pdbx_seq_one_letter_code
_entity_poly.pdbx_strand_id
1 'polypeptide(L)'
;ALEEAPWPPPEGAFVGFVLSRKEPMWADLLALAAARGGRVHRAPEPYKALRDLKEARGLLAKDLSVLALREGLGLPPGDD
PMLLAYLLDPSNTTPEGVARRYGGEWTEEAGERAALSERLFANLWGRLEGEERLLWLYREVERPLSAVLAHVEATGVRLD
VAYLRALSLEVAEEIARLEAEVFRLAGHPFNLNSRDQLERVLFDELGLPAIGKTEKTGKRSTSAAVLEALREAHAIVEKI
LQYRELTKLKSTYIDPLPELIHPRTGRLHTRFNQTATATGRLSSSDPNLQNIPVRTPLGQRIRRAFIAEEGWLLVALDYS
QIELRVLAHLSGDENLIRVFQEGRDIHTETASWMFGVPREAVDPLMRRAAKTINFGVLYGMSAHRLSQELAIPYEEAQAF
IERYFQSFPKVRAWIEKTLEEGRRRGYVETLFGRRRYVPDLEARVKSVREAAERMAFNMPVQGTAADLMKLAMVKLFPRL
EEMGARMLLQVHDELVLEAPKERAEAVARLAKEVMEGVYPLAVPLEVEVGIGEDWLSAKV
;
A,C,G
2 'polydeoxyribonucleotide' (DG)(DA)(DC)(DC)(DA)(DC)(DG)(DG)(DC)(DG)(DC)(1W5) B,E,H
3 'polydeoxyribonucleotide' (DG)(1WA)(DG)(DC)(DG)(DC)(DC)(DG)(DT)(DG)(DG)(DT)(DC) D,F,I
#
loop_
_chem_comp.id
_chem_comp.type
_chem_comp.name
_chem_comp.formula
1W5 DNA linking (1R)-1-(6-amino-2-hydroxy-5-nitropyridin-3-yl)-1,4-anhydro-2-deoxy-5-O-phosphono-D-erythro-pentitol 'C10 H14 N3 O9 P'
1WA DNA linking 2-amino-8-(2-deoxy-5-O-phosphono-beta-D-erythro-pentofuranosyl)-4-hydroxy-1H-imidazo[1,2-a][1,3,5]triazine-5,8-diium 'C10 H16 N5 O7 P 2'
DA DNA linking 2'-DEOXYADENOSINE-5'-MONOPHOSPHATE 'C10 H14 N5 O6 P'
DC DNA linking 2'-DEOXYCYTIDINE-5'-MONOPHOSPHATE 'C9 H14 N3 O7 P'
DG DNA linking 2'-DEOXYGUANOSINE-5'-MONOPHOSPHATE 'C10 H14 N5 O7 P'
DT DNA linking THYMIDINE-5'-MONOPHOSPHATE 'C10 H15 N2 O8 P'
#
# COMPACT_ATOMS: atom_id res chain seq x y z
N GLU A 4 -11.23 -27.25 -47.61
CA GLU A 4 -11.39 -27.84 -46.29
C GLU A 4 -10.41 -28.99 -46.05
N ALA A 5 -9.96 -29.11 -44.81
CA ALA A 5 -9.10 -30.22 -44.40
C ALA A 5 -9.52 -30.71 -43.03
N PRO A 6 -9.28 -32.00 -42.75
CA PRO A 6 -9.70 -32.55 -41.45
C PRO A 6 -8.92 -31.97 -40.27
N TRP A 7 -9.56 -31.91 -39.11
CA TRP A 7 -8.91 -31.52 -37.87
C TRP A 7 -7.78 -32.52 -37.58
N PRO A 8 -6.66 -32.05 -37.01
CA PRO A 8 -6.34 -30.70 -36.54
C PRO A 8 -5.76 -29.79 -37.61
N PRO A 9 -5.80 -28.46 -37.38
CA PRO A 9 -5.18 -27.47 -38.27
C PRO A 9 -3.67 -27.40 -38.09
N PRO A 10 -2.96 -26.87 -39.09
CA PRO A 10 -1.50 -26.70 -38.99
C PRO A 10 -1.11 -25.54 -38.06
N GLU A 11 0.19 -25.37 -37.84
CA GLU A 11 0.69 -24.38 -36.90
C GLU A 11 0.47 -22.95 -37.40
N GLY A 12 0.00 -22.09 -36.50
CA GLY A 12 -0.20 -20.68 -36.82
C GLY A 12 -1.53 -20.39 -37.50
N ALA A 13 -2.44 -21.36 -37.46
CA ALA A 13 -3.74 -21.22 -38.11
C ALA A 13 -4.64 -20.25 -37.35
N PHE A 14 -5.55 -19.60 -38.07
CA PHE A 14 -6.49 -18.68 -37.46
C PHE A 14 -7.73 -19.43 -36.96
N VAL A 15 -8.22 -19.04 -35.79
CA VAL A 15 -9.30 -19.77 -35.14
C VAL A 15 -10.67 -19.08 -35.32
N GLY A 16 -11.73 -19.89 -35.30
CA GLY A 16 -13.09 -19.40 -35.33
C GLY A 16 -13.96 -20.26 -34.44
N PHE A 17 -14.93 -19.64 -33.77
CA PHE A 17 -15.74 -20.38 -32.81
C PHE A 17 -17.11 -19.74 -32.56
N VAL A 18 -18.06 -20.56 -32.10
CA VAL A 18 -19.40 -20.09 -31.79
C VAL A 18 -19.76 -20.44 -30.34
N LEU A 19 -20.26 -19.46 -29.60
CA LEU A 19 -20.63 -19.67 -28.20
C LEU A 19 -22.15 -19.61 -28.03
N SER A 20 -22.64 -20.26 -26.98
CA SER A 20 -24.07 -20.25 -26.69
C SER A 20 -24.51 -18.89 -26.15
N ARG A 21 -23.55 -18.13 -25.64
CA ARG A 21 -23.80 -16.79 -25.12
C ARG A 21 -22.52 -15.96 -25.14
N LYS A 22 -22.66 -14.65 -24.94
CA LYS A 22 -21.53 -13.75 -25.08
C LYS A 22 -20.51 -13.87 -23.95
N GLU A 23 -20.97 -14.26 -22.77
CA GLU A 23 -20.08 -14.42 -21.62
C GLU A 23 -19.29 -15.73 -21.73
N PRO A 24 -17.97 -15.62 -21.95
CA PRO A 24 -17.12 -16.81 -22.15
C PRO A 24 -17.06 -17.70 -20.91
N MET A 25 -17.30 -17.13 -19.74
CA MET A 25 -17.29 -17.90 -18.50
C MET A 25 -18.56 -18.72 -18.32
N TRP A 26 -19.61 -18.36 -19.06
CA TRP A 26 -20.87 -19.08 -18.98
C TRP A 26 -21.24 -19.73 -20.31
N ALA A 27 -20.37 -19.56 -21.30
CA ALA A 27 -20.66 -20.00 -22.65
C ALA A 27 -20.47 -21.49 -22.86
N ASP A 28 -21.34 -22.07 -23.67
CA ASP A 28 -21.19 -23.45 -24.12
C ASP A 28 -20.57 -23.43 -25.52
N LEU A 29 -19.34 -23.92 -25.64
CA LEU A 29 -18.66 -23.94 -26.93
C LEU A 29 -19.39 -24.88 -27.89
N LEU A 30 -20.14 -24.30 -28.81
CA LEU A 30 -20.95 -25.08 -29.74
C LEU A 30 -20.11 -25.64 -30.89
N ALA A 31 -19.25 -24.80 -31.46
CA ALA A 31 -18.43 -25.21 -32.59
C ALA A 31 -17.05 -24.57 -32.55
N LEU A 32 -16.04 -25.34 -32.94
CA LEU A 32 -14.67 -24.85 -33.03
C LEU A 32 -14.11 -25.15 -34.42
N ALA A 33 -13.44 -24.16 -35.00
CA ALA A 33 -12.87 -24.33 -36.33
C ALA A 33 -11.57 -23.54 -36.47
N ALA A 34 -10.84 -23.80 -37.54
CA ALA A 34 -9.59 -23.10 -37.81
C ALA A 34 -9.28 -23.04 -39.29
N ALA A 35 -8.80 -21.89 -39.74
CA ALA A 35 -8.50 -21.69 -41.16
C ALA A 35 -7.05 -21.24 -41.37
N ARG A 36 -6.46 -21.69 -42.47
CA ARG A 36 -5.12 -21.29 -42.85
C ARG A 36 -4.89 -21.49 -44.34
N GLY A 37 -4.54 -20.42 -45.03
CA GLY A 37 -4.32 -20.47 -46.47
C GLY A 37 -5.63 -20.63 -47.22
N GLY A 38 -6.73 -20.23 -46.59
CA GLY A 38 -8.04 -20.37 -47.18
C GLY A 38 -8.60 -21.76 -47.01
N ARG A 39 -7.91 -22.58 -46.22
CA ARG A 39 -8.31 -23.96 -45.99
C ARG A 39 -8.87 -24.12 -44.59
N VAL A 40 -10.17 -24.40 -44.50
CA VAL A 40 -10.86 -24.45 -43.21
C VAL A 40 -10.83 -25.84 -42.58
N HIS A 41 -10.36 -25.90 -41.33
CA HIS A 41 -10.37 -27.13 -40.56
C HIS A 41 -11.46 -27.09 -39.49
N ARG A 42 -12.46 -27.96 -39.61
CA ARG A 42 -13.54 -27.99 -38.63
C ARG A 42 -13.36 -29.12 -37.63
N ALA A 43 -13.71 -28.85 -36.37
CA ALA A 43 -13.52 -29.82 -35.30
C ALA A 43 -14.75 -30.70 -35.12
N PRO A 44 -14.52 -32.00 -34.94
CA PRO A 44 -15.60 -32.95 -34.64
C PRO A 44 -16.29 -32.62 -33.32
N GLU A 45 -15.51 -32.61 -32.25
CA GLU A 45 -16.01 -32.19 -30.94
C GLU A 45 -15.18 -31.00 -30.46
N PRO A 46 -15.83 -29.85 -30.28
CA PRO A 46 -15.17 -28.57 -29.99
C PRO A 46 -14.35 -28.54 -28.70
N TYR A 47 -14.88 -29.10 -27.62
CA TYR A 47 -14.24 -28.98 -26.31
C TYR A 47 -12.88 -29.67 -26.21
N LYS A 48 -12.75 -30.85 -26.79
CA LYS A 48 -11.50 -31.59 -26.73
C LYS A 48 -10.54 -31.09 -27.80
N ALA A 49 -11.08 -30.51 -28.86
CA ALA A 49 -10.27 -29.97 -29.94
C ALA A 49 -9.48 -28.75 -29.49
N LEU A 50 -9.87 -28.17 -28.37
CA LEU A 50 -9.14 -27.04 -27.79
C LEU A 50 -7.76 -27.46 -27.31
N ARG A 51 -7.59 -28.75 -27.04
CA ARG A 51 -6.32 -29.27 -26.56
C ARG A 51 -5.29 -29.31 -27.70
N ASP A 52 -5.79 -29.24 -28.93
CA ASP A 52 -4.94 -29.33 -30.10
C ASP A 52 -4.34 -27.97 -30.46
N LEU A 53 -5.09 -26.91 -30.19
CA LEU A 53 -4.63 -25.56 -30.46
C LEU A 53 -3.62 -25.12 -29.40
N LYS A 54 -2.61 -24.37 -29.81
CA LYS A 54 -1.60 -23.90 -28.88
C LYS A 54 -1.69 -22.40 -28.67
N GLU A 55 -2.47 -21.71 -29.51
CA GLU A 55 -2.69 -20.28 -29.36
C GLU A 55 -4.01 -19.85 -30.00
N ALA A 56 -4.84 -19.17 -29.23
CA ALA A 56 -6.07 -18.60 -29.74
C ALA A 56 -5.75 -17.40 -30.63
N ARG A 57 -5.87 -17.58 -31.94
CA ARG A 57 -5.43 -16.56 -32.88
C ARG A 57 -6.51 -16.22 -33.90
N GLY A 58 -7.25 -15.14 -33.65
CA GLY A 58 -8.31 -14.72 -34.54
C GLY A 58 -9.25 -13.73 -33.89
N LEU A 59 -10.41 -13.53 -34.52
CA LEU A 59 -11.42 -12.62 -34.00
C LEU A 59 -11.90 -13.03 -32.60
N LEU A 60 -11.90 -12.07 -31.68
CA LEU A 60 -12.31 -12.29 -30.30
C LEU A 60 -11.52 -13.44 -29.66
N ALA A 61 -10.21 -13.41 -29.84
CA ALA A 61 -9.33 -14.47 -29.36
C ALA A 61 -9.36 -14.61 -27.84
N LYS A 62 -9.46 -13.47 -27.15
CA LYS A 62 -9.46 -13.45 -25.69
C LYS A 62 -10.63 -14.24 -25.11
N ASP A 63 -11.80 -14.10 -25.73
CA ASP A 63 -13.00 -14.80 -25.27
C ASP A 63 -12.81 -16.31 -25.24
N LEU A 64 -12.28 -16.86 -26.34
CA LEU A 64 -12.02 -18.29 -26.41
C LEU A 64 -10.94 -18.70 -25.41
N SER A 65 -9.98 -17.81 -25.19
CA SER A 65 -8.91 -18.06 -24.23
C SER A 65 -9.47 -18.15 -22.81
N VAL A 66 -10.44 -17.29 -22.52
CA VAL A 66 -11.09 -17.30 -21.21
C VAL A 66 -11.81 -18.63 -20.99
N LEU A 67 -12.51 -19.09 -22.03
CA LEU A 67 -13.23 -20.37 -21.96
C LEU A 67 -12.24 -21.51 -21.77
N ALA A 68 -11.06 -21.40 -22.38
CA ALA A 68 -10.04 -22.42 -22.26
C ALA A 68 -9.48 -22.46 -20.84
N LEU A 69 -9.21 -21.28 -20.28
CA LEU A 69 -8.74 -21.18 -18.90
C LEU A 69 -9.80 -21.72 -17.94
N ARG A 70 -11.06 -21.54 -18.29
CA ARG A 70 -12.17 -22.07 -17.52
C ARG A 70 -12.14 -23.59 -17.50
N GLU A 71 -11.66 -24.18 -18.61
CA GLU A 71 -11.60 -25.63 -18.74
C GLU A 71 -10.22 -26.17 -18.35
N GLY A 72 -9.41 -25.31 -17.75
CA GLY A 72 -8.10 -25.71 -17.26
C GLY A 72 -7.07 -25.85 -18.37
N LEU A 73 -7.36 -25.29 -19.53
CA LEU A 73 -6.44 -25.37 -20.67
C LEU A 73 -5.67 -24.06 -20.83
N GLY A 74 -4.36 -24.17 -20.99
CA GLY A 74 -3.50 -23.01 -21.20
C GLY A 74 -3.47 -22.60 -22.65
N LEU A 75 -4.46 -21.81 -23.06
CA LEU A 75 -4.56 -21.36 -24.45
C LEU A 75 -4.51 -19.84 -24.52
N PRO A 76 -3.30 -19.28 -24.67
CA PRO A 76 -3.11 -17.82 -24.74
C PRO A 76 -3.60 -17.23 -26.06
N PRO A 77 -4.18 -16.02 -26.00
CA PRO A 77 -4.63 -15.34 -27.21
C PRO A 77 -3.50 -14.58 -27.90
N GLY A 78 -3.37 -14.76 -29.22
CA GLY A 78 -2.33 -14.11 -29.98
C GLY A 78 -2.86 -12.93 -30.77
N ASP A 79 -2.86 -13.07 -32.09
CA ASP A 79 -3.33 -12.01 -32.97
C ASP A 79 -4.85 -11.92 -32.98
N ASP A 80 -5.35 -10.70 -33.15
CA ASP A 80 -6.79 -10.46 -33.22
C ASP A 80 -7.06 -9.27 -34.14
N PRO A 81 -7.74 -9.52 -35.27
CA PRO A 81 -8.09 -8.47 -36.24
C PRO A 81 -8.92 -7.35 -35.62
N MET A 82 -9.62 -7.66 -34.53
CA MET A 82 -10.40 -6.65 -33.82
C MET A 82 -9.48 -5.60 -33.18
N LEU A 83 -8.31 -6.04 -32.73
CA LEU A 83 -7.36 -5.14 -32.10
C LEU A 83 -6.70 -4.23 -33.13
N LEU A 84 -6.48 -4.77 -34.33
CA LEU A 84 -5.92 -3.99 -35.43
C LEU A 84 -6.88 -2.88 -35.85
N ALA A 85 -8.14 -3.26 -36.05
CA ALA A 85 -9.17 -2.30 -36.47
C ALA A 85 -9.38 -1.21 -35.43
N TYR A 86 -9.30 -1.60 -34.16
CA TYR A 86 -9.51 -0.68 -33.05
C TYR A 86 -8.45 0.41 -33.01
N LEU A 87 -7.22 0.04 -33.35
CA LEU A 87 -6.12 0.99 -33.39
C LEU A 87 -6.20 1.87 -34.63
N LEU A 88 -6.66 1.29 -35.73
CA LEU A 88 -6.91 2.05 -36.95
C LEU A 88 -8.03 3.06 -36.73
N ASP A 89 -9.05 2.64 -35.99
CA ASP A 89 -10.20 3.48 -35.68
C ASP A 89 -10.95 2.90 -34.48
N PRO A 90 -10.98 3.66 -33.37
CA PRO A 90 -11.64 3.21 -32.14
C PRO A 90 -13.14 3.01 -32.29
N SER A 91 -13.71 3.49 -33.39
CA SER A 91 -15.12 3.29 -33.68
C SER A 91 -15.37 1.83 -34.10
N ASN A 92 -14.32 1.17 -34.58
CA ASN A 92 -14.40 -0.25 -34.89
C ASN A 92 -14.44 -1.06 -33.59
N THR A 93 -15.65 -1.43 -33.16
CA THR A 93 -15.83 -2.07 -31.85
C THR A 93 -16.28 -3.52 -31.95
N THR A 94 -16.99 -3.86 -33.03
CA THR A 94 -17.55 -5.20 -33.17
C THR A 94 -17.09 -5.86 -34.47
N PRO A 95 -16.94 -7.20 -34.44
CA PRO A 95 -16.56 -7.98 -35.61
C PRO A 95 -17.49 -7.74 -36.81
N GLU A 96 -18.78 -7.58 -36.53
CA GLU A 96 -19.76 -7.33 -37.58
C GLU A 96 -19.49 -6.00 -38.28
N GLY A 97 -19.30 -4.94 -37.49
CA GLY A 97 -19.03 -3.63 -38.03
C GLY A 97 -17.70 -3.57 -38.75
N VAL A 98 -16.72 -4.31 -38.25
CA VAL A 98 -15.41 -4.36 -38.88
C VAL A 98 -15.48 -5.12 -40.21
N ALA A 99 -16.24 -6.22 -40.21
CA ALA A 99 -16.40 -7.01 -41.43
C ALA A 99 -17.18 -6.25 -42.48
N ARG A 100 -18.18 -5.49 -42.04
CA ARG A 100 -19.02 -4.73 -42.97
C ARG A 100 -18.26 -3.55 -43.56
N ARG A 101 -17.24 -3.09 -42.85
CA ARG A 101 -16.46 -1.93 -43.28
C ARG A 101 -15.30 -2.33 -44.18
N TYR A 102 -14.59 -3.39 -43.81
CA TYR A 102 -13.38 -3.77 -44.52
C TYR A 102 -13.58 -4.99 -45.43
N GLY A 103 -14.82 -5.48 -45.50
CA GLY A 103 -15.13 -6.58 -46.39
C GLY A 103 -15.32 -7.91 -45.67
N GLY A 104 -16.36 -8.64 -46.06
CA GLY A 104 -16.68 -9.92 -45.46
C GLY A 104 -17.97 -9.89 -44.67
N GLU A 105 -18.46 -11.06 -44.27
CA GLU A 105 -19.69 -11.15 -43.50
C GLU A 105 -19.47 -11.91 -42.20
N TRP A 106 -19.80 -11.27 -41.08
CA TRP A 106 -19.74 -11.91 -39.78
C TRP A 106 -20.97 -12.78 -39.56
N THR A 107 -20.77 -14.10 -39.57
CA THR A 107 -21.88 -15.03 -39.47
C THR A 107 -21.88 -15.81 -38.16
N GLU A 108 -22.67 -16.88 -38.12
CA GLU A 108 -22.82 -17.68 -36.91
C GLU A 108 -22.26 -19.09 -37.10
N GLU A 109 -21.30 -19.23 -38.02
CA GLU A 109 -20.70 -20.53 -38.29
C GLU A 109 -19.19 -20.46 -38.07
N ALA A 110 -18.68 -21.38 -37.26
CA ALA A 110 -17.29 -21.35 -36.81
C ALA A 110 -16.28 -21.41 -37.96
N GLY A 111 -16.59 -22.20 -38.98
CA GLY A 111 -15.70 -22.35 -40.12
C GLY A 111 -15.50 -21.05 -40.88
N GLU A 112 -16.60 -20.33 -41.13
CA GLU A 112 -16.55 -19.06 -41.83
C GLU A 112 -15.84 -18.00 -41.00
N ARG A 113 -16.06 -18.04 -39.68
CA ARG A 113 -15.43 -17.10 -38.77
C ARG A 113 -13.92 -17.26 -38.77
N ALA A 114 -13.46 -18.50 -38.85
CA ALA A 114 -12.03 -18.79 -38.90
C ALA A 114 -11.43 -18.27 -40.20
N ALA A 115 -12.21 -18.34 -41.28
CA ALA A 115 -11.77 -17.85 -42.58
C ALA A 115 -11.76 -16.32 -42.61
N LEU A 116 -12.78 -15.73 -41.98
CA LEU A 116 -12.88 -14.27 -41.90
C LEU A 116 -11.74 -13.68 -41.07
N SER A 117 -11.35 -14.42 -40.03
CA SER A 117 -10.26 -13.98 -39.15
C SER A 117 -8.94 -13.87 -39.90
N GLU A 118 -8.63 -14.88 -40.69
CA GLU A 118 -7.39 -14.92 -41.47
C GLU A 118 -7.35 -13.77 -42.46
N ARG A 119 -8.50 -13.50 -43.06
CA ARG A 119 -8.61 -12.48 -44.10
C ARG A 119 -8.57 -11.06 -43.54
N LEU A 120 -9.43 -10.81 -42.55
CA LEU A 120 -9.49 -9.51 -41.91
C LEU A 120 -8.14 -9.11 -41.32
N PHE A 121 -7.40 -10.09 -40.83
CA PHE A 121 -6.08 -9.84 -40.29
C PHE A 121 -5.15 -9.33 -41.38
N ALA A 122 -4.97 -10.13 -42.43
CA ALA A 122 -4.09 -9.77 -43.55
C ALA A 122 -4.48 -8.43 -44.16
N ASN A 123 -5.77 -8.14 -44.17
CA ASN A 123 -6.27 -6.86 -44.67
C ASN A 123 -5.82 -5.71 -43.77
N LEU A 124 -6.21 -5.79 -42.49
CA LEU A 124 -5.93 -4.72 -41.54
C LEU A 124 -4.45 -4.62 -41.18
N TRP A 125 -3.73 -5.74 -41.25
CA TRP A 125 -2.30 -5.74 -40.97
C TRP A 125 -1.56 -5.00 -42.08
N GLY A 126 -2.01 -5.16 -43.32
CA GLY A 126 -1.42 -4.46 -44.44
C GLY A 126 -1.69 -2.97 -44.38
N ARG A 127 -2.77 -2.60 -43.72
CA ARG A 127 -3.12 -1.19 -43.55
C ARG A 127 -2.24 -0.54 -42.49
N LEU A 128 -1.73 -1.34 -41.56
CA LEU A 128 -0.86 -0.85 -40.51
C LEU A 128 0.59 -0.74 -40.97
N GLU A 129 0.81 -1.01 -42.25
CA GLU A 129 2.13 -0.83 -42.85
C GLU A 129 2.50 0.65 -42.86
N GLY A 130 3.61 0.98 -42.21
CA GLY A 130 4.06 2.36 -42.14
C GLY A 130 3.54 3.08 -40.92
N GLU A 131 2.56 2.48 -40.25
CA GLU A 131 2.01 3.04 -39.03
C GLU A 131 2.77 2.50 -37.82
N GLU A 132 3.98 3.00 -37.62
CA GLU A 132 4.88 2.47 -36.60
C GLU A 132 4.39 2.72 -35.18
N ARG A 133 3.76 3.87 -34.95
CA ARG A 133 3.24 4.18 -33.62
C ARG A 133 2.02 3.34 -33.30
N LEU A 134 1.27 2.96 -34.33
CA LEU A 134 0.13 2.09 -34.15
C LEU A 134 0.57 0.63 -34.01
N LEU A 135 1.66 0.28 -34.68
CA LEU A 135 2.22 -1.06 -34.59
C LEU A 135 2.84 -1.31 -33.22
N TRP A 136 3.47 -0.29 -32.66
CA TRP A 136 4.07 -0.38 -31.35
C TRP A 136 3.00 -0.62 -30.29
N LEU A 137 1.89 0.11 -30.42
CA LEU A 137 0.76 -0.04 -29.52
C LEU A 137 0.17 -1.45 -29.61
N TYR A 138 0.23 -2.04 -30.79
CA TYR A 138 -0.28 -3.39 -30.98
C TYR A 138 0.63 -4.43 -30.31
N ARG A 139 1.91 -4.39 -30.67
CA ARG A 139 2.87 -5.37 -30.17
C ARG A 139 3.15 -5.23 -28.68
N GLU A 140 3.20 -4.00 -28.19
CA GLU A 140 3.65 -3.77 -26.81
C GLU A 140 2.50 -3.58 -25.83
N VAL A 141 1.34 -3.15 -26.31
CA VAL A 141 0.21 -2.90 -25.42
C VAL A 141 -0.96 -3.85 -25.64
N GLU A 142 -1.69 -3.65 -26.74
CA GLU A 142 -2.97 -4.32 -26.95
C GLU A 142 -2.89 -5.85 -27.02
N ARG A 143 -2.03 -6.37 -27.90
CA ARG A 143 -1.92 -7.82 -28.07
C ARG A 143 -1.50 -8.54 -26.79
N PRO A 144 -0.46 -8.06 -26.08
CA PRO A 144 -0.14 -8.77 -24.84
C PRO A 144 -1.17 -8.53 -23.72
N LEU A 145 -1.87 -7.39 -23.77
CA LEU A 145 -2.87 -7.09 -22.75
C LEU A 145 -4.05 -8.06 -22.81
N SER A 146 -4.39 -8.48 -24.02
CA SER A 146 -5.48 -9.43 -24.22
C SER A 146 -5.20 -10.74 -23.49
N ALA A 147 -3.93 -11.12 -23.44
CA ALA A 147 -3.51 -12.32 -22.71
C ALA A 147 -3.64 -12.11 -21.21
N VAL A 148 -3.36 -10.89 -20.76
CA VAL A 148 -3.50 -10.56 -19.35
C VAL A 148 -4.98 -10.55 -18.94
N LEU A 149 -5.79 -9.90 -19.76
CA LEU A 149 -7.22 -9.78 -19.48
C LEU A 149 -7.92 -11.15 -19.51
N ALA A 150 -7.34 -12.08 -20.26
CA ALA A 150 -7.87 -13.44 -20.31
C ALA A 150 -7.75 -14.10 -18.94
N HIS A 151 -6.57 -14.00 -18.34
CA HIS A 151 -6.33 -14.54 -17.00
C HIS A 151 -7.15 -13.82 -15.95
N VAL A 152 -7.27 -12.50 -16.10
CA VAL A 152 -8.02 -11.69 -15.15
C VAL A 152 -9.50 -12.07 -15.13
N GLU A 153 -10.09 -12.19 -16.31
CA GLU A 153 -11.50 -12.56 -16.43
C GLU A 153 -11.77 -13.97 -15.89
N ALA A 154 -10.82 -14.87 -16.12
CA ALA A 154 -10.97 -16.26 -15.72
C ALA A 154 -10.67 -16.46 -14.24
N THR A 155 -10.01 -15.48 -13.62
CA THR A 155 -9.68 -15.56 -12.20
C THR A 155 -10.89 -15.20 -11.34
N GLY A 156 -11.50 -14.06 -11.65
CA GLY A 156 -12.67 -13.61 -10.92
C GLY A 156 -12.34 -13.08 -9.54
N VAL A 157 -13.37 -12.58 -8.85
CA VAL A 157 -13.19 -12.03 -7.51
C VAL A 157 -14.14 -12.71 -6.53
N ARG A 158 -13.63 -13.01 -5.33
CA ARG A 158 -14.44 -13.63 -4.29
C ARG A 158 -15.49 -12.65 -3.77
N LEU A 159 -16.71 -13.13 -3.57
CA LEU A 159 -17.81 -12.28 -3.15
C LEU A 159 -18.52 -12.84 -1.92
N ASP A 160 -18.64 -12.01 -0.89
CA ASP A 160 -19.35 -12.41 0.33
C ASP A 160 -20.86 -12.40 0.06
N VAL A 161 -21.36 -13.53 -0.44
CA VAL A 161 -22.76 -13.66 -0.82
C VAL A 161 -23.70 -13.50 0.38
N ALA A 162 -23.35 -14.16 1.48
CA ALA A 162 -24.16 -14.13 2.70
C ALA A 162 -24.35 -12.71 3.21
N TYR A 163 -23.31 -11.90 3.09
CA TYR A 163 -23.35 -10.51 3.51
C TYR A 163 -24.32 -9.71 2.65
N LEU A 164 -24.44 -10.09 1.38
CA LEU A 164 -25.32 -9.40 0.43
C LEU A 164 -26.77 -9.84 0.60
N ARG A 165 -26.97 -11.14 0.86
CA ARG A 165 -28.30 -11.67 1.13
C ARG A 165 -28.86 -10.99 2.38
N ALA A 166 -28.00 -10.77 3.37
CA ALA A 166 -28.39 -10.09 4.59
C ALA A 166 -28.68 -8.62 4.31
N LEU A 167 -27.79 -7.99 3.57
CA LEU A 167 -27.94 -6.57 3.24
C LEU A 167 -29.20 -6.32 2.42
N SER A 168 -29.55 -7.29 1.57
CA SER A 168 -30.75 -7.17 0.73
C SER A 168 -32.01 -7.06 1.57
N LEU A 169 -32.12 -7.92 2.58
CA LEU A 169 -33.29 -7.92 3.46
C LEU A 169 -33.36 -6.64 4.28
N GLU A 170 -32.20 -6.11 4.64
CA GLU A 170 -32.13 -4.87 5.41
C GLU A 170 -32.58 -3.67 4.57
N VAL A 171 -32.10 -3.61 3.33
CA VAL A 171 -32.45 -2.54 2.42
C VAL A 171 -33.93 -2.61 2.04
N ALA A 172 -34.43 -3.83 1.89
CA ALA A 172 -35.82 -4.06 1.48
C ALA A 172 -36.82 -3.44 2.44
N GLU A 173 -36.48 -3.45 3.73
CA GLU A 173 -37.38 -2.93 4.76
C GLU A 173 -37.37 -1.40 4.80
N GLU A 174 -36.22 -0.81 4.53
CA GLU A 174 -36.12 0.65 4.48
C GLU A 174 -36.79 1.17 3.21
N ILE A 175 -36.71 0.37 2.15
CA ILE A 175 -37.41 0.69 0.91
C ILE A 175 -38.92 0.65 1.13
N ALA A 176 -39.39 -0.39 1.80
CA ALA A 176 -40.80 -0.55 2.11
C ALA A 176 -41.29 0.58 3.03
N ARG A 177 -40.42 0.98 3.97
CA ARG A 177 -40.74 2.07 4.88
C ARG A 177 -40.89 3.39 4.13
N LEU A 178 -39.96 3.66 3.22
CA LEU A 178 -39.99 4.89 2.43
C LEU A 178 -41.17 4.88 1.47
N GLU A 179 -41.40 3.75 0.82
CA GLU A 179 -42.51 3.60 -0.12
C GLU A 179 -43.86 3.84 0.55
N ALA A 180 -43.95 3.44 1.82
CA ALA A 180 -45.18 3.62 2.60
C ALA A 180 -45.49 5.09 2.84
N GLU A 181 -44.44 5.86 3.10
CA GLU A 181 -44.60 7.29 3.40
C GLU A 181 -44.90 8.10 2.14
N VAL A 182 -44.31 7.69 1.02
CA VAL A 182 -44.56 8.35 -0.26
C VAL A 182 -46.03 8.18 -0.64
N PHE A 183 -46.59 7.01 -0.31
CA PHE A 183 -47.98 6.71 -0.61
C PHE A 183 -48.94 7.62 0.17
N ARG A 184 -48.61 7.89 1.43
CA ARG A 184 -49.43 8.77 2.24
C ARG A 184 -49.43 10.20 1.69
N LEU A 185 -48.22 10.71 1.42
CA LEU A 185 -48.06 12.07 0.94
C LEU A 185 -48.72 12.26 -0.43
N ALA A 186 -48.76 11.19 -1.20
CA ALA A 186 -49.43 11.22 -2.51
C ALA A 186 -50.93 10.97 -2.35
N GLY A 187 -51.30 10.33 -1.24
CA GLY A 187 -52.70 10.05 -0.96
C GLY A 187 -53.18 8.76 -1.60
N HIS A 188 -52.29 8.07 -2.29
CA HIS A 188 -52.63 6.84 -3.00
C HIS A 188 -51.38 6.08 -3.40
N PRO A 189 -51.50 4.76 -3.61
CA PRO A 189 -50.35 3.98 -4.06
C PRO A 189 -50.12 4.08 -5.57
N PHE A 190 -48.86 4.01 -5.99
CA PHE A 190 -48.50 3.99 -7.40
C PHE A 190 -47.10 3.41 -7.56
N ASN A 191 -46.74 3.07 -8.79
CA ASN A 191 -45.41 2.52 -9.06
C ASN A 191 -44.34 3.60 -8.99
N LEU A 192 -43.59 3.62 -7.90
CA LEU A 192 -42.58 4.63 -7.67
C LEU A 192 -41.38 4.43 -8.60
N ASN A 193 -41.24 3.23 -9.14
CA ASN A 193 -40.18 2.93 -10.10
C ASN A 193 -40.53 3.44 -11.50
N SER A 194 -41.82 3.67 -11.74
CA SER A 194 -42.29 4.18 -13.02
C SER A 194 -42.17 5.70 -13.06
N ARG A 195 -41.34 6.22 -13.95
CA ARG A 195 -41.13 7.66 -14.04
CA ARG A 195 -41.12 7.65 -14.05
C ARG A 195 -42.33 8.36 -14.66
N ASP A 196 -43.11 7.62 -15.44
CA ASP A 196 -44.31 8.18 -16.06
C ASP A 196 -45.34 8.51 -15.00
N GLN A 197 -45.52 7.60 -14.05
CA GLN A 197 -46.49 7.77 -12.97
C GLN A 197 -46.03 8.83 -11.97
N LEU A 198 -44.73 8.86 -11.71
CA LEU A 198 -44.16 9.79 -10.74
C LEU A 198 -44.31 11.24 -11.20
N GLU A 199 -44.24 11.45 -12.50
CA GLU A 199 -44.37 12.78 -13.08
C GLU A 199 -45.73 13.40 -12.79
N ARG A 200 -46.79 12.61 -12.96
CA ARG A 200 -48.15 13.08 -12.77
C ARG A 200 -48.43 13.40 -11.31
N VAL A 201 -47.96 12.54 -10.41
CA VAL A 201 -48.19 12.73 -8.98
C VAL A 201 -47.55 14.03 -8.47
N LEU A 202 -46.33 14.30 -8.95
CA LEU A 202 -45.58 15.46 -8.48
C LEU A 202 -46.02 16.75 -9.15
N PHE A 203 -46.26 16.70 -10.45
CA PHE A 203 -46.47 17.91 -11.24
C PHE A 203 -47.94 18.20 -11.55
N ASP A 204 -48.75 17.16 -11.70
CA ASP A 204 -50.17 17.34 -12.01
C ASP A 204 -51.03 17.33 -10.76
N GLU A 205 -50.76 16.42 -9.85
CA GLU A 205 -51.56 16.27 -8.64
C GLU A 205 -51.14 17.25 -7.55
N LEU A 206 -49.86 17.24 -7.20
CA LEU A 206 -49.35 18.06 -6.10
C LEU A 206 -48.91 19.45 -6.58
N GLY A 207 -48.75 19.59 -7.90
CA GLY A 207 -48.44 20.88 -8.49
C GLY A 207 -47.11 21.48 -8.08
N LEU A 208 -46.03 20.74 -8.28
CA LEU A 208 -44.69 21.25 -8.03
C LEU A 208 -44.10 21.81 -9.32
N PRO A 209 -43.23 22.83 -9.20
CA PRO A 209 -42.62 23.46 -10.37
C PRO A 209 -41.80 22.48 -11.22
N ALA A 210 -42.33 22.12 -12.39
CA ALA A 210 -41.59 21.28 -13.33
C ALA A 210 -40.57 22.14 -14.06
N ILE A 211 -39.30 21.92 -13.76
CA ILE A 211 -38.23 22.75 -14.33
C ILE A 211 -37.66 22.14 -15.60
N GLY A 212 -37.01 20.99 -15.46
CA GLY A 212 -36.34 20.33 -16.56
C GLY A 212 -37.26 19.49 -17.40
N LYS A 213 -36.74 18.98 -18.52
CA LYS A 213 -37.55 18.19 -19.42
C LYS A 213 -36.67 17.20 -20.19
N THR A 214 -37.22 16.03 -20.49
CA THR A 214 -36.46 14.93 -21.08
C THR A 214 -36.08 15.24 -22.53
N GLU A 215 -35.03 14.57 -23.01
CA GLU A 215 -34.43 14.90 -24.29
C GLU A 215 -35.28 14.48 -25.50
N LYS A 216 -35.46 13.18 -25.67
CA LYS A 216 -36.09 12.63 -26.87
C LYS A 216 -37.59 12.87 -26.96
N THR A 217 -38.32 12.47 -25.91
CA THR A 217 -39.78 12.47 -25.93
C THR A 217 -40.34 13.78 -25.41
N GLY A 218 -39.50 14.49 -24.65
CA GLY A 218 -39.96 15.71 -24.06
C GLY A 218 -41.02 15.54 -23.00
N LYS A 219 -40.62 14.95 -21.88
CA LYS A 219 -41.50 14.82 -20.71
C LYS A 219 -40.92 15.63 -19.54
N ARG A 220 -41.78 16.02 -18.60
CA ARG A 220 -41.32 16.72 -17.41
C ARG A 220 -40.39 15.83 -16.59
N SER A 221 -39.10 16.13 -16.63
CA SER A 221 -38.08 15.29 -16.02
C SER A 221 -38.20 15.19 -14.51
N THR A 222 -38.00 13.98 -13.99
CA THR A 222 -37.99 13.75 -12.55
C THR A 222 -36.64 13.22 -12.10
N SER A 223 -35.57 13.73 -12.72
CA SER A 223 -34.21 13.32 -12.39
C SER A 223 -33.81 13.84 -11.01
N ALA A 224 -32.67 13.37 -10.52
CA ALA A 224 -32.17 13.78 -9.21
C ALA A 224 -31.85 15.26 -9.20
N ALA A 225 -31.28 15.76 -10.29
CA ALA A 225 -30.92 17.18 -10.40
C ALA A 225 -32.16 18.06 -10.31
N VAL A 226 -33.23 17.65 -10.96
CA VAL A 226 -34.48 18.40 -10.93
C VAL A 226 -35.13 18.32 -9.55
N LEU A 227 -35.12 17.11 -8.97
CA LEU A 227 -35.74 16.90 -7.66
C LEU A 227 -34.93 17.53 -6.53
N GLU A 228 -33.62 17.65 -6.73
CA GLU A 228 -32.74 18.23 -5.70
C GLU A 228 -33.17 19.64 -5.33
N ALA A 229 -33.68 20.38 -6.31
CA ALA A 229 -34.15 21.73 -6.09
C ALA A 229 -35.50 21.75 -5.38
N LEU A 230 -36.15 20.61 -5.32
CA LEU A 230 -37.48 20.49 -4.71
C LEU A 230 -37.46 19.69 -3.42
N ARG A 231 -36.27 19.44 -2.89
CA ARG A 231 -36.12 18.51 -1.76
C ARG A 231 -36.70 19.03 -0.45
N GLU A 232 -37.16 20.28 -0.45
CA GLU A 232 -37.84 20.83 0.72
C GLU A 232 -39.15 21.52 0.32
N ALA A 233 -39.41 21.57 -0.98
CA ALA A 233 -40.69 22.08 -1.48
C ALA A 233 -41.81 21.14 -1.05
N HIS A 234 -41.45 19.88 -0.84
CA HIS A 234 -42.32 18.90 -0.21
C HIS A 234 -41.47 17.74 0.27
N ALA A 235 -41.96 17.02 1.28
CA ALA A 235 -41.20 15.95 1.89
C ALA A 235 -41.15 14.72 0.99
N ILE A 236 -42.12 14.59 0.09
CA ILE A 236 -42.18 13.44 -0.80
C ILE A 236 -40.98 13.41 -1.73
N VAL A 237 -40.45 14.58 -2.06
CA VAL A 237 -39.29 14.68 -2.93
C VAL A 237 -38.05 14.15 -2.22
N GLU A 238 -37.93 14.48 -0.93
CA GLU A 238 -36.86 13.97 -0.10
C GLU A 238 -36.95 12.45 0.05
N LYS A 239 -38.17 11.95 0.21
CA LYS A 239 -38.41 10.54 0.41
C LYS A 239 -38.19 9.73 -0.87
N ILE A 240 -38.47 10.35 -2.02
CA ILE A 240 -38.27 9.70 -3.31
C ILE A 240 -36.79 9.49 -3.61
N LEU A 241 -36.00 10.54 -3.39
CA LEU A 241 -34.56 10.48 -3.65
C LEU A 241 -33.87 9.46 -2.76
N GLN A 242 -34.34 9.34 -1.52
CA GLN A 242 -33.83 8.31 -0.62
C GLN A 242 -34.25 6.93 -1.13
N TYR A 243 -35.50 6.84 -1.59
CA TYR A 243 -36.04 5.61 -2.15
C TYR A 243 -35.27 5.18 -3.39
N ARG A 244 -34.97 6.15 -4.25
CA ARG A 244 -34.30 5.86 -5.52
C ARG A 244 -32.88 5.35 -5.31
N GLU A 245 -32.18 5.92 -4.34
CA GLU A 245 -30.81 5.49 -4.05
C GLU A 245 -30.76 4.03 -3.63
N LEU A 246 -31.70 3.62 -2.78
CA LEU A 246 -31.74 2.25 -2.28
C LEU A 246 -32.13 1.26 -3.36
N THR A 247 -33.17 1.58 -4.12
CA THR A 247 -33.63 0.71 -5.20
C THR A 247 -32.58 0.58 -6.29
N LYS A 248 -31.87 1.68 -6.54
CA LYS A 248 -30.80 1.70 -7.54
C LYS A 248 -29.69 0.72 -7.17
N LEU A 249 -29.28 0.74 -5.91
CA LEU A 249 -28.19 -0.11 -5.45
C LEU A 249 -28.62 -1.56 -5.28
N LYS A 250 -29.88 -1.76 -4.89
CA LYS A 250 -30.39 -3.11 -4.64
C LYS A 250 -30.66 -3.86 -5.93
N SER A 251 -31.29 -3.20 -6.89
CA SER A 251 -31.69 -3.83 -8.14
C SER A 251 -30.52 -3.99 -9.12
N THR A 252 -29.40 -3.33 -8.85
CA THR A 252 -28.26 -3.37 -9.75
C THR A 252 -27.10 -4.19 -9.18
N TYR A 253 -26.90 -4.10 -7.87
CA TYR A 253 -25.73 -4.71 -7.25
C TYR A 253 -26.08 -5.75 -6.18
N ILE A 254 -26.90 -5.35 -5.20
CA ILE A 254 -27.17 -6.20 -4.05
C ILE A 254 -27.87 -7.51 -4.41
N ASP A 255 -28.80 -7.44 -5.37
CA ASP A 255 -29.56 -8.63 -5.78
C ASP A 255 -28.95 -9.42 -6.95
N PRO A 256 -28.53 -8.74 -8.04
CA PRO A 256 -28.06 -9.54 -9.17
C PRO A 256 -26.72 -10.25 -8.96
N LEU A 257 -25.79 -9.61 -8.25
CA LEU A 257 -24.44 -10.13 -8.10
C LEU A 257 -24.32 -11.52 -7.43
N PRO A 258 -25.09 -11.78 -6.36
CA PRO A 258 -24.98 -13.13 -5.78
C PRO A 258 -25.48 -14.26 -6.69
N GLU A 259 -26.18 -13.91 -7.76
CA GLU A 259 -26.70 -14.90 -8.69
C GLU A 259 -25.71 -15.19 -9.81
N LEU A 260 -24.53 -14.57 -9.74
CA LEU A 260 -23.55 -14.67 -10.81
C LEU A 260 -22.26 -15.38 -10.38
N ILE A 261 -22.34 -16.14 -9.31
CA ILE A 261 -21.19 -16.91 -8.84
C ILE A 261 -21.01 -18.17 -9.66
N HIS A 262 -19.84 -18.31 -10.28
CA HIS A 262 -19.57 -19.45 -11.16
C HIS A 262 -19.42 -20.74 -10.35
N PRO A 263 -20.10 -21.81 -10.79
CA PRO A 263 -20.14 -23.09 -10.08
C PRO A 263 -18.79 -23.83 -10.07
N ARG A 264 -17.86 -23.44 -10.94
CA ARG A 264 -16.58 -24.13 -11.02
C ARG A 264 -15.48 -23.37 -10.29
N THR A 265 -15.60 -22.05 -10.24
CA THR A 265 -14.59 -21.22 -9.60
C THR A 265 -15.04 -20.68 -8.24
N GLY A 266 -16.34 -20.52 -8.10
CA GLY A 266 -16.90 -19.98 -6.87
C GLY A 266 -16.60 -18.51 -6.68
N ARG A 267 -16.39 -17.81 -7.80
CA ARG A 267 -16.07 -16.39 -7.76
C ARG A 267 -16.86 -15.61 -8.82
N LEU A 268 -16.83 -14.29 -8.72
CA LEU A 268 -17.56 -13.43 -9.64
C LEU A 268 -16.71 -13.06 -10.84
N HIS A 269 -17.19 -13.41 -12.04
CA HIS A 269 -16.43 -13.19 -13.26
C HIS A 269 -17.01 -12.08 -14.12
N THR A 270 -16.19 -11.09 -14.44
CA THR A 270 -16.58 -10.00 -15.32
C THR A 270 -15.87 -10.11 -16.66
N ARG A 271 -16.26 -9.27 -17.61
CA ARG A 271 -15.61 -9.23 -18.91
C ARG A 271 -14.99 -7.86 -19.14
N PHE A 272 -13.70 -7.84 -19.48
CA PHE A 272 -13.03 -6.58 -19.79
C PHE A 272 -12.92 -6.39 -21.29
N ASN A 273 -13.87 -5.63 -21.84
CA ASN A 273 -13.90 -5.35 -23.27
C ASN A 273 -12.74 -4.47 -23.69
N GLN A 274 -11.97 -4.94 -24.67
CA GLN A 274 -10.75 -4.24 -25.07
C GLN A 274 -11.02 -3.22 -26.17
N THR A 275 -12.06 -3.46 -26.96
CA THR A 275 -12.40 -2.56 -28.07
C THR A 275 -13.82 -2.03 -27.94
N ALA A 276 -14.05 -1.14 -26.99
CA ALA A 276 -15.40 -0.66 -26.72
C ALA A 276 -15.50 0.86 -26.58
N THR A 277 -14.39 1.50 -26.18
CA THR A 277 -14.38 2.94 -25.97
C THR A 277 -13.73 3.68 -27.13
N ALA A 278 -13.97 4.98 -27.21
CA ALA A 278 -13.43 5.81 -28.29
C ALA A 278 -12.12 6.47 -27.88
N THR A 279 -11.76 6.33 -26.60
CA THR A 279 -10.56 6.97 -26.07
C THR A 279 -9.43 5.96 -25.87
N GLY A 280 -9.77 4.68 -25.88
CA GLY A 280 -8.78 3.64 -25.65
C GLY A 280 -8.91 3.06 -24.26
N ARG A 281 -9.97 3.47 -23.55
CA ARG A 281 -10.26 2.91 -22.23
C ARG A 281 -10.80 1.50 -22.35
N LEU A 282 -10.67 0.73 -21.27
CA LEU A 282 -11.34 -0.56 -21.16
C LEU A 282 -12.75 -0.34 -20.66
N SER A 283 -13.59 -1.36 -20.79
CA SER A 283 -14.93 -1.32 -20.22
C SER A 283 -15.27 -2.68 -19.63
N SER A 284 -16.01 -2.68 -18.53
CA SER A 284 -16.39 -3.92 -17.87
C SER A 284 -17.88 -4.18 -18.04
N SER A 285 -18.23 -5.42 -18.39
CA SER A 285 -19.63 -5.78 -18.57
C SER A 285 -19.90 -7.24 -18.20
N ASP A 286 -21.17 -7.54 -17.95
CA ASP A 286 -21.63 -8.90 -17.68
C ASP A 286 -20.95 -9.62 -16.52
N PRO A 287 -21.02 -9.05 -15.29
CA PRO A 287 -21.59 -7.76 -14.91
C PRO A 287 -20.53 -6.66 -14.99
N ASN A 288 -20.95 -5.40 -14.87
CA ASN A 288 -20.01 -4.30 -14.82
C ASN A 288 -19.41 -4.17 -13.42
N LEU A 289 -18.10 -4.30 -13.33
CA LEU A 289 -17.41 -4.18 -12.05
C LEU A 289 -16.58 -2.91 -11.97
N GLN A 290 -16.75 -2.03 -12.96
CA GLN A 290 -16.05 -0.75 -12.97
C GLN A 290 -16.96 0.36 -12.43
N ASN A 291 -18.13 -0.01 -11.92
CA ASN A 291 -19.05 0.96 -11.37
C ASN A 291 -19.69 0.50 -10.06
N ILE A 292 -18.94 -0.29 -9.29
CA ILE A 292 -19.38 -0.70 -7.98
C ILE A 292 -19.43 0.52 -7.06
N PRO A 293 -20.58 0.74 -6.39
CA PRO A 293 -20.82 1.91 -5.54
C PRO A 293 -19.73 2.13 -4.49
N VAL A 294 -19.51 3.39 -4.13
CA VAL A 294 -18.46 3.74 -3.18
C VAL A 294 -18.76 5.10 -2.52
N ARG A 295 -19.60 5.89 -3.17
CA ARG A 295 -19.88 7.25 -2.71
C ARG A 295 -20.72 7.27 -1.44
N THR A 296 -21.98 6.87 -1.56
CA THR A 296 -22.93 6.87 -0.45
C THR A 296 -22.52 5.87 0.63
N PRO A 297 -23.01 6.06 1.87
CA PRO A 297 -22.78 5.10 2.96
C PRO A 297 -23.15 3.66 2.61
N LEU A 298 -24.34 3.47 2.02
CA LEU A 298 -24.76 2.13 1.62
C LEU A 298 -23.85 1.56 0.54
N GLY A 299 -23.37 2.45 -0.34
CA GLY A 299 -22.46 2.06 -1.39
C GLY A 299 -21.17 1.49 -0.85
N GLN A 300 -20.69 2.05 0.25
CA GLN A 300 -19.47 1.58 0.89
C GLN A 300 -19.68 0.21 1.51
N ARG A 301 -20.91 -0.06 1.93
CA ARG A 301 -21.25 -1.37 2.50
C ARG A 301 -21.21 -2.45 1.43
N ILE A 302 -21.70 -2.11 0.23
CA ILE A 302 -21.71 -3.04 -0.90
C ILE A 302 -20.29 -3.45 -1.28
N ARG A 303 -19.37 -2.52 -1.17
CA ARG A 303 -17.98 -2.76 -1.60
C ARG A 303 -17.25 -3.72 -0.66
N ARG A 304 -17.75 -3.89 0.56
CA ARG A 304 -17.14 -4.81 1.50
C ARG A 304 -17.43 -6.25 1.13
N ALA A 305 -18.44 -6.45 0.28
CA ALA A 305 -18.82 -7.78 -0.18
C ALA A 305 -17.72 -8.38 -1.06
N PHE A 306 -16.99 -7.52 -1.76
CA PHE A 306 -15.87 -7.95 -2.57
C PHE A 306 -14.66 -8.23 -1.68
N ILE A 307 -14.43 -9.52 -1.41
CA ILE A 307 -13.41 -9.93 -0.46
C ILE A 307 -12.30 -10.74 -1.13
N ALA A 308 -11.18 -10.87 -0.43
CA ALA A 308 -10.09 -11.70 -0.91
C ALA A 308 -10.28 -13.14 -0.45
N GLU A 309 -9.55 -14.06 -1.06
CA GLU A 309 -9.62 -15.47 -0.67
C GLU A 309 -9.03 -15.64 0.73
N GLU A 310 -9.38 -16.74 1.39
CA GLU A 310 -8.88 -17.00 2.73
C GLU A 310 -7.36 -17.25 2.70
N GLY A 311 -6.63 -16.45 3.46
CA GLY A 311 -5.17 -16.51 3.43
C GLY A 311 -4.63 -15.52 2.41
N TRP A 312 -5.50 -14.66 1.91
CA TRP A 312 -5.11 -13.66 0.92
C TRP A 312 -5.54 -12.26 1.37
N LEU A 313 -5.04 -11.26 0.67
CA LEU A 313 -5.44 -9.88 0.89
C LEU A 313 -5.60 -9.14 -0.43
N LEU A 314 -6.44 -8.12 -0.45
CA LEU A 314 -6.62 -7.29 -1.64
C LEU A 314 -5.62 -6.14 -1.65
N VAL A 315 -5.06 -5.87 -2.82
CA VAL A 315 -4.14 -4.75 -2.99
C VAL A 315 -4.73 -3.72 -3.94
N ALA A 316 -5.11 -2.58 -3.40
CA ALA A 316 -5.73 -1.52 -4.21
C ALA A 316 -4.73 -0.40 -4.53
N LEU A 317 -4.46 -0.22 -5.82
CA LEU A 317 -3.54 0.81 -6.26
C LEU A 317 -4.27 1.85 -7.12
N ASP A 318 -4.25 3.10 -6.68
CA ASP A 318 -4.92 4.18 -7.39
C ASP A 318 -3.94 5.26 -7.84
N TYR A 319 -3.97 5.59 -9.13
CA TYR A 319 -3.18 6.71 -9.63
C TYR A 319 -3.70 8.01 -9.04
N SER A 320 -2.78 8.95 -8.79
CA SER A 320 -3.16 10.24 -8.23
C SER A 320 -3.16 11.33 -9.30
N GLN A 321 -4.34 11.72 -9.74
CA GLN A 321 -4.52 12.75 -10.76
C GLN A 321 -3.66 12.49 -11.99
N ILE A 322 -3.74 11.28 -12.52
CA ILE A 322 -2.92 10.88 -13.66
C ILE A 322 -3.20 11.74 -14.89
N GLU A 323 -4.47 12.13 -15.06
CA GLU A 323 -4.88 12.92 -16.21
C GLU A 323 -4.29 14.33 -16.16
N LEU A 324 -4.29 14.93 -14.99
CA LEU A 324 -3.71 16.26 -14.81
C LEU A 324 -2.20 16.22 -15.01
N ARG A 325 -1.59 15.14 -14.54
CA ARG A 325 -0.15 14.93 -14.73
C ARG A 325 0.15 14.70 -16.21
N VAL A 326 -0.75 14.00 -16.89
CA VAL A 326 -0.64 13.81 -18.33
C VAL A 326 -0.81 15.15 -19.05
N LEU A 327 -1.80 15.92 -18.61
CA LEU A 327 -2.05 17.24 -19.17
C LEU A 327 -0.83 18.14 -19.04
N ALA A 328 -0.13 18.03 -17.92
CA ALA A 328 1.09 18.80 -17.69
C ALA A 328 2.17 18.42 -18.68
N HIS A 329 2.29 17.12 -18.94
CA HIS A 329 3.30 16.61 -19.87
C HIS A 329 2.98 16.97 -21.32
N LEU A 330 1.70 16.87 -21.68
CA LEU A 330 1.26 17.17 -23.04
C LEU A 330 1.36 18.66 -23.36
N SER A 331 0.98 19.49 -22.39
CA SER A 331 1.03 20.94 -22.57
C SER A 331 2.45 21.47 -22.43
N GLY A 332 3.23 20.84 -21.56
CA GLY A 332 4.58 21.29 -21.28
C GLY A 332 4.58 22.59 -20.49
N ASP A 333 3.48 22.83 -19.77
CA ASP A 333 3.32 24.04 -18.99
C ASP A 333 4.29 24.05 -17.81
N GLU A 334 5.21 25.00 -17.81
CA GLU A 334 6.25 25.09 -16.80
C GLU A 334 5.67 25.24 -15.39
N ASN A 335 4.59 26.01 -15.27
CA ASN A 335 3.96 26.26 -13.98
C ASN A 335 3.29 25.01 -13.41
N LEU A 336 2.51 24.32 -14.25
CA LEU A 336 1.77 23.14 -13.81
C LEU A 336 2.70 21.97 -13.50
N ILE A 337 3.81 21.89 -14.23
CA ILE A 337 4.81 20.88 -13.98
C ILE A 337 5.43 21.08 -12.60
N ARG A 338 5.73 22.34 -12.27
CA ARG A 338 6.34 22.69 -10.99
C ARG A 338 5.44 22.29 -9.81
N VAL A 339 4.14 22.35 -10.01
CA VAL A 339 3.18 21.98 -8.97
C VAL A 339 3.27 20.49 -8.61
N PHE A 340 3.49 19.66 -9.60
CA PHE A 340 3.56 18.23 -9.42
C PHE A 340 4.93 17.75 -9.05
N GLN A 341 5.91 18.49 -9.49
CA GLN A 341 7.29 18.19 -9.29
C GLN A 341 7.78 18.39 -7.89
N GLU A 342 7.25 19.38 -7.24
CA GLU A 342 7.65 19.73 -5.87
C GLU A 342 6.91 18.88 -4.83
N GLY A 343 5.69 18.47 -5.14
CA GLY A 343 4.98 17.51 -4.33
C GLY A 343 4.14 18.04 -3.19
N ARG A 344 3.78 19.32 -3.24
CA ARG A 344 2.86 19.88 -2.26
C ARG A 344 1.43 19.54 -2.65
N ASP A 345 0.47 20.00 -1.87
CA ASP A 345 -0.93 19.81 -2.24
C ASP A 345 -1.14 20.51 -3.57
N ILE A 346 -1.49 19.73 -4.58
CA ILE A 346 -1.61 20.20 -5.94
C ILE A 346 -2.62 21.37 -6.06
N HIS A 347 -3.45 21.60 -5.05
CA HIS A 347 -4.53 22.53 -5.27
C HIS A 347 -4.49 23.81 -4.41
N THR A 348 -3.92 23.74 -3.22
CA THR A 348 -3.55 24.97 -2.51
C THR A 348 -2.58 25.76 -3.38
N GLU A 349 -1.80 25.05 -4.19
CA GLU A 349 -0.82 25.68 -5.06
C GLU A 349 -1.39 26.21 -6.36
N THR A 350 -2.42 25.56 -6.91
CA THR A 350 -3.07 26.08 -8.12
C THR A 350 -4.17 27.06 -7.74
N ALA A 351 -4.30 27.32 -6.44
CA ALA A 351 -5.21 28.34 -5.95
C ALA A 351 -4.53 29.70 -5.96
N SER A 352 -3.20 29.67 -6.01
CA SER A 352 -2.40 30.89 -6.05
C SER A 352 -2.20 31.37 -7.49
N ARG A 368 -11.04 25.28 -2.84
CA ARG A 368 -12.14 24.58 -3.48
C ARG A 368 -12.41 25.13 -4.89
N ALA A 369 -12.19 26.42 -5.07
CA ALA A 369 -12.36 27.06 -6.36
C ALA A 369 -11.35 26.48 -7.35
N ALA A 370 -10.16 26.17 -6.85
CA ALA A 370 -9.11 25.60 -7.68
C ALA A 370 -9.38 24.13 -8.03
N LYS A 371 -10.07 23.41 -7.16
CA LYS A 371 -10.37 22.00 -7.41
C LYS A 371 -11.25 21.81 -8.65
N THR A 372 -12.41 22.47 -8.63
CA THR A 372 -13.50 22.19 -9.58
C THR A 372 -13.11 22.37 -11.05
N ILE A 373 -12.28 23.37 -11.35
CA ILE A 373 -11.87 23.60 -12.73
C ILE A 373 -10.60 22.84 -13.09
N ASN A 374 -9.82 22.47 -12.07
CA ASN A 374 -8.63 21.67 -12.30
C ASN A 374 -9.03 20.24 -12.68
N PHE A 375 -10.28 19.91 -12.38
CA PHE A 375 -10.87 18.63 -12.76
C PHE A 375 -11.81 18.82 -13.95
N GLY A 376 -12.36 20.02 -14.06
CA GLY A 376 -13.34 20.33 -15.09
C GLY A 376 -12.76 20.77 -16.42
N VAL A 377 -11.51 21.24 -16.41
CA VAL A 377 -10.87 21.72 -17.63
C VAL A 377 -10.63 20.56 -18.60
N LEU A 378 -10.54 19.35 -18.07
CA LEU A 378 -10.33 18.16 -18.89
C LEU A 378 -11.57 17.84 -19.70
N TYR A 379 -12.72 18.26 -19.20
CA TYR A 379 -13.99 17.97 -19.87
C TYR A 379 -14.48 19.19 -20.65
N GLY A 380 -13.85 20.33 -20.41
CA GLY A 380 -14.26 21.57 -21.03
C GLY A 380 -15.42 22.20 -20.28
N MET A 381 -15.30 22.23 -18.96
CA MET A 381 -16.35 22.77 -18.10
C MET A 381 -16.55 24.26 -18.34
N SER A 382 -17.74 24.62 -18.82
CA SER A 382 -18.09 26.02 -19.04
C SER A 382 -18.32 26.71 -17.70
N ALA A 383 -18.33 28.05 -17.73
CA ALA A 383 -18.50 28.83 -16.51
C ALA A 383 -19.92 28.73 -15.96
N HIS A 384 -20.84 28.25 -16.79
CA HIS A 384 -22.25 28.13 -16.39
C HIS A 384 -22.42 27.13 -15.24
N ARG A 385 -21.85 25.95 -15.41
CA ARG A 385 -21.95 24.90 -14.39
C ARG A 385 -21.12 25.26 -13.16
N LEU A 386 -20.00 25.95 -13.39
CA LEU A 386 -19.15 26.40 -12.29
C LEU A 386 -19.87 27.48 -11.49
N SER A 387 -20.70 28.25 -12.17
CA SER A 387 -21.51 29.28 -11.52
C SER A 387 -22.54 28.64 -10.58
N GLN A 388 -22.96 27.43 -10.93
CA GLN A 388 -23.96 26.71 -10.14
C GLN A 388 -23.30 25.83 -9.08
N GLU A 389 -22.15 25.26 -9.42
CA GLU A 389 -21.45 24.34 -8.51
C GLU A 389 -20.85 25.07 -7.31
N LEU A 390 -20.25 26.23 -7.56
CA LEU A 390 -19.58 26.98 -6.51
C LEU A 390 -20.44 28.15 -6.00
N ALA A 391 -21.59 28.34 -6.64
CA ALA A 391 -22.63 29.30 -6.23
C ALA A 391 -22.27 30.78 -6.43
N ILE A 392 -21.12 31.06 -7.04
CA ILE A 392 -20.79 32.44 -7.43
C ILE A 392 -21.52 32.75 -8.74
N PRO A 393 -21.93 34.02 -8.94
CA PRO A 393 -22.47 34.33 -10.27
C PRO A 393 -21.45 34.24 -11.39
N TYR A 394 -21.94 34.38 -12.62
CA TYR A 394 -21.11 34.33 -13.82
C TYR A 394 -20.14 35.50 -13.89
N ILE A 401 -12.04 30.90 -14.02
CA ILE A 401 -11.70 30.12 -15.21
C ILE A 401 -10.56 30.77 -15.98
N GLU A 402 -10.77 32.03 -16.36
CA GLU A 402 -9.75 32.79 -17.08
C GLU A 402 -8.53 33.02 -16.18
N ARG A 403 -8.78 33.10 -14.88
CA ARG A 403 -7.70 33.24 -13.90
C ARG A 403 -6.83 31.99 -13.88
N TYR A 404 -7.45 30.84 -14.13
CA TYR A 404 -6.74 29.58 -14.16
C TYR A 404 -5.84 29.46 -15.39
N PHE A 405 -6.37 29.87 -16.55
CA PHE A 405 -5.65 29.74 -17.80
C PHE A 405 -4.47 30.70 -17.93
N GLN A 406 -4.48 31.76 -17.14
CA GLN A 406 -3.37 32.70 -17.15
C GLN A 406 -2.26 32.24 -16.20
N SER A 407 -2.63 31.39 -15.25
CA SER A 407 -1.65 30.76 -14.37
C SER A 407 -0.96 29.61 -15.09
N PHE A 408 -1.69 28.96 -15.98
CA PHE A 408 -1.13 27.89 -16.81
C PHE A 408 -1.46 28.14 -18.28
N PRO A 409 -0.70 29.04 -18.92
CA PRO A 409 -0.95 29.48 -20.30
C PRO A 409 -0.79 28.38 -21.35
N LYS A 410 0.18 27.48 -21.15
CA LYS A 410 0.42 26.41 -22.12
C LYS A 410 -0.74 25.43 -22.18
N VAL A 411 -1.48 25.30 -21.08
CA VAL A 411 -2.65 24.43 -21.04
C VAL A 411 -3.69 24.91 -22.05
N ARG A 412 -4.02 26.20 -21.98
CA ARG A 412 -4.91 26.82 -22.95
C ARG A 412 -4.32 26.72 -24.36
N ALA A 413 -3.01 26.92 -24.44
CA ALA A 413 -2.30 26.85 -25.71
C ALA A 413 -2.34 25.43 -26.28
N TRP A 414 -2.28 24.44 -25.41
CA TRP A 414 -2.32 23.04 -25.83
C TRP A 414 -3.69 22.65 -26.36
N ILE A 415 -4.75 23.15 -25.71
CA ILE A 415 -6.11 22.87 -26.14
C ILE A 415 -6.35 23.41 -27.54
N GLU A 416 -5.96 24.66 -27.77
CA GLU A 416 -6.10 25.30 -29.06
C GLU A 416 -5.23 24.60 -30.11
N LYS A 417 -4.05 24.15 -29.69
CA LYS A 417 -3.14 23.45 -30.57
C LYS A 417 -3.70 22.10 -31.00
N THR A 418 -4.34 21.41 -30.07
CA THR A 418 -4.92 20.10 -30.34
C THR A 418 -6.13 20.21 -31.27
N LEU A 419 -7.00 21.18 -31.01
CA LEU A 419 -8.19 21.38 -31.81
C LEU A 419 -7.84 21.80 -33.23
N GLU A 420 -6.82 22.64 -33.37
CA GLU A 420 -6.34 23.08 -34.68
C GLU A 420 -5.85 21.90 -35.51
N GLU A 421 -5.02 21.07 -34.91
CA GLU A 421 -4.47 19.91 -35.59
C GLU A 421 -5.58 18.88 -35.83
N GLY A 422 -6.60 18.93 -34.98
CA GLY A 422 -7.74 18.05 -35.11
C GLY A 422 -8.58 18.35 -36.34
N ARG A 423 -8.67 19.63 -36.70
CA ARG A 423 -9.45 20.04 -37.86
C ARG A 423 -8.73 19.68 -39.16
N ARG A 424 -7.41 19.83 -39.16
CA ARG A 424 -6.60 19.55 -40.35
C ARG A 424 -6.57 18.06 -40.69
N ARG A 425 -6.02 17.27 -39.77
CA ARG A 425 -5.85 15.84 -40.01
C ARG A 425 -7.16 15.06 -39.89
N GLY A 426 -8.06 15.57 -39.04
CA GLY A 426 -9.33 14.92 -38.83
C GLY A 426 -9.36 14.04 -37.58
N TYR A 427 -8.20 13.93 -36.93
CA TYR A 427 -8.10 13.10 -35.73
C TYR A 427 -7.18 13.72 -34.69
N VAL A 428 -7.35 13.31 -33.43
CA VAL A 428 -6.47 13.71 -32.36
C VAL A 428 -5.71 12.50 -31.84
N GLU A 429 -4.52 12.72 -31.27
CA GLU A 429 -3.66 11.62 -30.87
C GLU A 429 -3.36 11.61 -29.38
N THR A 430 -3.08 10.42 -28.85
CA THR A 430 -2.56 10.29 -27.49
C THR A 430 -1.04 10.38 -27.55
N LEU A 431 -0.40 10.25 -26.39
CA LEU A 431 1.06 10.34 -26.31
C LEU A 431 1.75 9.24 -27.13
N PHE A 432 1.16 8.05 -27.12
CA PHE A 432 1.75 6.91 -27.80
C PHE A 432 1.35 6.82 -29.27
N GLY A 433 0.30 7.57 -29.65
CA GLY A 433 -0.11 7.62 -31.04
C GLY A 433 -1.51 7.08 -31.31
N ARG A 434 -2.21 6.71 -30.25
CA ARG A 434 -3.59 6.25 -30.39
C ARG A 434 -4.46 7.41 -30.86
N ARG A 435 -5.18 7.21 -31.96
CA ARG A 435 -5.92 8.29 -32.59
C ARG A 435 -7.44 8.09 -32.54
N ARG A 436 -8.16 9.19 -32.34
CA ARG A 436 -9.62 9.19 -32.41
C ARG A 436 -10.08 10.22 -33.42
N TYR A 437 -10.93 9.80 -34.35
CA TYR A 437 -11.40 10.68 -35.41
C TYR A 437 -12.61 11.49 -34.96
N VAL A 438 -12.44 12.80 -34.89
CA VAL A 438 -13.51 13.71 -34.50
C VAL A 438 -13.98 14.51 -35.72
N PRO A 439 -15.09 14.08 -36.33
CA PRO A 439 -15.57 14.64 -37.60
C PRO A 439 -16.22 16.02 -37.48
N ASP A 440 -16.87 16.30 -36.36
CA ASP A 440 -17.65 17.53 -36.22
C ASP A 440 -16.85 18.69 -35.65
N LEU A 441 -15.54 18.71 -35.91
CA LEU A 441 -14.70 19.81 -35.46
C LEU A 441 -14.85 21.04 -36.36
N GLU A 442 -15.56 20.86 -37.47
CA GLU A 442 -15.79 21.97 -38.40
C GLU A 442 -17.26 22.08 -38.78
N ALA A 443 -18.14 21.57 -37.91
CA ALA A 443 -19.57 21.72 -38.11
C ALA A 443 -19.95 23.20 -38.04
N ARG A 444 -20.99 23.58 -38.77
CA ARG A 444 -21.39 24.98 -38.85
C ARG A 444 -22.33 25.35 -37.71
N VAL A 445 -22.79 24.33 -36.96
CA VAL A 445 -23.60 24.58 -35.77
C VAL A 445 -22.69 24.60 -34.54
N LYS A 446 -22.72 25.70 -33.80
CA LYS A 446 -21.79 25.92 -32.70
C LYS A 446 -21.91 24.87 -31.60
N SER A 447 -23.13 24.53 -31.22
CA SER A 447 -23.37 23.56 -30.16
C SER A 447 -22.79 22.19 -30.54
N VAL A 448 -22.95 21.82 -31.81
CA VAL A 448 -22.41 20.57 -32.31
C VAL A 448 -20.88 20.63 -32.39
N ARG A 449 -20.37 21.74 -32.92
CA ARG A 449 -18.94 21.94 -33.06
C ARG A 449 -18.21 21.94 -31.72
N GLU A 450 -18.75 22.71 -30.77
CA GLU A 450 -18.13 22.84 -29.45
C GLU A 450 -18.27 21.56 -28.64
N ALA A 451 -19.26 20.73 -28.98
CA ALA A 451 -19.42 19.44 -28.34
C ALA A 451 -18.32 18.49 -28.81
N ALA A 452 -18.08 18.49 -30.12
CA ALA A 452 -17.04 17.66 -30.71
C ALA A 452 -15.66 18.11 -30.24
N GLU A 453 -15.51 19.42 -30.03
CA GLU A 453 -14.26 19.97 -29.53
C GLU A 453 -13.93 19.40 -28.16
N ARG A 454 -14.92 19.39 -27.27
CA ARG A 454 -14.74 18.86 -25.92
C ARG A 454 -14.39 17.38 -25.95
N MET A 455 -14.92 16.66 -26.95
CA MET A 455 -14.55 15.26 -27.15
C MET A 455 -13.14 15.17 -27.69
N ALA A 456 -12.75 16.16 -28.48
CA ALA A 456 -11.48 16.14 -29.19
C ALA A 456 -10.27 16.31 -28.27
N PHE A 457 -10.28 17.34 -27.42
CA PHE A 457 -9.09 17.62 -26.62
C PHE A 457 -9.09 16.83 -25.30
N ASN A 458 -10.16 16.08 -25.04
CA ASN A 458 -10.20 15.23 -23.87
C ASN A 458 -9.56 13.88 -24.14
N MET A 459 -9.71 13.40 -25.37
CA MET A 459 -9.20 12.10 -25.77
C MET A 459 -7.68 11.92 -25.56
N PRO A 460 -6.86 12.92 -25.93
CA PRO A 460 -5.43 12.72 -25.66
C PRO A 460 -5.12 12.58 -24.16
N VAL A 461 -5.89 13.26 -23.33
CA VAL A 461 -5.69 13.19 -21.88
C VAL A 461 -6.19 11.87 -21.31
N GLN A 462 -7.42 11.50 -21.66
CA GLN A 462 -8.01 10.26 -21.18
C GLN A 462 -7.36 9.05 -21.85
N GLY A 463 -6.98 9.20 -23.11
CA GLY A 463 -6.36 8.13 -23.86
C GLY A 463 -4.96 7.79 -23.39
N THR A 464 -4.17 8.82 -23.11
CA THR A 464 -2.82 8.63 -22.60
C THR A 464 -2.85 7.93 -21.24
N ALA A 465 -3.76 8.39 -20.37
CA ALA A 465 -3.93 7.78 -19.06
C ALA A 465 -4.36 6.32 -19.21
N ALA A 466 -5.15 6.04 -20.25
CA ALA A 466 -5.57 4.68 -20.55
C ALA A 466 -4.39 3.87 -21.09
N ASP A 467 -3.58 4.50 -21.92
CA ASP A 467 -2.39 3.85 -22.47
C ASP A 467 -1.39 3.51 -21.37
N LEU A 468 -1.21 4.43 -20.44
CA LEU A 468 -0.29 4.22 -19.32
C LEU A 468 -0.76 3.08 -18.42
N MET A 469 -2.06 3.09 -18.09
CA MET A 469 -2.64 2.03 -17.26
C MET A 469 -2.55 0.67 -17.96
N LYS A 470 -2.85 0.64 -19.25
CA LYS A 470 -2.78 -0.58 -20.03
C LYS A 470 -1.37 -1.14 -20.07
N LEU A 471 -0.40 -0.27 -20.35
CA LEU A 471 1.00 -0.68 -20.43
C LEU A 471 1.51 -1.12 -19.06
N ALA A 472 1.00 -0.48 -18.01
CA ALA A 472 1.37 -0.85 -16.64
C ALA A 472 0.84 -2.24 -16.32
N MET A 473 -0.34 -2.57 -16.84
CA MET A 473 -0.92 -3.89 -16.64
C MET A 473 -0.11 -4.95 -17.37
N VAL A 474 0.41 -4.59 -18.54
CA VAL A 474 1.21 -5.51 -19.35
C VAL A 474 2.51 -5.88 -18.65
N LYS A 475 3.17 -4.87 -18.08
CA LYS A 475 4.47 -5.07 -17.43
C LYS A 475 4.33 -5.75 -16.06
N LEU A 476 3.24 -5.45 -15.36
CA LEU A 476 3.07 -5.90 -13.98
C LEU A 476 2.61 -7.35 -13.85
N PHE A 477 1.76 -7.80 -14.77
CA PHE A 477 1.12 -9.11 -14.65
C PHE A 477 2.09 -10.31 -14.53
N PRO A 478 3.11 -10.39 -15.40
CA PRO A 478 4.01 -11.55 -15.24
C PRO A 478 4.82 -11.48 -13.93
N ARG A 479 4.90 -10.31 -13.34
CA ARG A 479 5.57 -10.14 -12.05
C ARG A 479 4.69 -10.69 -10.94
N LEU A 480 3.38 -10.66 -11.16
CA LEU A 480 2.43 -11.16 -10.17
C LEU A 480 2.44 -12.69 -10.12
N GLU A 481 2.48 -13.31 -11.29
CA GLU A 481 2.52 -14.76 -11.40
C GLU A 481 3.77 -15.34 -10.74
N GLU A 482 4.89 -14.65 -10.92
CA GLU A 482 6.16 -15.09 -10.37
C GLU A 482 6.19 -14.92 -8.84
N MET A 483 5.23 -14.15 -8.32
CA MET A 483 5.13 -13.93 -6.88
C MET A 483 3.88 -14.60 -6.31
N GLY A 484 3.15 -15.31 -7.17
CA GLY A 484 1.95 -16.01 -6.75
C GLY A 484 0.79 -15.08 -6.44
N ALA A 485 0.81 -13.90 -7.04
CA ALA A 485 -0.27 -12.93 -6.85
C ALA A 485 -1.22 -12.93 -8.03
N ARG A 486 -2.34 -12.23 -7.89
CA ARG A 486 -3.36 -12.20 -8.93
C ARG A 486 -3.79 -10.78 -9.28
N MET A 487 -4.24 -10.59 -10.51
CA MET A 487 -4.85 -9.32 -10.92
C MET A 487 -6.35 -9.53 -11.08
N LEU A 488 -7.13 -8.79 -10.30
CA LEU A 488 -8.58 -9.00 -10.24
C LEU A 488 -9.37 -7.95 -11.02
N LEU A 489 -9.15 -6.68 -10.70
CA LEU A 489 -9.95 -5.62 -11.28
C LEU A 489 -9.13 -4.43 -11.76
N GLN A 490 -9.61 -3.80 -12.83
CA GLN A 490 -9.07 -2.53 -13.28
C GLN A 490 -10.19 -1.52 -13.39
N VAL A 491 -10.06 -0.40 -12.70
CA VAL A 491 -11.07 0.65 -12.77
C VAL A 491 -10.46 1.92 -13.36
N HIS A 492 -10.18 1.87 -14.66
CA HIS A 492 -9.68 3.00 -15.44
C HIS A 492 -8.32 3.49 -14.96
N ASP A 493 -8.27 4.11 -13.79
CA ASP A 493 -7.00 4.55 -13.22
C ASP A 493 -6.72 3.86 -11.89
N GLU A 494 -7.39 2.73 -11.68
CA GLU A 494 -7.23 1.96 -10.45
C GLU A 494 -6.94 0.48 -10.76
N LEU A 495 -6.20 -0.16 -9.86
CA LEU A 495 -5.96 -1.59 -9.96
C LEU A 495 -6.26 -2.29 -8.64
N VAL A 496 -6.88 -3.46 -8.73
CA VAL A 496 -7.15 -4.27 -7.55
C VAL A 496 -6.49 -5.64 -7.68
N LEU A 497 -5.47 -5.88 -6.86
CA LEU A 497 -4.73 -7.13 -6.91
C LEU A 497 -5.11 -8.06 -5.77
N GLU A 498 -4.68 -9.30 -5.86
CA GLU A 498 -4.91 -10.28 -4.80
C GLU A 498 -3.63 -11.06 -4.52
N ALA A 499 -3.11 -10.90 -3.31
CA ALA A 499 -1.86 -11.55 -2.92
C ALA A 499 -1.99 -12.19 -1.54
N PRO A 500 -1.32 -13.34 -1.34
CA PRO A 500 -1.27 -13.97 -0.02
C PRO A 500 -0.71 -13.01 1.02
N LYS A 501 -1.20 -13.09 2.26
CA LYS A 501 -0.80 -12.15 3.31
C LYS A 501 0.72 -12.02 3.40
N GLU A 502 1.44 -13.13 3.26
CA GLU A 502 2.90 -13.10 3.30
C GLU A 502 3.45 -12.17 2.22
N ARG A 503 3.13 -12.45 0.97
CA ARG A 503 3.65 -11.68 -0.16
C ARG A 503 2.87 -10.39 -0.40
N ALA A 504 1.83 -10.16 0.41
CA ALA A 504 0.91 -9.05 0.20
C ALA A 504 1.60 -7.69 0.16
N GLU A 505 2.52 -7.45 1.08
CA GLU A 505 3.19 -6.16 1.16
C GLU A 505 4.32 -6.03 0.12
N ALA A 506 4.91 -7.16 -0.24
CA ALA A 506 5.93 -7.18 -1.27
C ALA A 506 5.34 -6.90 -2.64
N VAL A 507 4.17 -7.50 -2.90
CA VAL A 507 3.45 -7.30 -4.15
C VAL A 507 3.04 -5.83 -4.29
N ALA A 508 2.51 -5.26 -3.21
CA ALA A 508 2.07 -3.87 -3.20
C ALA A 508 3.22 -2.91 -3.48
N ARG A 509 4.42 -3.29 -3.03
CA ARG A 509 5.60 -2.45 -3.22
C ARG A 509 6.12 -2.53 -4.65
N LEU A 510 6.09 -3.74 -5.22
CA LEU A 510 6.54 -3.92 -6.60
C LEU A 510 5.53 -3.32 -7.57
N ALA A 511 4.25 -3.58 -7.33
CA ALA A 511 3.18 -3.09 -8.18
C ALA A 511 3.16 -1.57 -8.24
N LYS A 512 3.34 -0.94 -7.07
CA LYS A 512 3.39 0.51 -6.99
C LYS A 512 4.50 1.07 -7.86
N GLU A 513 5.64 0.40 -7.87
CA GLU A 513 6.80 0.86 -8.63
C GLU A 513 6.67 0.59 -10.13
N VAL A 514 5.99 -0.49 -10.49
CA VAL A 514 5.76 -0.80 -11.90
C VAL A 514 4.80 0.22 -12.50
N MET A 515 3.81 0.63 -11.71
CA MET A 515 2.79 1.57 -12.17
C MET A 515 3.32 3.01 -12.24
N GLU A 516 4.14 3.40 -11.28
CA GLU A 516 4.66 4.77 -11.23
C GLU A 516 5.74 5.01 -12.29
N GLY A 517 6.42 3.95 -12.70
CA GLY A 517 7.50 4.07 -13.67
C GLY A 517 7.21 3.37 -14.98
N VAL A 518 5.94 3.23 -15.32
CA VAL A 518 5.54 2.57 -16.56
C VAL A 518 6.08 3.31 -17.77
N TYR A 519 6.05 4.65 -17.70
CA TYR A 519 6.59 5.48 -18.77
C TYR A 519 6.90 6.87 -18.19
N PRO A 520 8.17 7.12 -17.87
CA PRO A 520 8.64 8.37 -17.26
C PRO A 520 8.18 9.61 -18.01
N LEU A 521 7.52 10.51 -17.29
CA LEU A 521 7.00 11.75 -17.89
C LEU A 521 7.75 12.96 -17.37
N ALA A 522 7.34 14.14 -17.80
CA ALA A 522 7.93 15.40 -17.34
C ALA A 522 7.55 15.65 -15.89
N VAL A 523 6.53 14.95 -15.43
CA VAL A 523 6.13 14.97 -14.03
C VAL A 523 6.11 13.55 -13.48
N PRO A 524 6.34 13.39 -12.17
CA PRO A 524 6.30 12.04 -11.59
C PRO A 524 4.87 11.51 -11.48
N LEU A 525 4.70 10.21 -11.68
CA LEU A 525 3.39 9.58 -11.49
C LEU A 525 3.27 9.07 -10.05
N GLU A 526 2.29 9.58 -9.33
CA GLU A 526 2.06 9.16 -7.95
C GLU A 526 0.98 8.08 -7.88
N VAL A 527 1.18 7.11 -7.00
CA VAL A 527 0.20 6.06 -6.76
C VAL A 527 0.04 5.79 -5.27
N GLU A 528 -1.21 5.82 -4.81
CA GLU A 528 -1.52 5.42 -3.45
C GLU A 528 -1.86 3.94 -3.40
N VAL A 529 -1.37 3.26 -2.37
CA VAL A 529 -1.61 1.82 -2.23
C VAL A 529 -2.42 1.55 -0.96
N GLY A 530 -3.03 0.37 -0.90
CA GLY A 530 -3.82 -0.01 0.26
C GLY A 530 -4.06 -1.51 0.30
N ILE A 531 -3.90 -2.10 1.48
CA ILE A 531 -4.07 -3.54 1.64
C ILE A 531 -5.14 -3.84 2.68
N GLY A 532 -6.04 -4.77 2.34
CA GLY A 532 -7.12 -5.14 3.25
C GLY A 532 -7.73 -6.48 2.89
N GLU A 533 -8.70 -6.91 3.69
CA GLU A 533 -9.36 -8.19 3.47
C GLU A 533 -10.50 -8.05 2.47
N ASP A 534 -10.96 -6.82 2.28
CA ASP A 534 -12.01 -6.54 1.31
C ASP A 534 -11.69 -5.26 0.54
N TRP A 535 -12.54 -4.94 -0.43
CA TRP A 535 -12.32 -3.79 -1.30
C TRP A 535 -12.40 -2.47 -0.54
N LEU A 536 -13.34 -2.39 0.39
CA LEU A 536 -13.51 -1.18 1.20
C LEU A 536 -12.36 -1.00 2.18
N SER A 537 -11.93 -2.10 2.79
CA SER A 537 -10.84 -2.06 3.76
C SER A 537 -9.51 -1.70 3.09
N ALA A 538 -9.24 -2.30 1.94
CA ALA A 538 -8.00 -2.06 1.22
C ALA A 538 -7.90 -0.61 0.74
N LYS A 539 -8.95 -0.14 0.09
CA LYS A 539 -8.97 1.21 -0.45
C LYS A 539 -8.93 2.28 0.64
N 1W5 B 12 -17.53 9.08 -11.43
P 1W5 B 12 -15.01 5.70 -8.28
C1 1W5 B 12 -14.66 7.72 -13.32
C2 1W5 B 12 -14.89 8.25 -14.65
O2 1W5 B 12 -14.21 8.09 -15.61
N3 1W5 B 12 -16.04 9.05 -14.78
C4 1W5 B 12 -16.91 9.36 -13.80
N4 1W5 B 12 -17.93 10.15 -14.16
C5 1W5 B 12 -16.67 8.83 -12.54
C6 1W5 B 12 -15.52 8.00 -12.33
C1' 1W5 B 12 -13.45 6.88 -13.26
C2' 1W5 B 12 -12.20 7.58 -12.71
C3' 1W5 B 12 -12.13 7.08 -11.29
O3' 1W5 B 12 -10.80 7.12 -10.78
C4' 1W5 B 12 -12.67 5.67 -11.42
O4' 1W5 B 12 -13.72 5.78 -12.40
C5' 1W5 B 12 -13.24 5.09 -10.15
O5' 1W5 B 12 -14.21 6.00 -9.62
ON1 1W5 B 12 -18.33 9.99 -11.50
ON2 1W5 B 12 -17.42 8.38 -10.48
OP1 1W5 B 12 -14.12 5.09 -7.24
OP2 1W5 B 12 -15.73 6.98 -8.00
P 1WA C 2 -19.28 16.48 -22.48
N1 1WA C 2 -16.20 10.86 -17.08
C2 1WA C 2 -15.21 10.83 -17.95
N2 1WA C 2 -14.28 9.87 -17.82
N3 1WA C 2 -15.01 11.66 -19.00
C4 1WA C 2 -15.94 12.57 -19.10
N5 1WA C 2 -16.99 12.69 -18.27
C6 1WA C 2 -17.17 11.79 -17.17
O6 1WA C 2 -18.11 11.93 -16.47
C7 1WA C 2 -17.78 13.78 -18.67
C8 1WA C 2 -17.19 14.30 -19.75
N9 1WA C 2 -16.04 13.54 -20.02
C1' 1WA C 2 -15.06 13.70 -21.08
C2' 1WA C 2 -15.21 12.69 -22.19
C3' 1WA C 2 -16.18 13.39 -23.13
O3' 1WA C 2 -16.04 12.89 -24.46
C4' 1WA C 2 -15.76 14.84 -23.01
O4' 1WA C 2 -15.25 14.99 -21.66
C5' 1WA C 2 -16.82 15.88 -23.30
O5' 1WA C 2 -18.14 15.43 -22.90
OP1 1WA C 2 -19.31 17.60 -23.49
OP2 1WA C 2 -20.56 15.73 -22.17
N ALA D 5 23.12 -11.74 -60.19
CA ALA D 5 22.06 -10.79 -59.90
C ALA D 5 22.60 -9.36 -59.85
N PRO D 6 21.86 -8.41 -60.43
CA PRO D 6 22.28 -7.01 -60.50
C PRO D 6 21.69 -6.12 -59.40
N TRP D 7 22.29 -4.95 -59.22
CA TRP D 7 21.83 -3.96 -58.25
C TRP D 7 20.59 -3.25 -58.81
N PRO D 8 19.66 -2.84 -57.94
CA PRO D 8 19.62 -2.98 -56.48
C PRO D 8 18.87 -4.22 -55.99
N PRO D 9 19.20 -4.70 -54.78
CA PRO D 9 18.56 -5.87 -54.16
C PRO D 9 17.15 -5.57 -53.64
N PRO D 10 16.34 -6.62 -53.44
CA PRO D 10 14.99 -6.44 -52.88
C PRO D 10 15.03 -6.07 -51.39
N GLU D 11 13.87 -5.70 -50.85
CA GLU D 11 13.79 -5.28 -49.46
C GLU D 11 14.07 -6.46 -48.52
N GLY D 12 14.65 -6.16 -47.37
CA GLY D 12 14.94 -7.17 -46.37
C GLY D 12 16.14 -8.04 -46.72
N ALA D 13 16.89 -7.62 -47.74
CA ALA D 13 18.09 -8.34 -48.14
C ALA D 13 19.18 -8.20 -47.09
N PHE D 14 20.10 -9.17 -47.05
CA PHE D 14 21.20 -9.12 -46.10
C PHE D 14 22.44 -8.49 -46.71
N VAL D 15 22.95 -7.46 -46.04
CA VAL D 15 24.05 -6.67 -46.57
C VAL D 15 25.42 -7.28 -46.22
N GLY D 16 26.37 -7.13 -47.13
CA GLY D 16 27.75 -7.50 -46.88
C GLY D 16 28.66 -6.39 -47.35
N PHE D 17 29.59 -5.98 -46.50
CA PHE D 17 30.45 -4.83 -46.80
C PHE D 17 31.89 -5.04 -46.36
N VAL D 18 32.79 -4.30 -46.99
CA VAL D 18 34.22 -4.38 -46.67
C VAL D 18 34.75 -2.98 -46.34
N LEU D 19 35.54 -2.90 -45.28
CA LEU D 19 36.10 -1.61 -44.85
C LEU D 19 37.63 -1.60 -44.98
N SER D 20 38.19 -0.39 -45.11
CA SER D 20 39.63 -0.23 -45.21
C SER D 20 40.31 -0.47 -43.86
N ARG D 21 39.55 -0.27 -42.79
CA ARG D 21 40.03 -0.52 -41.44
C ARG D 21 38.86 -0.90 -40.54
N LYS D 22 39.16 -1.31 -39.31
CA LYS D 22 38.11 -1.79 -38.41
C LYS D 22 37.24 -0.67 -37.86
N GLU D 23 37.82 0.52 -37.69
CA GLU D 23 37.07 1.66 -37.18
C GLU D 23 36.17 2.25 -38.27
N PRO D 24 34.84 2.13 -38.08
CA PRO D 24 33.87 2.58 -39.09
C PRO D 24 33.88 4.09 -39.30
N MET D 25 34.28 4.84 -38.26
CA MET D 25 34.35 6.29 -38.36
C MET D 25 35.57 6.76 -39.13
N TRP D 26 36.50 5.85 -39.39
CA TRP D 26 37.73 6.19 -40.10
C TRP D 26 37.90 5.36 -41.37
N ALA D 27 37.02 4.39 -41.58
CA ALA D 27 37.16 3.44 -42.67
C ALA D 27 36.68 3.99 -44.01
N ASP D 28 37.26 3.49 -45.09
CA ASP D 28 36.81 3.79 -46.44
C ASP D 28 35.99 2.61 -46.96
N LEU D 29 34.75 2.89 -47.34
CA LEU D 29 33.85 1.85 -47.83
C LEU D 29 34.33 1.32 -49.19
N LEU D 30 35.11 0.24 -49.16
CA LEU D 30 35.71 -0.30 -50.36
C LEU D 30 34.71 -1.07 -51.21
N ALA D 31 33.90 -1.90 -50.58
CA ALA D 31 32.94 -2.73 -51.30
C ALA D 31 31.62 -2.87 -50.56
N LEU D 32 30.53 -2.99 -51.31
CA LEU D 32 29.20 -3.18 -50.73
C LEU D 32 28.39 -4.15 -51.58
N ALA D 33 27.67 -5.05 -50.91
CA ALA D 33 26.85 -6.02 -51.61
C ALA D 33 25.62 -6.39 -50.77
N ALA D 34 24.77 -7.24 -51.33
CA ALA D 34 23.58 -7.70 -50.62
C ALA D 34 23.12 -9.06 -51.15
N ALA D 35 22.57 -9.87 -50.26
CA ALA D 35 22.10 -11.20 -50.63
C ALA D 35 20.69 -11.46 -50.13
N ARG D 36 19.91 -12.15 -50.96
CA ARG D 36 18.55 -12.56 -50.61
C ARG D 36 18.15 -13.71 -51.51
N GLY D 37 17.72 -14.82 -50.91
CA GLY D 37 17.36 -16.00 -51.66
C GLY D 37 18.57 -16.68 -52.30
N GLY D 38 19.75 -16.38 -51.78
CA GLY D 38 20.98 -16.97 -52.28
C GLY D 38 21.51 -16.26 -53.51
N ARG D 39 20.97 -15.08 -53.79
CA ARG D 39 21.38 -14.30 -54.96
C ARG D 39 22.11 -13.03 -54.52
N VAL D 40 23.36 -12.91 -54.94
CA VAL D 40 24.20 -11.78 -54.52
C VAL D 40 24.08 -10.58 -55.46
N HIS D 41 23.73 -9.43 -54.89
CA HIS D 41 23.70 -8.18 -55.63
C HIS D 41 24.89 -7.31 -55.27
N ARG D 42 25.84 -7.17 -56.19
CA ARG D 42 27.04 -6.39 -55.93
C ARG D 42 26.92 -4.95 -56.44
N ALA D 43 27.37 -4.02 -55.63
CA ALA D 43 27.27 -2.59 -55.95
C ALA D 43 28.51 -2.11 -56.69
N PRO D 44 28.30 -1.42 -57.83
CA PRO D 44 29.39 -0.84 -58.61
C PRO D 44 30.07 0.31 -57.88
N GLU D 45 29.26 1.18 -57.28
CA GLU D 45 29.79 2.28 -56.47
C GLU D 45 29.19 2.18 -55.07
N PRO D 46 30.04 1.89 -54.07
CA PRO D 46 29.63 1.63 -52.68
C PRO D 46 28.88 2.80 -52.03
N TYR D 47 29.47 3.99 -52.05
CA TYR D 47 28.95 5.12 -51.30
C TYR D 47 27.55 5.59 -51.74
N LYS D 48 27.26 5.49 -53.03
CA LYS D 48 25.96 5.90 -53.53
C LYS D 48 24.94 4.79 -53.30
N ALA D 49 25.38 3.54 -53.46
CA ALA D 49 24.51 2.39 -53.26
C ALA D 49 24.06 2.27 -51.81
N LEU D 50 24.74 3.01 -50.92
CA LEU D 50 24.37 3.07 -49.52
C LEU D 50 23.00 3.72 -49.37
N ARG D 51 22.66 4.61 -50.30
CA ARG D 51 21.37 5.28 -50.30
C ARG D 51 20.24 4.32 -50.68
N ASP D 52 20.60 3.24 -51.37
CA ASP D 52 19.60 2.29 -51.87
C ASP D 52 19.15 1.32 -50.79
N LEU D 53 19.87 1.31 -49.67
CA LEU D 53 19.52 0.44 -48.54
C LEU D 53 18.57 1.16 -47.59
N LYS D 54 17.57 0.43 -47.10
CA LYS D 54 16.61 0.98 -46.15
C LYS D 54 17.02 0.65 -44.71
N GLU D 55 17.84 -0.39 -44.58
CA GLU D 55 18.22 -0.90 -43.26
C GLU D 55 19.47 -1.76 -43.33
N ALA D 56 20.42 -1.49 -42.44
CA ALA D 56 21.62 -2.32 -42.35
C ALA D 56 21.26 -3.66 -41.70
N ARG D 57 21.32 -4.73 -42.50
CA ARG D 57 20.87 -6.04 -42.04
C ARG D 57 21.89 -7.12 -42.38
N GLY D 58 22.61 -7.59 -41.37
CA GLY D 58 23.63 -8.61 -41.57
C GLY D 58 24.74 -8.55 -40.55
N LEU D 59 25.83 -9.25 -40.84
CA LEU D 59 26.98 -9.30 -39.94
C LEU D 59 27.59 -7.91 -39.73
N LEU D 60 27.83 -7.57 -38.46
CA LEU D 60 28.40 -6.28 -38.08
C LEU D 60 27.59 -5.11 -38.66
N ALA D 61 26.26 -5.23 -38.56
CA ALA D 61 25.36 -4.22 -39.11
C ALA D 61 25.56 -2.85 -38.48
N LYS D 62 25.92 -2.85 -37.19
CA LYS D 62 26.14 -1.60 -36.46
C LYS D 62 27.27 -0.78 -37.07
N ASP D 63 28.36 -1.45 -37.45
CA ASP D 63 29.52 -0.79 -38.03
C ASP D 63 29.17 -0.06 -39.32
N LEU D 64 28.37 -0.69 -40.17
CA LEU D 64 27.96 -0.08 -41.43
C LEU D 64 27.06 1.13 -41.18
N SER D 65 26.25 1.05 -40.14
CA SER D 65 25.33 2.13 -39.79
C SER D 65 26.10 3.36 -39.32
N VAL D 66 27.20 3.13 -38.60
CA VAL D 66 28.04 4.22 -38.11
C VAL D 66 28.66 4.98 -39.28
N LEU D 67 29.13 4.24 -40.28
CA LEU D 67 29.69 4.85 -41.48
C LEU D 67 28.59 5.54 -42.27
N ALA D 68 27.39 4.97 -42.23
CA ALA D 68 26.24 5.55 -42.93
C ALA D 68 25.85 6.88 -42.31
N LEU D 69 25.88 6.95 -40.98
CA LEU D 69 25.60 8.18 -40.26
C LEU D 69 26.70 9.20 -40.50
N ARG D 70 27.92 8.71 -40.75
CA ARG D 70 29.06 9.56 -41.04
C ARG D 70 28.87 10.25 -42.39
N GLU D 71 28.17 9.58 -43.31
CA GLU D 71 27.93 10.13 -44.63
C GLU D 71 26.56 10.81 -44.70
N GLY D 72 26.02 11.15 -43.55
CA GLY D 72 24.74 11.85 -43.46
C GLY D 72 23.57 11.03 -43.94
N LEU D 73 23.61 9.73 -43.68
CA LEU D 73 22.53 8.83 -44.11
C LEU D 73 21.87 8.14 -42.91
N GLY D 74 20.54 8.14 -42.92
CA GLY D 74 19.79 7.43 -41.90
C GLY D 74 19.61 5.98 -42.26
N LEU D 75 20.55 5.15 -41.79
CA LEU D 75 20.52 3.72 -42.10
C LEU D 75 20.61 2.89 -40.82
N PRO D 76 19.45 2.64 -40.19
CA PRO D 76 19.39 1.90 -38.92
C PRO D 76 19.82 0.44 -39.10
N PRO D 77 20.60 -0.08 -38.14
CA PRO D 77 21.01 -1.49 -38.18
C PRO D 77 19.89 -2.41 -37.69
N GLY D 78 19.59 -3.44 -38.46
CA GLY D 78 18.54 -4.37 -38.11
C GLY D 78 19.09 -5.70 -37.60
N ASP D 79 18.72 -6.77 -38.29
CA ASP D 79 19.15 -8.11 -37.90
C ASP D 79 20.66 -8.30 -38.05
N ASP D 80 21.27 -8.90 -37.03
CA ASP D 80 22.69 -9.22 -37.06
C ASP D 80 22.88 -10.61 -36.47
N PRO D 81 23.32 -11.57 -37.31
CA PRO D 81 23.58 -12.95 -36.88
C PRO D 81 24.53 -13.02 -35.69
N MET D 82 25.46 -12.07 -35.61
CA MET D 82 26.40 -12.00 -34.50
C MET D 82 25.69 -11.83 -33.16
N LEU D 83 24.58 -11.10 -33.17
CA LEU D 83 23.79 -10.88 -31.97
C LEU D 83 23.07 -12.17 -31.56
N LEU D 84 22.69 -12.98 -32.54
CA LEU D 84 22.04 -14.25 -32.29
C LEU D 84 23.00 -15.24 -31.66
N ALA D 85 24.21 -15.35 -32.23
CA ALA D 85 25.22 -16.27 -31.74
C ALA D 85 25.71 -15.90 -30.36
N TYR D 86 25.78 -14.59 -30.10
CA TYR D 86 26.25 -14.08 -28.81
C TYR D 86 25.28 -14.45 -27.70
N LEU D 87 23.99 -14.40 -28.00
CA LEU D 87 22.96 -14.79 -27.04
C LEU D 87 22.97 -16.30 -26.83
N LEU D 88 23.16 -17.04 -27.91
CA LEU D 88 23.30 -18.49 -27.84
C LEU D 88 24.50 -18.87 -26.98
N ASP D 89 25.63 -18.23 -27.25
CA ASP D 89 26.86 -18.46 -26.52
C ASP D 89 27.72 -17.22 -26.56
N PRO D 90 27.96 -16.58 -25.40
CA PRO D 90 28.73 -15.35 -25.30
C PRO D 90 30.19 -15.52 -25.74
N SER D 91 30.62 -16.76 -25.97
CA SER D 91 31.96 -17.01 -26.48
C SER D 91 32.01 -16.74 -27.98
N ASN D 92 30.84 -16.62 -28.60
CA ASN D 92 30.75 -16.20 -30.00
C ASN D 92 30.94 -14.70 -30.10
N THR D 93 32.16 -14.27 -30.41
CA THR D 93 32.52 -12.87 -30.37
C THR D 93 32.85 -12.29 -31.74
N THR D 94 33.40 -13.13 -32.62
CA THR D 94 33.85 -12.67 -33.92
C THR D 94 33.14 -13.39 -35.06
N PRO D 95 32.92 -12.70 -36.19
CA PRO D 95 32.32 -13.31 -37.38
C PRO D 95 33.08 -14.53 -37.86
N GLU D 96 34.40 -14.49 -37.76
CA GLU D 96 35.23 -15.64 -38.13
C GLU D 96 34.92 -16.86 -37.27
N GLY D 97 34.89 -16.65 -35.96
CA GLY D 97 34.61 -17.73 -35.02
C GLY D 97 33.22 -18.31 -35.18
N VAL D 98 32.25 -17.43 -35.42
CA VAL D 98 30.86 -17.86 -35.62
C VAL D 98 30.71 -18.64 -36.92
N ALA D 99 31.40 -18.17 -37.96
CA ALA D 99 31.35 -18.83 -39.26
C ALA D 99 32.01 -20.20 -39.23
N ARG D 100 33.08 -20.33 -38.46
CA ARG D 100 33.81 -21.59 -38.41
C ARG D 100 33.13 -22.59 -37.48
N ARG D 101 32.18 -22.12 -36.68
CA ARG D 101 31.46 -22.99 -35.76
C ARG D 101 30.14 -23.49 -36.35
N TYR D 102 29.34 -22.58 -36.89
CA TYR D 102 28.01 -22.93 -37.37
C TYR D 102 27.96 -23.09 -38.88
N GLY D 103 29.13 -23.17 -39.51
CA GLY D 103 29.21 -23.39 -40.94
C GLY D 103 29.40 -22.12 -41.74
N GLY D 104 30.18 -22.21 -42.81
CA GLY D 104 30.45 -21.06 -43.65
C GLY D 104 31.89 -20.60 -43.54
N GLU D 105 32.17 -19.41 -44.08
CA GLU D 105 33.52 -18.86 -44.03
C GLU D 105 33.49 -17.33 -44.08
N TRP D 106 34.24 -16.71 -43.17
CA TRP D 106 34.34 -15.25 -43.14
C TRP D 106 35.44 -14.78 -44.08
N THR D 107 35.03 -14.25 -45.24
CA THR D 107 35.97 -13.82 -46.27
C THR D 107 36.16 -12.32 -46.26
N GLU D 108 36.88 -11.82 -47.26
CA GLU D 108 37.14 -10.38 -47.38
C GLU D 108 36.38 -9.78 -48.56
N GLU D 109 35.44 -10.54 -49.10
CA GLU D 109 34.65 -10.08 -50.25
C GLU D 109 33.22 -9.79 -49.82
N ALA D 110 32.71 -8.64 -50.26
CA ALA D 110 31.40 -8.14 -49.81
C ALA D 110 30.25 -9.07 -50.19
N GLY D 111 30.31 -9.63 -51.40
CA GLY D 111 29.26 -10.51 -51.86
C GLY D 111 29.17 -11.79 -51.05
N GLU D 112 30.32 -12.38 -50.75
CA GLU D 112 30.36 -13.60 -49.96
C GLU D 112 29.94 -13.32 -48.52
N ARG D 113 30.28 -12.15 -48.01
CA ARG D 113 29.88 -11.75 -46.66
C ARG D 113 28.37 -11.60 -46.56
N ALA D 114 27.77 -11.04 -47.60
CA ALA D 114 26.32 -10.87 -47.66
C ALA D 114 25.62 -12.23 -47.70
N ALA D 115 26.15 -13.13 -48.53
CA ALA D 115 25.60 -14.48 -48.63
C ALA D 115 25.77 -15.22 -47.31
N LEU D 116 26.85 -14.94 -46.60
CA LEU D 116 27.10 -15.55 -45.30
C LEU D 116 26.11 -15.05 -44.26
N SER D 117 25.78 -13.75 -44.36
CA SER D 117 24.86 -13.12 -43.41
C SER D 117 23.47 -13.75 -43.49
N GLU D 118 23.01 -14.03 -44.69
CA GLU D 118 21.69 -14.63 -44.90
C GLU D 118 21.64 -16.05 -44.34
N ARG D 119 22.69 -16.83 -44.63
CA ARG D 119 22.73 -18.22 -44.23
C ARG D 119 23.00 -18.38 -42.74
N LEU D 120 23.79 -17.49 -42.17
CA LEU D 120 24.08 -17.52 -40.74
C LEU D 120 22.85 -17.12 -39.93
N PHE D 121 22.10 -16.14 -40.43
CA PHE D 121 20.90 -15.70 -39.75
C PHE D 121 19.85 -16.80 -39.73
N ALA D 122 19.65 -17.44 -40.88
CA ALA D 122 18.69 -18.53 -41.00
C ALA D 122 19.10 -19.70 -40.10
N ASN D 123 20.39 -19.97 -40.04
CA ASN D 123 20.93 -21.04 -39.21
C ASN D 123 20.67 -20.77 -37.73
N LEU D 124 21.14 -19.62 -37.26
CA LEU D 124 21.09 -19.28 -35.85
C LEU D 124 19.67 -18.98 -35.36
N TRP D 125 18.81 -18.52 -36.27
CA TRP D 125 17.42 -18.26 -35.91
C TRP D 125 16.70 -19.57 -35.60
N GLY D 126 17.05 -20.61 -36.34
CA GLY D 126 16.46 -21.92 -36.13
C GLY D 126 16.91 -22.55 -34.83
N ARG D 127 18.12 -22.22 -34.41
CA ARG D 127 18.65 -22.72 -33.14
C ARG D 127 18.01 -21.99 -31.97
N LEU D 128 17.53 -20.78 -32.21
CA LEU D 128 16.87 -19.99 -31.18
C LEU D 128 15.38 -20.29 -31.11
N GLU D 129 14.91 -21.18 -31.99
CA GLU D 129 13.53 -21.59 -32.00
C GLU D 129 13.16 -22.29 -30.69
N GLY D 130 12.28 -21.68 -29.91
CA GLY D 130 11.88 -22.23 -28.64
C GLY D 130 12.44 -21.43 -27.48
N GLU D 131 13.67 -20.97 -27.62
CA GLU D 131 14.32 -20.15 -26.60
C GLU D 131 13.68 -18.77 -26.54
N GLU D 132 12.54 -18.67 -25.87
CA GLU D 132 11.75 -17.43 -25.86
C GLU D 132 12.41 -16.33 -25.04
N ARG D 133 13.24 -16.72 -24.08
CA ARG D 133 13.92 -15.74 -23.24
C ARG D 133 15.09 -15.08 -23.97
N LEU D 134 15.80 -15.88 -24.76
CA LEU D 134 16.90 -15.35 -25.57
C LEU D 134 16.34 -14.49 -26.70
N LEU D 135 15.16 -14.86 -27.19
CA LEU D 135 14.49 -14.10 -28.24
C LEU D 135 13.99 -12.76 -27.70
N TRP D 136 13.60 -12.74 -26.43
CA TRP D 136 13.16 -11.50 -25.81
C TRP D 136 14.33 -10.55 -25.65
N LEU D 137 15.49 -11.11 -25.36
CA LEU D 137 16.72 -10.32 -25.26
C LEU D 137 17.09 -9.74 -26.60
N TYR D 138 16.89 -10.53 -27.66
CA TYR D 138 17.22 -10.08 -29.01
C TYR D 138 16.30 -8.96 -29.48
N ARG D 139 15.00 -9.16 -29.34
CA ARG D 139 14.02 -8.18 -29.81
C ARG D 139 13.98 -6.92 -28.96
N GLU D 140 14.06 -7.07 -27.64
CA GLU D 140 13.81 -5.95 -26.74
C GLU D 140 15.08 -5.29 -26.20
N VAL D 141 16.22 -5.96 -26.34
CA VAL D 141 17.47 -5.40 -25.82
C VAL D 141 18.56 -5.26 -26.88
N GLU D 142 19.10 -6.40 -27.34
CA GLU D 142 20.30 -6.40 -28.17
C GLU D 142 20.13 -5.70 -29.52
N ARG D 143 19.17 -6.17 -30.33
CA ARG D 143 18.96 -5.58 -31.65
C ARG D 143 18.61 -4.09 -31.60
N PRO D 144 17.69 -3.67 -30.71
CA PRO D 144 17.45 -2.22 -30.65
C PRO D 144 18.64 -1.44 -30.08
N LEU D 145 19.48 -2.10 -29.29
CA LEU D 145 20.66 -1.44 -28.73
C LEU D 145 21.67 -1.12 -29.82
N SER D 146 21.76 -2.00 -30.81
CA SER D 146 22.67 -1.81 -31.94
C SER D 146 22.34 -0.51 -32.67
N ALA D 147 21.06 -0.19 -32.75
CA ALA D 147 20.62 1.07 -33.33
C ALA D 147 21.06 2.24 -32.45
N VAL D 148 20.93 2.05 -31.14
CA VAL D 148 21.34 3.06 -30.18
C VAL D 148 22.84 3.30 -30.23
N LEU D 149 23.62 2.22 -30.19
CA LEU D 149 25.07 2.29 -30.19
C LEU D 149 25.62 2.91 -31.47
N ALA D 150 24.92 2.68 -32.58
CA ALA D 150 25.34 3.22 -33.88
C ALA D 150 25.31 4.74 -33.86
N HIS D 151 24.28 5.30 -33.24
CA HIS D 151 24.18 6.76 -33.11
C HIS D 151 25.21 7.29 -32.14
N VAL D 152 25.48 6.52 -31.08
CA VAL D 152 26.45 6.90 -30.07
C VAL D 152 27.84 7.05 -30.66
N GLU D 153 28.28 6.05 -31.43
CA GLU D 153 29.60 6.05 -32.04
C GLU D 153 29.76 7.19 -33.04
N ALA D 154 28.72 7.43 -33.83
CA ALA D 154 28.75 8.48 -34.85
C ALA D 154 28.72 9.88 -34.23
N THR D 155 28.22 9.97 -33.01
CA THR D 155 28.15 11.24 -32.31
C THR D 155 29.52 11.68 -31.81
N GLY D 156 30.20 10.77 -31.14
CA GLY D 156 31.53 11.06 -30.61
C GLY D 156 31.50 11.99 -29.42
N VAL D 157 32.67 12.38 -28.95
CA VAL D 157 32.78 13.28 -27.80
C VAL D 157 33.87 14.33 -28.04
N ARG D 158 33.61 15.55 -27.58
CA ARG D 158 34.54 16.66 -27.76
C ARG D 158 35.72 16.56 -26.78
N LEU D 159 36.91 16.90 -27.24
CA LEU D 159 38.11 16.78 -26.42
C LEU D 159 38.93 18.06 -26.44
N ASP D 160 39.23 18.58 -25.26
CA ASP D 160 40.05 19.77 -25.12
C ASP D 160 41.51 19.44 -25.48
N VAL D 161 41.80 19.47 -26.78
CA VAL D 161 43.11 19.10 -27.28
C VAL D 161 44.22 19.98 -26.72
N ALA D 162 44.01 21.29 -26.76
CA ALA D 162 45.00 22.26 -26.30
C ALA D 162 45.38 22.04 -24.83
N TYR D 163 44.41 21.60 -24.04
CA TYR D 163 44.66 21.32 -22.62
C TYR D 163 45.56 20.11 -22.43
N LEU D 164 45.42 19.12 -23.31
CA LEU D 164 46.23 17.91 -23.24
C LEU D 164 47.66 18.17 -23.74
N ARG D 165 47.78 18.99 -24.78
CA ARG D 165 49.09 19.37 -25.30
C ARG D 165 49.91 20.05 -24.22
N ALA D 166 49.25 20.92 -23.45
CA ALA D 166 49.90 21.61 -22.34
C ALA D 166 50.21 20.64 -21.21
N LEU D 167 49.27 19.73 -20.95
CA LEU D 167 49.43 18.73 -19.89
C LEU D 167 50.58 17.78 -20.21
N SER D 168 50.75 17.48 -21.50
CA SER D 168 51.80 16.57 -21.95
C SER D 168 53.19 17.10 -21.62
N LEU D 169 53.42 18.38 -21.93
CA LEU D 169 54.72 19.01 -21.67
C LEU D 169 55.03 19.06 -20.18
N GLU D 170 53.99 19.22 -19.36
CA GLU D 170 54.15 19.26 -17.92
C GLU D 170 54.57 17.90 -17.37
N VAL D 171 53.98 16.85 -17.92
CA VAL D 171 54.30 15.49 -17.50
C VAL D 171 55.67 15.06 -17.99
N ALA D 172 55.97 15.40 -19.24
CA ALA D 172 57.24 15.02 -19.85
C ALA D 172 58.44 15.54 -19.07
N GLU D 173 58.30 16.72 -18.47
CA GLU D 173 59.37 17.30 -17.66
C GLU D 173 59.56 16.51 -16.37
N GLU D 174 58.44 16.17 -15.73
CA GLU D 174 58.49 15.44 -14.47
C GLU D 174 59.00 14.02 -14.66
N ILE D 175 58.72 13.44 -15.83
CA ILE D 175 59.20 12.11 -16.18
C ILE D 175 60.73 12.07 -16.22
N ALA D 176 61.31 13.03 -16.92
CA ALA D 176 62.76 13.10 -17.07
C ALA D 176 63.45 13.37 -15.74
N ARG D 177 62.80 14.16 -14.87
CA ARG D 177 63.33 14.43 -13.55
C ARG D 177 63.36 13.16 -12.71
N LEU D 178 62.26 12.42 -12.74
CA LEU D 178 62.17 11.15 -12.02
C LEU D 178 63.20 10.15 -12.54
N GLU D 179 63.36 10.11 -13.85
CA GLU D 179 64.30 9.17 -14.48
C GLU D 179 65.72 9.40 -14.00
N ALA D 180 66.15 10.65 -13.99
CA ALA D 180 67.49 11.00 -13.54
C ALA D 180 67.65 10.72 -12.04
N GLU D 181 66.54 10.85 -11.31
CA GLU D 181 66.55 10.56 -9.88
C GLU D 181 66.60 9.06 -9.63
N VAL D 182 66.06 8.29 -10.58
CA VAL D 182 66.14 6.83 -10.52
C VAL D 182 67.53 6.38 -10.93
N PHE D 183 68.08 7.02 -11.96
CA PHE D 183 69.43 6.74 -12.44
C PHE D 183 70.46 6.97 -11.34
N ARG D 184 70.32 8.10 -10.64
CA ARG D 184 71.23 8.46 -9.55
C ARG D 184 71.19 7.43 -8.43
N LEU D 185 69.98 7.00 -8.08
CA LEU D 185 69.80 6.01 -7.02
C LEU D 185 70.25 4.63 -7.47
N ALA D 186 70.20 4.38 -8.77
CA ALA D 186 70.66 3.12 -9.33
C ALA D 186 72.18 3.12 -9.48
N GLY D 187 72.74 4.30 -9.72
CA GLY D 187 74.17 4.43 -9.94
C GLY D 187 74.51 4.38 -11.42
N HIS D 188 73.50 4.08 -12.23
CA HIS D 188 73.68 3.95 -13.67
C HIS D 188 72.34 4.06 -14.40
N PRO D 189 72.36 4.45 -15.68
CA PRO D 189 71.14 4.55 -16.49
C PRO D 189 70.68 3.22 -17.09
N PHE D 190 69.40 3.16 -17.45
CA PHE D 190 68.79 2.02 -18.12
C PHE D 190 67.39 2.39 -18.58
N ASN D 191 66.80 1.56 -19.44
CA ASN D 191 65.43 1.81 -19.90
C ASN D 191 64.44 1.49 -18.80
N LEU D 192 63.88 2.53 -18.19
CA LEU D 192 62.98 2.38 -17.06
C LEU D 192 61.64 1.76 -17.49
N ASN D 193 61.33 1.87 -18.77
CA ASN D 193 60.12 1.29 -19.32
C ASN D 193 60.28 -0.22 -19.58
N SER D 194 61.52 -0.67 -19.66
CA SER D 194 61.83 -2.09 -19.84
C SER D 194 61.81 -2.82 -18.50
N ARG D 195 60.93 -3.80 -18.36
CA ARG D 195 60.75 -4.48 -17.08
CA ARG D 195 60.75 -4.48 -17.08
C ARG D 195 61.86 -5.51 -16.82
N ASP D 196 62.51 -5.99 -17.87
CA ASP D 196 63.61 -6.94 -17.68
C ASP D 196 64.87 -6.24 -17.18
N GLN D 197 65.13 -5.03 -17.68
CA GLN D 197 66.28 -4.28 -17.21
C GLN D 197 66.05 -3.75 -15.79
N LEU D 198 64.81 -3.40 -15.49
CA LEU D 198 64.46 -2.92 -14.15
C LEU D 198 64.61 -4.02 -13.11
N GLU D 199 64.36 -5.26 -13.53
CA GLU D 199 64.45 -6.41 -12.63
C GLU D 199 65.86 -6.60 -12.08
N ARG D 200 66.84 -6.58 -12.98
CA ARG D 200 68.23 -6.81 -12.60
C ARG D 200 68.78 -5.72 -11.69
N VAL D 201 68.21 -4.51 -11.80
CA VAL D 201 68.65 -3.40 -10.98
C VAL D 201 68.18 -3.56 -9.53
N LEU D 202 66.88 -3.76 -9.35
CA LEU D 202 66.29 -3.84 -8.02
C LEU D 202 66.73 -5.08 -7.24
N PHE D 203 66.57 -6.25 -7.84
CA PHE D 203 66.70 -7.51 -7.12
C PHE D 203 68.11 -8.09 -7.12
N ASP D 204 68.95 -7.66 -8.07
CA ASP D 204 70.32 -8.15 -8.13
C ASP D 204 71.32 -7.09 -7.67
N GLU D 205 71.31 -5.94 -8.33
CA GLU D 205 72.25 -4.87 -8.01
C GLU D 205 71.94 -4.21 -6.66
N LEU D 206 70.74 -3.67 -6.53
CA LEU D 206 70.33 -3.01 -5.30
C LEU D 206 70.04 -4.03 -4.20
N GLY D 207 69.90 -5.30 -4.59
CA GLY D 207 69.71 -6.38 -3.64
C GLY D 207 68.41 -6.33 -2.88
N LEU D 208 67.35 -5.84 -3.52
CA LEU D 208 66.03 -5.80 -2.91
C LEU D 208 65.37 -7.17 -3.01
N PRO D 209 64.56 -7.54 -2.00
CA PRO D 209 63.91 -8.85 -1.98
C PRO D 209 62.84 -9.00 -3.05
N ALA D 210 62.97 -10.04 -3.89
CA ALA D 210 61.97 -10.35 -4.90
C ALA D 210 60.88 -11.21 -4.30
N ILE D 211 59.68 -10.65 -4.18
CA ILE D 211 58.62 -11.27 -3.40
C ILE D 211 57.61 -12.02 -4.26
N GLY D 212 57.60 -11.74 -5.56
CA GLY D 212 56.64 -12.36 -6.46
C GLY D 212 57.21 -12.82 -7.78
N LYS D 213 56.57 -13.81 -8.38
CA LYS D 213 56.97 -14.31 -9.69
C LYS D 213 55.89 -14.02 -10.74
N THR D 214 56.32 -13.89 -11.99
CA THR D 214 55.37 -13.69 -13.08
C THR D 214 54.78 -15.03 -13.52
N GLU D 215 53.56 -14.98 -14.03
CA GLU D 215 52.76 -16.19 -14.27
C GLU D 215 53.37 -17.17 -15.28
N LYS D 216 53.71 -16.68 -16.47
CA LYS D 216 54.03 -17.57 -17.58
C LYS D 216 55.53 -17.84 -17.75
N THR D 217 56.37 -16.86 -17.44
CA THR D 217 57.80 -17.00 -17.66
C THR D 217 58.59 -17.12 -16.36
N GLY D 218 57.90 -17.00 -15.23
CA GLY D 218 58.52 -17.18 -13.94
C GLY D 218 59.57 -16.13 -13.59
N LYS D 219 59.43 -14.95 -14.17
CA LYS D 219 60.34 -13.85 -13.87
C LYS D 219 60.00 -13.23 -12.53
N ARG D 220 60.95 -12.49 -11.94
CA ARG D 220 60.68 -11.79 -10.70
C ARG D 220 59.88 -10.52 -10.99
N SER D 221 58.71 -10.42 -10.37
CA SER D 221 57.77 -9.35 -10.67
C SER D 221 58.21 -7.98 -10.17
N THR D 222 57.85 -6.94 -10.93
CA THR D 222 58.12 -5.57 -10.55
C THR D 222 56.82 -4.76 -10.55
N SER D 223 55.70 -5.46 -10.33
CA SER D 223 54.38 -4.84 -10.35
C SER D 223 54.19 -3.86 -9.20
N ALA D 224 53.12 -3.07 -9.27
CA ALA D 224 52.81 -2.09 -8.25
C ALA D 224 52.55 -2.75 -6.90
N ALA D 225 51.98 -3.94 -6.93
CA ALA D 225 51.67 -4.69 -5.72
C ALA D 225 52.95 -5.11 -4.99
N VAL D 226 53.89 -5.67 -5.75
CA VAL D 226 55.15 -6.12 -5.19
C VAL D 226 55.99 -4.95 -4.66
N LEU D 227 56.06 -3.89 -5.45
CA LEU D 227 56.87 -2.73 -5.10
C LEU D 227 56.27 -1.91 -3.96
N GLU D 228 54.97 -2.03 -3.77
CA GLU D 228 54.28 -1.30 -2.71
C GLU D 228 54.81 -1.68 -1.34
N ALA D 229 55.20 -2.95 -1.18
CA ALA D 229 55.76 -3.43 0.07
C ALA D 229 57.22 -2.99 0.21
N LEU D 230 57.75 -2.37 -0.84
CA LEU D 230 59.15 -1.95 -0.85
C LEU D 230 59.31 -0.45 -1.01
N ARG D 231 58.24 0.30 -0.75
CA ARG D 231 58.27 1.76 -0.92
C ARG D 231 59.34 2.42 -0.06
N GLU D 232 59.62 1.81 1.09
CA GLU D 232 60.61 2.34 2.01
C GLU D 232 61.94 1.60 1.87
N ALA D 233 61.86 0.31 1.53
CA ALA D 233 63.05 -0.51 1.36
C ALA D 233 64.10 0.20 0.50
N HIS D 234 63.65 1.18 -0.27
CA HIS D 234 64.54 1.94 -1.14
C HIS D 234 63.85 3.19 -1.69
N ALA D 235 64.61 4.27 -1.80
CA ALA D 235 64.07 5.53 -2.31
C ALA D 235 63.87 5.47 -3.82
N ILE D 236 64.24 4.36 -4.42
CA ILE D 236 64.10 4.18 -5.83
C ILE D 236 62.74 3.58 -6.15
N VAL D 237 62.19 2.80 -5.24
CA VAL D 237 60.91 2.20 -5.45
C VAL D 237 59.86 3.28 -5.54
N GLU D 238 59.92 4.24 -4.65
CA GLU D 238 58.97 5.33 -4.63
C GLU D 238 59.00 6.13 -5.93
N LYS D 239 60.21 6.44 -6.39
CA LYS D 239 60.39 7.22 -7.61
C LYS D 239 59.90 6.47 -8.84
N ILE D 240 60.15 5.16 -8.86
CA ILE D 240 59.71 4.30 -9.96
C ILE D 240 58.20 4.24 -10.03
N LEU D 241 57.55 4.12 -8.88
CA LEU D 241 56.09 4.07 -8.81
C LEU D 241 55.46 5.36 -9.33
N GLN D 242 56.08 6.50 -9.00
CA GLN D 242 55.63 7.78 -9.52
C GLN D 242 55.90 7.86 -11.02
N TYR D 243 57.02 7.28 -11.44
CA TYR D 243 57.40 7.23 -12.84
C TYR D 243 56.41 6.39 -13.65
N ARG D 244 56.04 5.24 -13.10
CA ARG D 244 55.12 4.31 -13.75
C ARG D 244 53.79 4.98 -14.08
N GLU D 245 53.21 5.65 -13.09
CA GLU D 245 51.90 6.29 -13.24
C GLU D 245 51.91 7.36 -14.32
N LEU D 246 52.95 8.18 -14.33
CA LEU D 246 53.03 9.31 -15.26
C LEU D 246 53.24 8.86 -16.69
N THR D 247 54.09 7.85 -16.88
CA THR D 247 54.34 7.30 -18.21
C THR D 247 53.12 6.50 -18.70
N LYS D 248 52.41 5.91 -17.76
CA LYS D 248 51.20 5.15 -18.07
C LYS D 248 50.13 6.05 -18.66
N LEU D 249 49.85 7.15 -17.98
CA LEU D 249 48.78 8.06 -18.38
C LEU D 249 49.15 8.85 -19.64
N LYS D 250 50.44 9.09 -19.83
CA LYS D 250 50.91 9.86 -20.97
C LYS D 250 50.89 9.03 -22.26
N SER D 251 51.41 7.81 -22.18
CA SER D 251 51.53 6.95 -23.34
C SER D 251 50.20 6.37 -23.79
N THR D 252 49.23 6.35 -22.88
CA THR D 252 47.94 5.73 -23.16
C THR D 252 46.86 6.75 -23.48
N TYR D 253 46.87 7.88 -22.77
CA TYR D 253 45.78 8.84 -22.86
C TYR D 253 46.21 10.22 -23.39
N ILE D 254 47.15 10.85 -22.69
CA ILE D 254 47.52 12.24 -22.97
C ILE D 254 47.98 12.47 -24.41
N ASP D 255 48.82 11.57 -24.92
CA ASP D 255 49.37 11.71 -26.26
C ASP D 255 48.50 11.14 -27.40
N PRO D 256 47.99 9.90 -27.26
CA PRO D 256 47.29 9.33 -28.42
C PRO D 256 45.94 9.96 -28.72
N LEU D 257 45.18 10.33 -27.69
CA LEU D 257 43.80 10.82 -27.87
C LEU D 257 43.66 12.07 -28.75
N PRO D 258 44.54 13.09 -28.59
CA PRO D 258 44.39 14.26 -29.47
C PRO D 258 44.64 13.95 -30.95
N GLU D 259 45.24 12.81 -31.24
CA GLU D 259 45.55 12.42 -32.62
C GLU D 259 44.38 11.66 -33.25
N LEU D 260 43.32 11.45 -32.48
CA LEU D 260 42.19 10.67 -32.95
C LEU D 260 40.94 11.53 -33.18
N ILE D 261 41.15 12.84 -33.32
CA ILE D 261 40.05 13.75 -33.61
C ILE D 261 39.64 13.64 -35.08
N HIS D 262 38.37 13.34 -35.32
CA HIS D 262 37.86 13.16 -36.67
C HIS D 262 37.77 14.50 -37.39
N PRO D 263 38.17 14.54 -38.68
CA PRO D 263 38.18 15.77 -39.47
C PRO D 263 36.79 16.36 -39.71
N ARG D 264 35.80 15.52 -39.98
CA ARG D 264 34.45 15.99 -40.30
C ARG D 264 33.66 16.40 -39.07
N THR D 265 33.84 15.66 -37.98
CA THR D 265 33.05 15.89 -36.77
C THR D 265 33.79 16.77 -35.76
N GLY D 266 35.11 16.65 -35.72
CA GLY D 266 35.91 17.38 -34.76
C GLY D 266 35.73 16.85 -33.36
N ARG D 267 35.39 15.57 -33.26
CA ARG D 267 35.15 14.93 -31.97
C ARG D 267 35.84 13.57 -31.88
N LEU D 268 35.92 13.03 -30.66
CA LEU D 268 36.57 11.75 -30.42
C LEU D 268 35.57 10.61 -30.54
N HIS D 269 35.83 9.68 -31.45
CA HIS D 269 34.89 8.59 -31.71
C HIS D 269 35.42 7.23 -31.29
N THR D 270 34.69 6.56 -30.40
CA THR D 270 35.06 5.24 -29.93
C THR D 270 34.16 4.18 -30.55
N ARG D 271 34.44 2.92 -30.24
CA ARG D 271 33.62 1.80 -30.68
C ARG D 271 33.09 1.03 -29.49
N PHE D 272 31.78 0.87 -29.40
CA PHE D 272 31.19 0.06 -28.35
C PHE D 272 30.87 -1.33 -28.87
N ASN D 273 31.70 -2.30 -28.51
CA ASN D 273 31.54 -3.67 -28.99
C ASN D 273 30.41 -4.38 -28.26
N GLN D 274 29.51 -4.99 -29.03
CA GLN D 274 28.31 -5.60 -28.48
C GLN D 274 28.50 -7.08 -28.17
N THR D 275 29.49 -7.69 -28.80
CA THR D 275 29.77 -9.12 -28.62
C THR D 275 31.24 -9.36 -28.29
N ALA D 276 31.65 -9.02 -27.07
CA ALA D 276 33.06 -9.11 -26.71
C ALA D 276 33.29 -9.54 -25.26
N THR D 277 32.22 -9.66 -24.48
CA THR D 277 32.33 -10.08 -23.09
C THR D 277 31.52 -11.34 -22.82
N ALA D 278 31.94 -12.10 -21.82
CA ALA D 278 31.29 -13.38 -21.50
C ALA D 278 30.10 -13.20 -20.57
N THR D 279 29.97 -12.03 -19.97
CA THR D 279 28.91 -11.77 -19.00
C THR D 279 27.75 -11.00 -19.62
N GLY D 280 27.98 -10.37 -20.76
CA GLY D 280 26.96 -9.58 -21.42
C GLY D 280 27.24 -8.09 -21.30
N ARG D 281 28.44 -7.75 -20.85
CA ARG D 281 28.85 -6.35 -20.77
C ARG D 281 29.24 -5.82 -22.15
N LEU D 282 29.35 -4.50 -22.25
CA LEU D 282 29.87 -3.88 -23.46
C LEU D 282 31.34 -3.54 -23.26
N SER D 283 32.09 -3.51 -24.36
CA SER D 283 33.49 -3.11 -24.31
C SER D 283 33.72 -1.93 -25.23
N SER D 284 34.56 -0.99 -24.80
CA SER D 284 34.90 0.16 -25.62
C SER D 284 36.33 0.02 -26.15
N SER D 285 36.53 0.35 -27.41
CA SER D 285 37.85 0.23 -28.02
C SER D 285 38.04 1.19 -29.19
N ASP D 286 39.30 1.35 -29.57
CA ASP D 286 39.70 2.20 -30.70
C ASP D 286 39.16 3.64 -30.66
N PRO D 287 39.47 4.40 -29.60
CA PRO D 287 40.17 4.04 -28.37
C PRO D 287 39.21 3.60 -27.27
N ASN D 288 39.73 2.99 -26.22
CA ASN D 288 38.90 2.59 -25.09
C ASN D 288 38.53 3.81 -24.26
N LEU D 289 37.25 4.17 -24.25
CA LEU D 289 36.78 5.30 -23.46
C LEU D 289 36.05 4.83 -22.21
N GLN D 290 36.25 3.56 -21.86
CA GLN D 290 35.68 3.00 -20.65
C GLN D 290 36.74 2.81 -19.57
N ASN D 291 37.94 3.33 -19.81
CA ASN D 291 39.01 3.27 -18.83
C ASN D 291 39.79 4.57 -18.72
N ILE D 292 39.08 5.69 -18.86
CA ILE D 292 39.66 7.01 -18.68
C ILE D 292 39.97 7.22 -17.20
N PRO D 293 41.23 7.58 -16.89
CA PRO D 293 41.71 7.76 -15.51
C PRO D 293 40.83 8.69 -14.68
N VAL D 294 40.78 8.47 -13.37
CA VAL D 294 39.89 9.25 -12.52
C VAL D 294 40.25 9.18 -11.03
N ARG D 295 41.08 8.21 -10.63
CA ARG D 295 41.33 7.99 -9.22
C ARG D 295 42.49 8.83 -8.67
N THR D 296 43.51 9.07 -9.49
CA THR D 296 44.66 9.85 -9.07
C THR D 296 44.51 11.31 -9.48
N PRO D 297 45.18 12.23 -8.75
CA PRO D 297 45.16 13.67 -9.08
C PRO D 297 45.45 13.95 -10.56
N LEU D 298 46.47 13.31 -11.12
CA LEU D 298 46.78 13.47 -12.54
C LEU D 298 45.68 12.86 -13.40
N GLY D 299 45.12 11.75 -12.92
CA GLY D 299 44.06 11.06 -13.62
C GLY D 299 42.81 11.91 -13.78
N GLN D 300 42.49 12.67 -12.75
CA GLN D 300 41.34 13.56 -12.78
C GLN D 300 41.54 14.69 -13.78
N ARG D 301 42.79 15.11 -13.94
CA ARG D 301 43.12 16.18 -14.88
C ARG D 301 42.89 15.73 -16.31
N ILE D 302 43.15 14.47 -16.59
CA ILE D 302 42.92 13.91 -17.92
C ILE D 302 41.42 13.93 -18.26
N ARG D 303 40.60 13.68 -17.25
CA ARG D 303 39.15 13.64 -17.45
C ARG D 303 38.58 15.04 -17.63
N ARG D 304 39.35 16.06 -17.26
CA ARG D 304 38.96 17.45 -17.50
C ARG D 304 38.97 17.78 -18.98
N ALA D 305 39.74 17.02 -19.75
CA ALA D 305 39.88 17.28 -21.18
C ALA D 305 38.61 16.91 -21.95
N PHE D 306 37.81 16.02 -21.37
CA PHE D 306 36.55 15.63 -21.99
C PHE D 306 35.48 16.68 -21.70
N ILE D 307 35.28 17.58 -22.65
CA ILE D 307 34.38 18.71 -22.45
C ILE D 307 33.15 18.64 -23.35
N ALA D 308 32.11 19.39 -22.99
CA ALA D 308 30.88 19.43 -23.77
C ALA D 308 30.97 20.47 -24.87
N GLU D 309 30.06 20.39 -25.84
CA GLU D 309 29.99 21.35 -26.93
C GLU D 309 29.59 22.73 -26.39
N GLU D 310 30.01 23.79 -27.07
CA GLU D 310 29.64 25.14 -26.69
C GLU D 310 28.13 25.31 -26.63
N GLY D 311 27.64 25.69 -25.45
CA GLY D 311 26.21 25.87 -25.25
C GLY D 311 25.55 24.61 -24.74
N TRP D 312 26.35 23.59 -24.47
CA TRP D 312 25.85 22.31 -23.98
C TRP D 312 26.43 21.98 -22.60
N LEU D 313 25.89 20.94 -21.98
CA LEU D 313 26.38 20.48 -20.68
C LEU D 313 26.41 18.96 -20.64
N LEU D 314 27.42 18.40 -19.97
CA LEU D 314 27.52 16.96 -19.80
C LEU D 314 26.67 16.50 -18.63
N VAL D 315 25.94 15.41 -18.83
CA VAL D 315 25.12 14.83 -17.77
C VAL D 315 25.66 13.47 -17.36
N ALA D 316 26.11 13.36 -16.12
CA ALA D 316 26.71 12.13 -15.63
C ALA D 316 25.77 11.37 -14.70
N LEU D 317 25.35 10.19 -15.14
CA LEU D 317 24.47 9.35 -14.35
C LEU D 317 25.12 8.02 -14.01
N ASP D 318 25.25 7.75 -12.71
CA ASP D 318 25.88 6.51 -12.26
C ASP D 318 24.94 5.70 -11.37
N TYR D 319 24.83 4.40 -11.62
CA TYR D 319 24.09 3.51 -10.73
C TYR D 319 24.84 3.36 -9.41
N SER D 320 24.09 3.26 -8.31
CA SER D 320 24.70 3.12 -6.99
C SER D 320 24.56 1.70 -6.47
N GLN D 321 25.70 1.00 -6.39
CA GLN D 321 25.75 -0.38 -5.92
C GLN D 321 24.77 -1.29 -6.65
N ILE D 322 24.71 -1.14 -7.97
CA ILE D 322 23.72 -1.87 -8.77
C ILE D 322 23.95 -3.38 -8.71
N GLU D 323 25.19 -3.80 -8.51
CA GLU D 323 25.50 -5.22 -8.44
C GLU D 323 25.04 -5.84 -7.13
N LEU D 324 25.20 -5.11 -6.03
CA LEU D 324 24.77 -5.59 -4.72
C LEU D 324 23.25 -5.58 -4.62
N ARG D 325 22.61 -4.65 -5.33
CA ARG D 325 21.16 -4.59 -5.39
C ARG D 325 20.62 -5.77 -6.19
N VAL D 326 21.31 -6.11 -7.27
CA VAL D 326 20.98 -7.29 -8.07
C VAL D 326 21.09 -8.55 -7.23
N LEU D 327 22.18 -8.64 -6.46
CA LEU D 327 22.39 -9.77 -5.56
C LEU D 327 21.27 -9.88 -4.54
N ALA D 328 20.83 -8.74 -4.02
CA ALA D 328 19.74 -8.70 -3.06
C ALA D 328 18.44 -9.21 -3.68
N HIS D 329 18.27 -8.94 -4.97
CA HIS D 329 17.08 -9.37 -5.69
C HIS D 329 17.15 -10.83 -6.08
N LEU D 330 18.30 -11.26 -6.59
CA LEU D 330 18.48 -12.63 -7.05
C LEU D 330 18.46 -13.62 -5.89
N SER D 331 19.02 -13.23 -4.75
CA SER D 331 19.06 -14.08 -3.58
C SER D 331 17.74 -14.05 -2.82
N GLY D 332 17.09 -12.88 -2.83
CA GLY D 332 15.84 -12.71 -2.13
C GLY D 332 16.05 -12.64 -0.62
N ASP D 333 17.27 -12.36 -0.21
CA ASP D 333 17.62 -12.27 1.20
C ASP D 333 16.87 -11.14 1.88
N GLU D 334 16.05 -11.49 2.86
CA GLU D 334 15.18 -10.52 3.54
C GLU D 334 15.97 -9.40 4.22
N ASN D 335 17.09 -9.75 4.83
CA ASN D 335 17.90 -8.77 5.54
C ASN D 335 18.63 -7.80 4.61
N LEU D 336 19.25 -8.34 3.56
CA LEU D 336 19.98 -7.52 2.61
C LEU D 336 19.04 -6.59 1.84
N ILE D 337 17.85 -7.10 1.53
CA ILE D 337 16.82 -6.30 0.88
C ILE D 337 16.38 -5.16 1.79
N ARG D 338 16.25 -5.48 3.08
CA ARG D 338 15.84 -4.50 4.08
C ARG D 338 16.83 -3.33 4.17
N VAL D 339 18.10 -3.61 3.93
CA VAL D 339 19.14 -2.58 3.95
C VAL D 339 18.90 -1.53 2.88
N PHE D 340 18.75 -2.00 1.64
CA PHE D 340 18.45 -1.12 0.51
C PHE D 340 17.07 -0.49 0.66
N GLN D 341 16.18 -1.20 1.32
CA GLN D 341 14.79 -0.77 1.48
C GLN D 341 14.67 0.52 2.29
N GLU D 342 15.41 0.58 3.40
CA GLU D 342 15.31 1.71 4.32
C GLU D 342 16.09 2.93 3.83
N GLY D 343 17.10 2.69 2.99
CA GLY D 343 17.82 3.78 2.34
C GLY D 343 18.83 4.51 3.21
N ARG D 344 19.40 3.82 4.18
CA ARG D 344 20.48 4.39 4.98
C ARG D 344 21.82 3.95 4.41
N ASP D 345 22.91 4.27 5.10
CA ASP D 345 24.24 3.89 4.64
C ASP D 345 24.35 2.38 4.55
N ILE D 346 24.61 1.89 3.34
CA ILE D 346 24.55 0.46 3.03
C ILE D 346 25.56 -0.37 3.82
N HIS D 347 26.83 0.04 3.78
CA HIS D 347 27.88 -0.72 4.44
C HIS D 347 27.82 -0.54 5.96
N THR D 348 27.24 0.57 6.41
CA THR D 348 27.02 0.78 7.83
C THR D 348 25.92 -0.14 8.33
N GLU D 349 24.81 -0.18 7.61
CA GLU D 349 23.69 -1.03 7.95
C GLU D 349 24.07 -2.50 7.85
N THR D 350 25.05 -2.79 6.99
CA THR D 350 25.55 -4.14 6.81
C THR D 350 26.32 -4.61 8.04
N ALA D 351 27.11 -3.71 8.62
CA ALA D 351 27.89 -4.02 9.81
C ALA D 351 26.99 -4.33 11.00
N SER D 352 25.82 -3.71 11.02
CA SER D 352 24.85 -3.94 12.09
C SER D 352 24.21 -5.32 11.97
N ARG D 367 32.85 -0.59 10.42
CA ARG D 367 32.18 -0.94 9.17
C ARG D 367 33.15 -0.91 7.99
N ARG D 368 34.39 -0.54 8.27
CA ARG D 368 35.41 -0.43 7.23
C ARG D 368 35.72 -1.77 6.58
N ALA D 369 35.21 -2.85 7.19
CA ALA D 369 35.37 -4.18 6.64
C ALA D 369 34.13 -4.60 5.84
N ALA D 370 32.97 -4.18 6.32
CA ALA D 370 31.70 -4.55 5.70
C ALA D 370 31.61 -4.11 4.25
N LYS D 371 32.20 -2.95 3.93
CA LYS D 371 32.22 -2.46 2.57
C LYS D 371 33.12 -3.33 1.69
N THR D 372 34.24 -3.76 2.25
CA THR D 372 35.19 -4.61 1.54
C THR D 372 34.58 -5.96 1.21
N ILE D 373 33.72 -6.45 2.10
CA ILE D 373 33.05 -7.74 1.91
C ILE D 373 31.86 -7.61 0.98
N ASN D 374 31.12 -6.50 1.10
CA ASN D 374 30.01 -6.21 0.21
C ASN D 374 30.46 -6.11 -1.24
N PHE D 375 31.73 -5.74 -1.42
CA PHE D 375 32.33 -5.60 -2.73
C PHE D 375 33.02 -6.89 -3.18
N GLY D 376 33.60 -7.60 -2.21
CA GLY D 376 34.37 -8.79 -2.53
C GLY D 376 33.58 -10.08 -2.65
N VAL D 377 32.38 -10.09 -2.08
CA VAL D 377 31.54 -11.28 -2.09
C VAL D 377 31.08 -11.61 -3.52
N LEU D 378 31.06 -10.60 -4.38
CA LEU D 378 30.62 -10.77 -5.76
C LEU D 378 31.73 -11.34 -6.64
N TYR D 379 32.95 -11.36 -6.11
CA TYR D 379 34.11 -11.84 -6.86
C TYR D 379 34.58 -13.20 -6.38
N GLY D 380 34.08 -13.62 -5.23
CA GLY D 380 34.54 -14.85 -4.61
C GLY D 380 35.84 -14.61 -3.86
N MET D 381 35.90 -13.47 -3.19
CA MET D 381 37.10 -13.08 -2.44
C MET D 381 37.38 -14.05 -1.31
N SER D 382 38.61 -14.57 -1.28
CA SER D 382 39.02 -15.50 -0.24
C SER D 382 39.31 -14.77 1.07
N ALA D 383 39.39 -15.52 2.15
CA ALA D 383 39.68 -14.96 3.46
C ALA D 383 41.09 -14.38 3.51
N HIS D 384 41.98 -14.97 2.73
CA HIS D 384 43.36 -14.49 2.63
C HIS D 384 43.38 -13.06 2.09
N ARG D 385 42.55 -12.80 1.09
CA ARG D 385 42.48 -11.48 0.47
C ARG D 385 41.89 -10.46 1.44
N LEU D 386 40.91 -10.90 2.24
CA LEU D 386 40.30 -10.03 3.24
C LEU D 386 41.28 -9.78 4.38
N SER D 387 42.06 -10.82 4.71
CA SER D 387 43.05 -10.74 5.78
C SER D 387 44.10 -9.67 5.52
N GLN D 388 44.69 -9.71 4.34
CA GLN D 388 45.76 -8.78 3.98
C GLN D 388 45.26 -7.36 3.76
N GLU D 389 43.97 -7.22 3.49
CA GLU D 389 43.39 -5.92 3.16
C GLU D 389 43.10 -5.08 4.40
N LEU D 390 42.75 -5.74 5.50
CA LEU D 390 42.35 -5.02 6.70
C LEU D 390 43.28 -5.27 7.89
N ALA D 391 44.49 -5.72 7.60
CA ALA D 391 45.53 -5.93 8.61
C ALA D 391 45.07 -6.83 9.75
N ILE D 392 44.22 -7.80 9.43
CA ILE D 392 43.70 -8.73 10.42
C ILE D 392 44.27 -10.12 10.12
N PRO D 393 44.50 -10.94 11.16
CA PRO D 393 44.98 -12.30 10.93
C PRO D 393 44.04 -13.13 10.07
N TYR D 394 44.57 -14.20 9.46
CA TYR D 394 43.82 -15.05 8.55
C TYR D 394 42.57 -15.61 9.22
N GLU D 395 42.73 -16.17 10.41
CA GLU D 395 41.64 -16.80 11.13
C GLU D 395 40.52 -15.82 11.49
N GLU D 396 40.88 -14.56 11.68
CA GLU D 396 39.92 -13.54 12.04
C GLU D 396 39.10 -13.09 10.84
N ALA D 397 39.73 -13.06 9.67
CA ALA D 397 39.06 -12.69 8.43
C ALA D 397 38.00 -13.72 8.05
N GLN D 398 38.28 -14.98 8.38
CA GLN D 398 37.33 -16.06 8.15
C GLN D 398 36.08 -15.85 8.99
N ALA D 399 36.27 -15.37 10.21
CA ALA D 399 35.17 -15.13 11.14
C ALA D 399 34.29 -13.99 10.65
N PHE D 400 34.86 -13.11 9.85
CA PHE D 400 34.10 -11.99 9.28
C PHE D 400 33.25 -12.47 8.10
N ILE D 401 33.86 -13.22 7.19
CA ILE D 401 33.16 -13.78 6.05
C ILE D 401 32.02 -14.69 6.51
N GLU D 402 32.30 -15.53 7.50
CA GLU D 402 31.29 -16.39 8.08
C GLU D 402 30.15 -15.55 8.65
N ARG D 403 30.50 -14.50 9.38
CA ARG D 403 29.51 -13.60 9.99
C ARG D 403 28.66 -12.92 8.93
N TYR D 404 29.26 -12.58 7.80
CA TYR D 404 28.55 -11.94 6.70
C TYR D 404 27.45 -12.86 6.17
N PHE D 405 27.80 -14.12 5.96
CA PHE D 405 26.86 -15.10 5.45
C PHE D 405 25.85 -15.56 6.51
N GLN D 406 26.17 -15.29 7.78
CA GLN D 406 25.21 -15.56 8.85
C GLN D 406 24.16 -14.46 8.89
N SER D 407 24.57 -13.26 8.51
CA SER D 407 23.66 -12.12 8.46
C SER D 407 22.82 -12.15 7.18
N PHE D 408 23.42 -12.66 6.11
CA PHE D 408 22.73 -12.79 4.84
C PHE D 408 22.79 -14.24 4.34
N PRO D 409 21.98 -15.11 4.96
CA PRO D 409 22.03 -16.55 4.66
C PRO D 409 21.59 -16.91 3.25
N LYS D 410 20.58 -16.21 2.73
CA LYS D 410 20.04 -16.52 1.41
C LYS D 410 21.00 -16.12 0.29
N VAL D 411 22.02 -15.33 0.62
CA VAL D 411 23.05 -14.98 -0.35
C VAL D 411 23.94 -16.19 -0.62
N ARG D 412 24.38 -16.85 0.45
CA ARG D 412 25.18 -18.06 0.32
C ARG D 412 24.36 -19.19 -0.32
N ALA D 413 23.09 -19.24 0.03
CA ALA D 413 22.18 -20.24 -0.53
C ALA D 413 22.03 -20.04 -2.03
N TRP D 414 22.02 -18.78 -2.46
CA TRP D 414 21.91 -18.45 -3.86
C TRP D 414 23.15 -18.86 -4.64
N ILE D 415 24.31 -18.63 -4.05
CA ILE D 415 25.59 -19.00 -4.67
C ILE D 415 25.65 -20.51 -4.89
N GLU D 416 25.31 -21.27 -3.86
CA GLU D 416 25.35 -22.71 -3.93
C GLU D 416 24.28 -23.26 -4.88
N LYS D 417 23.15 -22.58 -4.95
CA LYS D 417 22.08 -22.98 -5.87
C LYS D 417 22.48 -22.67 -7.31
N THR D 418 23.13 -21.52 -7.50
CA THR D 418 23.58 -21.11 -8.83
C THR D 418 24.64 -22.07 -9.35
N LEU D 419 25.62 -22.39 -8.51
CA LEU D 419 26.69 -23.32 -8.87
C LEU D 419 26.14 -24.73 -9.12
N GLU D 420 25.17 -25.13 -8.30
CA GLU D 420 24.57 -26.45 -8.41
C GLU D 420 23.87 -26.64 -9.75
N GLU D 421 23.23 -25.57 -10.22
CA GLU D 421 22.45 -25.65 -11.45
C GLU D 421 23.33 -25.45 -12.67
N GLY D 422 24.36 -24.62 -12.52
CA GLY D 422 25.34 -24.44 -13.58
C GLY D 422 26.16 -25.70 -13.76
N ARG D 423 26.10 -26.56 -12.76
CA ARG D 423 26.80 -27.84 -12.77
C ARG D 423 26.00 -28.88 -13.55
N ARG D 424 24.67 -28.81 -13.43
CA ARG D 424 23.80 -29.81 -14.02
C ARG D 424 23.35 -29.41 -15.43
N ARG D 425 23.11 -28.12 -15.64
CA ARG D 425 22.66 -27.63 -16.93
C ARG D 425 23.83 -27.21 -17.82
N GLY D 426 24.96 -26.91 -17.20
CA GLY D 426 26.17 -26.56 -17.94
C GLY D 426 26.33 -25.08 -18.20
N TYR D 427 25.45 -24.27 -17.61
CA TYR D 427 25.52 -22.83 -17.80
C TYR D 427 24.76 -22.08 -16.71
N VAL D 428 25.13 -20.81 -16.51
CA VAL D 428 24.46 -19.96 -15.53
C VAL D 428 23.72 -18.83 -16.23
N GLU D 429 22.60 -18.40 -15.66
CA GLU D 429 21.75 -17.40 -16.30
C GLU D 429 21.66 -16.10 -15.51
N THR D 430 21.46 -15.00 -16.23
CA THR D 430 21.16 -13.72 -15.61
C THR D 430 19.67 -13.68 -15.29
N LEU D 431 19.20 -12.54 -14.79
CA LEU D 431 17.79 -12.39 -14.44
C LEU D 431 16.90 -12.53 -15.69
N PHE D 432 17.37 -12.01 -16.81
CA PHE D 432 16.59 -12.01 -18.04
C PHE D 432 16.85 -13.26 -18.89
N GLY D 433 17.71 -14.14 -18.39
CA GLY D 433 17.94 -15.41 -19.05
C GLY D 433 19.19 -15.49 -19.91
N ARG D 434 20.00 -14.42 -19.90
CA ARG D 434 21.27 -14.44 -20.62
C ARG D 434 22.19 -15.50 -20.01
N ARG D 435 22.66 -16.42 -20.84
CA ARG D 435 23.40 -17.58 -20.33
C ARG D 435 24.89 -17.53 -20.65
N ARG D 436 25.69 -17.97 -19.69
CA ARG D 436 27.12 -18.17 -19.90
C ARG D 436 27.49 -19.60 -19.55
N TYR D 437 28.15 -20.29 -20.48
CA TYR D 437 28.53 -21.68 -20.27
C TYR D 437 29.85 -21.77 -19.51
N VAL D 438 29.82 -22.39 -18.33
CA VAL D 438 31.01 -22.54 -17.51
C VAL D 438 31.45 -24.00 -17.47
N PRO D 439 32.50 -24.31 -18.25
CA PRO D 439 32.94 -25.66 -18.62
C PRO D 439 33.90 -26.33 -17.63
N ASP D 440 33.91 -25.91 -16.37
CA ASP D 440 34.90 -26.45 -15.43
C ASP D 440 34.40 -26.51 -13.99
N LEU D 441 33.08 -26.52 -13.81
CA LEU D 441 32.51 -26.58 -12.48
C LEU D 441 32.65 -27.97 -11.87
N GLU D 442 33.04 -28.94 -12.70
CA GLU D 442 33.21 -30.30 -12.25
C GLU D 442 34.65 -30.78 -12.44
N ALA D 443 35.56 -29.84 -12.64
CA ALA D 443 36.98 -30.17 -12.75
C ALA D 443 37.48 -30.77 -11.46
N ARG D 444 38.32 -31.81 -11.57
CA ARG D 444 38.76 -32.56 -10.40
C ARG D 444 40.00 -31.94 -9.77
N VAL D 445 40.43 -30.80 -10.31
CA VAL D 445 41.47 -29.99 -9.67
C VAL D 445 40.80 -28.82 -8.96
N LYS D 446 41.05 -28.70 -7.66
CA LYS D 446 40.36 -27.72 -6.83
C LYS D 446 40.56 -26.28 -7.30
N SER D 447 41.81 -25.94 -7.64
CA SER D 447 42.14 -24.58 -8.06
C SER D 447 41.41 -24.20 -9.34
N VAL D 448 41.25 -25.17 -10.24
CA VAL D 448 40.54 -24.95 -11.48
C VAL D 448 39.04 -24.84 -11.24
N ARG D 449 38.50 -25.78 -10.46
CA ARG D 449 37.08 -25.83 -10.18
C ARG D 449 36.59 -24.59 -9.46
N GLU D 450 37.28 -24.19 -8.40
CA GLU D 450 36.88 -23.03 -7.62
C GLU D 450 37.09 -21.73 -8.40
N ALA D 451 37.96 -21.77 -9.40
CA ALA D 451 38.15 -20.63 -10.29
C ALA D 451 36.96 -20.53 -11.24
N ALA D 452 36.48 -21.69 -11.69
CA ALA D 452 35.31 -21.74 -12.56
C ALA D 452 34.06 -21.37 -11.77
N GLU D 453 34.05 -21.70 -10.48
CA GLU D 453 32.95 -21.37 -9.61
C GLU D 453 32.78 -19.85 -9.49
N ARG D 454 33.88 -19.17 -9.18
CA ARG D 454 33.86 -17.72 -9.03
C ARG D 454 33.41 -17.02 -10.31
N MET D 455 33.79 -17.57 -11.45
CA MET D 455 33.32 -17.04 -12.73
C MET D 455 31.85 -17.33 -12.93
N ALA D 456 31.39 -18.44 -12.35
CA ALA D 456 30.03 -18.91 -12.58
C ALA D 456 28.98 -18.07 -11.85
N PHE D 457 29.09 -17.95 -10.53
CA PHE D 457 28.06 -17.26 -9.76
C PHE D 457 28.21 -15.73 -9.82
N ASN D 458 29.26 -15.26 -10.46
CA ASN D 458 29.44 -13.83 -10.65
C ASN D 458 28.70 -13.33 -11.88
N MET D 459 28.61 -14.19 -12.89
CA MET D 459 27.97 -13.85 -14.16
C MET D 459 26.50 -13.40 -14.04
N PRO D 460 25.68 -14.10 -13.23
CA PRO D 460 24.30 -13.61 -13.11
C PRO D 460 24.22 -12.20 -12.51
N VAL D 461 25.16 -11.88 -11.63
CA VAL D 461 25.18 -10.56 -11.00
C VAL D 461 25.61 -9.48 -11.98
N GLN D 462 26.80 -9.65 -12.56
CA GLN D 462 27.35 -8.69 -13.51
C GLN D 462 26.52 -8.65 -14.79
N GLY D 463 25.97 -9.80 -15.16
CA GLY D 463 25.16 -9.90 -16.36
C GLY D 463 23.82 -9.20 -16.24
N THR D 464 23.18 -9.34 -15.08
CA THR D 464 21.91 -8.67 -14.82
C THR D 464 22.12 -7.16 -14.82
N ALA D 465 23.18 -6.71 -14.16
CA ALA D 465 23.52 -5.30 -14.14
C ALA D 465 23.80 -4.80 -15.56
N ALA D 466 24.33 -5.68 -16.39
CA ALA D 466 24.58 -5.36 -17.80
C ALA D 466 23.26 -5.33 -18.57
N ASP D 467 22.37 -6.27 -18.25
CA ASP D 467 21.05 -6.31 -18.87
C ASP D 467 20.26 -5.04 -18.57
N LEU D 468 20.23 -4.66 -17.30
CA LEU D 468 19.48 -3.50 -16.85
C LEU D 468 19.98 -2.21 -17.50
N MET D 469 21.30 -2.07 -17.62
CA MET D 469 21.89 -0.89 -18.24
C MET D 469 21.60 -0.85 -19.73
N LYS D 470 21.74 -2.00 -20.39
CA LYS D 470 21.44 -2.11 -21.82
C LYS D 470 20.00 -1.75 -22.12
N LEU D 471 19.09 -2.29 -21.31
CA LEU D 471 17.66 -2.01 -21.47
C LEU D 471 17.37 -0.53 -21.21
N ALA D 472 18.09 0.05 -20.26
CA ALA D 472 17.92 1.46 -19.93
C ALA D 472 18.33 2.36 -21.09
N MET D 473 19.44 1.99 -21.74
CA MET D 473 19.92 2.75 -22.89
C MET D 473 18.95 2.67 -24.06
N VAL D 474 18.30 1.51 -24.21
CA VAL D 474 17.33 1.30 -25.27
C VAL D 474 16.08 2.16 -25.06
N LYS D 475 15.65 2.25 -23.81
CA LYS D 475 14.45 3.02 -23.48
C LYS D 475 14.70 4.52 -23.43
N LEU D 476 15.92 4.91 -23.09
CA LEU D 476 16.24 6.32 -22.85
C LEU D 476 16.57 7.09 -24.12
N PHE D 477 17.25 6.45 -25.06
CA PHE D 477 17.74 7.13 -26.26
C PHE D 477 16.65 7.80 -27.11
N PRO D 478 15.51 7.11 -27.35
CA PRO D 478 14.48 7.82 -28.13
C PRO D 478 13.93 9.04 -27.38
N ARG D 479 13.99 9.02 -26.05
CA ARG D 479 13.56 10.16 -25.26
C ARG D 479 14.58 11.29 -25.38
N LEU D 480 15.85 10.93 -25.58
CA LEU D 480 16.91 11.92 -25.74
C LEU D 480 16.80 12.64 -27.08
N GLU D 481 16.42 11.90 -28.12
CA GLU D 481 16.23 12.48 -29.44
C GLU D 481 15.11 13.50 -29.43
N GLU D 482 14.04 13.20 -28.70
CA GLU D 482 12.88 14.07 -28.61
C GLU D 482 13.20 15.36 -27.85
N MET D 483 14.26 15.31 -27.04
CA MET D 483 14.68 16.47 -26.26
C MET D 483 15.91 17.13 -26.86
N GLY D 484 16.36 16.60 -28.00
CA GLY D 484 17.54 17.13 -28.67
C GLY D 484 18.82 16.89 -27.90
N ALA D 485 18.82 15.85 -27.06
CA ALA D 485 19.99 15.51 -26.27
C ALA D 485 20.74 14.34 -26.91
N ARG D 486 21.98 14.13 -26.46
CA ARG D 486 22.83 13.08 -27.01
C ARG D 486 23.28 12.10 -25.94
N MET D 487 23.58 10.87 -26.36
CA MET D 487 24.16 9.87 -25.48
C MET D 487 25.60 9.59 -25.91
N LEU D 488 26.56 10.08 -25.12
CA LEU D 488 27.96 10.04 -25.50
C LEU D 488 28.68 8.75 -25.09
N LEU D 489 28.70 8.48 -23.79
CA LEU D 489 29.47 7.36 -23.27
C LEU D 489 28.69 6.50 -22.28
N GLN D 490 29.09 5.23 -22.17
CA GLN D 490 28.55 4.33 -21.17
C GLN D 490 29.68 3.51 -20.57
N VAL D 491 29.84 3.61 -19.25
CA VAL D 491 30.89 2.88 -18.56
C VAL D 491 30.30 1.84 -17.61
N HIS D 492 29.78 0.77 -18.20
CA HIS D 492 29.27 -0.39 -17.46
C HIS D 492 28.07 -0.07 -16.56
N ASP D 493 28.28 0.72 -15.52
CA ASP D 493 27.17 1.15 -14.67
C ASP D 493 27.05 2.67 -14.66
N GLU D 494 27.66 3.32 -15.65
CA GLU D 494 27.63 4.77 -15.74
C GLU D 494 27.13 5.23 -17.11
N LEU D 495 26.55 6.42 -17.15
CA LEU D 495 26.11 7.02 -18.42
C LEU D 495 26.50 8.49 -18.48
N VAL D 496 27.02 8.91 -19.63
CA VAL D 496 27.35 10.30 -19.86
C VAL D 496 26.55 10.86 -21.03
N LEU D 497 25.74 11.87 -20.75
CA LEU D 497 24.89 12.46 -21.79
C LEU D 497 25.36 13.86 -22.16
N GLU D 498 24.88 14.36 -23.30
CA GLU D 498 25.16 15.71 -23.73
C GLU D 498 23.88 16.41 -24.15
N ALA D 499 23.47 17.39 -23.34
CA ALA D 499 22.22 18.10 -23.60
C ALA D 499 22.47 19.61 -23.66
N PRO D 500 21.63 20.33 -24.41
CA PRO D 500 21.68 21.80 -24.43
C PRO D 500 21.57 22.36 -23.03
N LYS D 501 22.22 23.49 -22.77
CA LYS D 501 22.30 24.07 -21.43
C LYS D 501 20.90 24.33 -20.84
N GLU D 502 19.97 24.68 -21.72
CA GLU D 502 18.58 24.87 -21.33
C GLU D 502 17.94 23.57 -20.84
N ARG D 503 18.22 22.47 -21.54
CA ARG D 503 17.53 21.20 -21.33
C ARG D 503 18.28 20.30 -20.35
N ALA D 504 19.43 20.77 -19.87
CA ALA D 504 20.30 19.97 -19.02
C ALA D 504 19.59 19.41 -17.80
N GLU D 505 18.82 20.26 -17.12
CA GLU D 505 18.11 19.85 -15.92
C GLU D 505 17.01 18.84 -16.23
N ALA D 506 16.23 19.12 -17.26
CA ALA D 506 15.10 18.26 -17.63
C ALA D 506 15.57 16.90 -18.13
N VAL D 507 16.65 16.90 -18.91
CA VAL D 507 17.22 15.65 -19.42
C VAL D 507 17.75 14.81 -18.26
N ALA D 508 18.47 15.45 -17.35
CA ALA D 508 19.04 14.78 -16.19
C ALA D 508 17.95 14.14 -15.32
N ARG D 509 16.83 14.84 -15.18
CA ARG D 509 15.74 14.36 -14.36
C ARG D 509 15.03 13.19 -15.02
N LEU D 510 14.83 13.27 -16.33
CA LEU D 510 14.17 12.21 -17.07
C LEU D 510 15.07 10.98 -17.15
N ALA D 511 16.35 11.19 -17.40
CA ALA D 511 17.30 10.10 -17.55
C ALA D 511 17.45 9.32 -16.25
N LYS D 512 17.42 10.02 -15.12
CA LYS D 512 17.54 9.38 -13.82
C LYS D 512 16.40 8.40 -13.57
N GLU D 513 15.19 8.81 -13.94
CA GLU D 513 14.01 7.98 -13.71
C GLU D 513 13.97 6.77 -14.64
N VAL D 514 14.33 6.97 -15.90
CA VAL D 514 14.37 5.88 -16.88
C VAL D 514 15.35 4.80 -16.42
N MET D 515 16.48 5.24 -15.85
CA MET D 515 17.51 4.31 -15.39
C MET D 515 17.09 3.59 -14.09
N GLU D 516 16.38 4.30 -13.22
CA GLU D 516 15.97 3.72 -11.94
C GLU D 516 14.78 2.78 -12.10
N GLY D 517 13.87 3.11 -13.00
CA GLY D 517 12.66 2.33 -13.19
C GLY D 517 12.69 1.48 -14.45
N VAL D 518 13.88 1.13 -14.90
CA VAL D 518 14.04 0.35 -16.12
C VAL D 518 13.40 -1.03 -15.99
N TYR D 519 13.53 -1.62 -14.80
CA TYR D 519 12.94 -2.91 -14.50
C TYR D 519 12.91 -3.13 -12.98
N PRO D 520 11.78 -2.80 -12.35
CA PRO D 520 11.59 -2.83 -10.90
C PRO D 520 12.04 -4.15 -10.26
N LEU D 521 12.75 -4.04 -9.13
CA LEU D 521 13.26 -5.21 -8.43
C LEU D 521 12.71 -5.27 -7.00
N ALA D 522 13.20 -6.23 -6.23
CA ALA D 522 12.82 -6.34 -4.82
C ALA D 522 13.34 -5.15 -4.04
N VAL D 523 14.44 -4.57 -4.54
CA VAL D 523 15.01 -3.36 -3.97
C VAL D 523 14.96 -2.24 -5.00
N PRO D 524 14.92 -0.98 -4.53
CA PRO D 524 14.93 0.13 -5.48
C PRO D 524 16.32 0.35 -6.08
N LEU D 525 16.38 0.95 -7.26
CA LEU D 525 17.65 1.31 -7.88
C LEU D 525 17.89 2.80 -7.75
N GLU D 526 19.10 3.17 -7.35
CA GLU D 526 19.45 4.58 -7.19
C GLU D 526 20.45 5.03 -8.24
N VAL D 527 20.27 6.25 -8.75
CA VAL D 527 21.18 6.82 -9.72
C VAL D 527 21.60 8.23 -9.31
N GLU D 528 22.90 8.46 -9.22
CA GLU D 528 23.43 9.78 -8.89
C GLU D 528 23.67 10.59 -10.16
N VAL D 529 23.22 11.84 -10.14
CA VAL D 529 23.31 12.70 -11.32
C VAL D 529 24.24 13.88 -11.10
N GLY D 530 24.97 14.26 -12.14
CA GLY D 530 25.85 15.42 -12.09
C GLY D 530 25.89 16.17 -13.41
N ILE D 531 26.02 17.48 -13.35
CA ILE D 531 26.09 18.32 -14.53
C ILE D 531 27.23 19.32 -14.44
N GLY D 532 28.04 19.41 -15.50
CA GLY D 532 29.17 20.32 -15.51
C GLY D 532 29.72 20.59 -16.90
N GLU D 533 30.68 21.51 -16.97
CA GLU D 533 31.32 21.87 -18.23
C GLU D 533 32.06 20.69 -18.84
N ASP D 534 32.72 19.91 -17.99
CA ASP D 534 33.49 18.75 -18.45
C ASP D 534 33.12 17.50 -17.67
N TRP D 535 33.82 16.41 -17.96
CA TRP D 535 33.53 15.11 -17.37
C TRP D 535 33.85 15.08 -15.87
N LEU D 536 34.93 15.74 -15.47
CA LEU D 536 35.31 15.78 -14.06
C LEU D 536 34.34 16.64 -13.25
N SER D 537 33.97 17.79 -13.81
CA SER D 537 33.08 18.72 -13.13
C SER D 537 31.68 18.13 -12.97
N ALA D 538 31.22 17.43 -14.00
CA ALA D 538 29.89 16.84 -14.00
C ALA D 538 29.81 15.67 -13.02
N LYS D 539 30.61 14.64 -13.27
CA LYS D 539 30.61 13.44 -12.44
C LYS D 539 31.33 13.67 -11.13
N 1W5 E 12 37.98 -0.45 -11.53
P 1W5 E 12 35.89 4.07 -12.63
C1 1W5 E 12 34.76 -1.21 -13.19
C2 1W5 E 12 34.82 -2.65 -13.32
O2 1W5 E 12 34.00 -3.36 -13.80
N3 1W5 E 12 35.99 -3.24 -12.81
C4 1W5 E 12 37.03 -2.61 -12.24
N4 1W5 E 12 38.03 -3.40 -11.83
C5 1W5 E 12 36.95 -1.23 -12.13
C6 1W5 E 12 35.78 -0.55 -12.62
C1' 1W5 E 12 33.52 -0.63 -13.74
C2' 1W5 E 12 32.45 -0.30 -12.70
C3' 1W5 E 12 32.68 1.17 -12.44
O3' 1W5 E 12 31.51 1.81 -11.93
C4' 1W5 E 12 33.05 1.65 -13.84
O4' 1W5 E 12 33.85 0.59 -14.38
C5' 1W5 E 12 33.85 2.92 -13.87
O5' 1W5 E 12 34.89 2.85 -12.89
ON1 1W5 E 12 38.82 -1.00 -10.87
ON2 1W5 E 12 37.96 0.73 -11.73
OP1 1W5 E 12 35.14 5.36 -12.51
OP2 1W5 E 12 36.76 3.59 -11.50
P 1WA F 2 38.87 -13.68 -10.25
N1 1WA F 2 36.00 -6.17 -12.27
C2 1WA F 2 34.93 -6.87 -12.59
N2 1WA F 2 33.99 -6.24 -13.32
N3 1WA F 2 34.65 -8.16 -12.31
C4 1WA F 2 35.60 -8.71 -11.61
N5 1WA F 2 36.72 -8.11 -11.22
C6 1WA F 2 36.98 -6.74 -11.55
O6 1WA F 2 37.99 -6.24 -11.18
C7 1WA F 2 37.51 -9.01 -10.49
C8 1WA F 2 36.84 -10.15 -10.45
N9 1WA F 2 35.64 -9.98 -11.15
C1' 1WA F 2 34.56 -10.92 -11.40
C2' 1WA F 2 34.53 -11.43 -12.83
C3' 1WA F 2 35.41 -12.66 -12.78
O3' 1WA F 2 35.03 -13.59 -13.80
C4' 1WA F 2 35.13 -13.21 -11.38
O4' 1WA F 2 34.78 -12.07 -10.57
C5' 1WA F 2 36.27 -13.98 -10.75
O5' 1WA F 2 37.56 -13.51 -11.18
OP1 1WA F 2 38.94 -15.11 -9.77
OP2 1WA F 2 40.06 -13.08 -10.96
N LEU G 2 -41.37 -10.29 67.46
CA LEU G 2 -41.47 -11.42 68.38
C LEU G 2 -42.94 -11.80 68.60
N GLU G 3 -43.84 -10.96 68.08
CA GLU G 3 -45.27 -11.23 68.14
C GLU G 3 -45.83 -11.45 66.74
N GLU G 4 -46.21 -12.68 66.43
CA GLU G 4 -46.61 -13.03 65.07
C GLU G 4 -48.05 -12.64 64.76
N ALA G 5 -48.20 -11.74 63.78
CA ALA G 5 -49.50 -11.34 63.28
C ALA G 5 -49.63 -11.73 61.81
N PRO G 6 -50.86 -12.00 61.36
CA PRO G 6 -51.08 -12.46 59.98
C PRO G 6 -50.78 -11.42 58.91
N TRP G 7 -50.60 -11.89 57.67
CA TRP G 7 -50.45 -11.01 56.51
C TRP G 7 -51.83 -10.48 56.13
N PRO G 8 -51.90 -9.22 55.66
CA PRO G 8 -50.83 -8.24 55.38
C PRO G 8 -50.39 -7.44 56.60
N PRO G 9 -49.21 -6.81 56.52
CA PRO G 9 -48.71 -5.91 57.57
C PRO G 9 -49.28 -4.50 57.42
N PRO G 10 -49.21 -3.69 58.49
CA PRO G 10 -49.60 -2.28 58.37
C PRO G 10 -48.58 -1.52 57.52
N GLU G 11 -49.03 -0.50 56.80
CA GLU G 11 -48.13 0.25 55.95
C GLU G 11 -47.08 1.00 56.76
N GLY G 12 -45.87 1.11 56.19
CA GLY G 12 -44.76 1.73 56.88
C GLY G 12 -43.86 0.68 57.50
N ALA G 13 -44.28 -0.58 57.42
CA ALA G 13 -43.52 -1.69 57.97
C ALA G 13 -42.26 -1.96 57.17
N PHE G 14 -41.23 -2.46 57.85
CA PHE G 14 -39.98 -2.80 57.18
C PHE G 14 -40.03 -4.20 56.60
N VAL G 15 -39.68 -4.32 55.32
CA VAL G 15 -39.84 -5.58 54.60
C VAL G 15 -38.63 -6.50 54.79
N GLY G 16 -38.85 -7.80 54.62
CA GLY G 16 -37.79 -8.79 54.63
C GLY G 16 -38.10 -9.85 53.58
N PHE G 17 -37.07 -10.29 52.86
CA PHE G 17 -37.28 -11.25 51.78
C PHE G 17 -36.06 -12.14 51.56
N VAL G 18 -36.30 -13.32 51.00
CA VAL G 18 -35.24 -14.26 50.68
C VAL G 18 -35.32 -14.67 49.21
N LEU G 19 -34.20 -14.55 48.50
CA LEU G 19 -34.16 -14.89 47.08
C LEU G 19 -33.43 -16.22 46.85
N SER G 20 -33.73 -16.87 45.73
CA SER G 20 -33.06 -18.12 45.37
C SER G 20 -31.66 -17.84 44.85
N ARG G 21 -31.43 -16.58 44.46
CA ARG G 21 -30.12 -16.15 43.97
C ARG G 21 -30.02 -14.63 44.08
N LYS G 22 -28.81 -14.10 43.97
CA LYS G 22 -28.57 -12.68 44.19
C LYS G 22 -29.19 -11.79 43.12
N GLU G 23 -29.24 -12.26 41.88
CA GLU G 23 -29.80 -11.49 40.78
C GLU G 23 -31.32 -11.42 40.87
N PRO G 24 -31.85 -10.22 41.16
CA PRO G 24 -33.30 -10.03 41.39
C PRO G 24 -34.16 -10.34 40.17
N MET G 25 -33.60 -10.16 38.97
CA MET G 25 -34.33 -10.42 37.73
C MET G 25 -34.42 -11.91 37.44
N TRP G 26 -33.58 -12.70 38.10
CA TRP G 26 -33.55 -14.14 37.89
C TRP G 26 -33.92 -14.90 39.16
N ALA G 27 -34.15 -14.16 40.24
CA ALA G 27 -34.40 -14.76 41.54
C ALA G 27 -35.83 -15.25 41.70
N ASP G 28 -35.98 -16.42 42.32
CA ASP G 28 -37.28 -16.92 42.72
C ASP G 28 -37.56 -16.47 44.15
N LEU G 29 -38.60 -15.65 44.32
CA LEU G 29 -38.96 -15.16 45.64
C LEU G 29 -39.43 -16.29 46.54
N LEU G 30 -38.57 -16.70 47.46
CA LEU G 30 -38.83 -17.85 48.31
C LEU G 30 -39.69 -17.50 49.53
N ALA G 31 -39.45 -16.34 50.12
CA ALA G 31 -40.18 -15.92 51.31
C ALA G 31 -40.31 -14.41 51.39
N LEU G 32 -41.46 -13.95 51.85
CA LEU G 32 -41.71 -12.52 52.04
C LEU G 32 -42.22 -12.27 53.45
N ALA G 33 -41.75 -11.18 54.07
CA ALA G 33 -42.17 -10.85 55.43
C ALA G 33 -42.00 -9.36 55.72
N ALA G 34 -42.64 -8.89 56.78
CA ALA G 34 -42.54 -7.50 57.18
C ALA G 34 -42.64 -7.35 58.69
N ALA G 35 -42.04 -6.29 59.22
CA ALA G 35 -42.04 -6.05 60.66
C ALA G 35 -42.25 -4.57 60.99
N ARG G 36 -42.95 -4.30 62.08
CA ARG G 36 -43.19 -2.94 62.52
C ARG G 36 -43.63 -2.88 63.97
N GLY G 37 -42.74 -2.43 64.85
CA GLY G 37 -43.06 -2.16 66.23
C GLY G 37 -43.56 -3.34 67.04
N GLY G 38 -42.81 -4.43 67.06
CA GLY G 38 -43.13 -5.57 67.90
C GLY G 38 -43.82 -6.73 67.20
N ARG G 39 -44.50 -6.44 66.09
CA ARG G 39 -45.20 -7.48 65.36
C ARG G 39 -44.48 -7.87 64.06
N VAL G 40 -44.45 -9.16 63.78
CA VAL G 40 -43.84 -9.67 62.56
C VAL G 40 -44.88 -10.38 61.70
N HIS G 41 -44.96 -9.98 60.44
CA HIS G 41 -45.94 -10.55 59.51
C HIS G 41 -45.26 -11.38 58.44
N ARG G 42 -45.72 -12.61 58.26
CA ARG G 42 -45.13 -13.51 57.27
C ARG G 42 -46.12 -13.85 56.16
N ALA G 43 -45.61 -14.03 54.95
CA ALA G 43 -46.44 -14.32 53.79
C ALA G 43 -46.59 -15.81 53.56
N PRO G 44 -47.85 -16.30 53.53
CA PRO G 44 -48.14 -17.70 53.20
C PRO G 44 -47.64 -18.03 51.80
N GLU G 45 -47.85 -17.10 50.87
CA GLU G 45 -47.32 -17.22 49.52
C GLU G 45 -46.74 -15.87 49.11
N PRO G 46 -45.41 -15.83 48.92
CA PRO G 46 -44.63 -14.60 48.70
C PRO G 46 -45.10 -13.75 47.51
N TYR G 47 -45.28 -14.37 46.36
CA TYR G 47 -45.60 -13.64 45.13
C TYR G 47 -46.92 -12.88 45.21
N LYS G 48 -47.98 -13.56 45.64
CA LYS G 48 -49.29 -12.93 45.75
C LYS G 48 -49.27 -11.84 46.82
N ALA G 49 -48.53 -12.09 47.90
CA ALA G 49 -48.44 -11.16 49.01
C ALA G 49 -47.68 -9.89 48.64
N LEU G 50 -46.90 -9.97 47.56
CA LEU G 50 -46.11 -8.85 47.09
C LEU G 50 -46.99 -7.72 46.58
N ARG G 51 -48.26 -8.03 46.33
CA ARG G 51 -49.22 -7.07 45.82
C ARG G 51 -49.86 -6.25 46.95
N ASP G 52 -49.62 -6.65 48.19
CA ASP G 52 -50.21 -5.98 49.34
C ASP G 52 -49.34 -4.83 49.83
N LEU G 53 -48.06 -4.85 49.45
CA LEU G 53 -47.12 -3.83 49.88
C LEU G 53 -47.19 -2.60 48.97
N LYS G 54 -47.14 -1.42 49.57
CA LYS G 54 -47.13 -0.17 48.82
C LYS G 54 -45.69 0.29 48.56
N GLU G 55 -44.78 -0.11 49.44
CA GLU G 55 -43.39 0.32 49.34
C GLU G 55 -42.41 -0.76 49.81
N ALA G 56 -41.29 -0.86 49.13
CA ALA G 56 -40.21 -1.74 49.55
C ALA G 56 -39.29 -0.98 50.51
N ARG G 57 -39.42 -1.28 51.80
CA ARG G 57 -38.72 -0.54 52.84
C ARG G 57 -37.90 -1.47 53.73
N GLY G 58 -36.58 -1.38 53.64
CA GLY G 58 -35.71 -2.22 54.44
C GLY G 58 -34.38 -2.53 53.76
N LEU G 59 -33.70 -3.55 54.25
CA LEU G 59 -32.42 -3.96 53.69
C LEU G 59 -32.58 -4.49 52.26
N LEU G 60 -31.71 -4.03 51.37
CA LEU G 60 -31.73 -4.41 49.96
C LEU G 60 -33.08 -4.14 49.33
N ALA G 61 -33.65 -2.98 49.64
CA ALA G 61 -34.98 -2.60 49.19
C ALA G 61 -35.09 -2.57 47.66
N LYS G 62 -34.01 -2.15 47.00
CA LYS G 62 -34.01 -2.02 45.55
C LYS G 62 -34.18 -3.36 44.85
N ASP G 63 -33.51 -4.38 45.35
CA ASP G 63 -33.55 -5.70 44.74
C ASP G 63 -34.96 -6.30 44.74
N LEU G 64 -35.68 -6.12 45.85
CA LEU G 64 -37.06 -6.59 45.93
C LEU G 64 -37.94 -5.78 45.00
N SER G 65 -37.64 -4.49 44.89
CA SER G 65 -38.38 -3.60 44.00
C SER G 65 -38.21 -4.02 42.55
N VAL G 66 -37.00 -4.41 42.19
CA VAL G 66 -36.72 -4.88 40.83
C VAL G 66 -37.52 -6.14 40.52
N LEU G 67 -37.57 -7.06 41.47
CA LEU G 67 -38.32 -8.29 41.31
C LEU G 67 -39.82 -7.99 41.16
N ALA G 68 -40.28 -6.96 41.86
CA ALA G 68 -41.67 -6.55 41.79
C ALA G 68 -42.00 -5.97 40.42
N LEU G 69 -41.08 -5.20 39.87
CA LEU G 69 -41.24 -4.62 38.54
C LEU G 69 -41.27 -5.74 37.49
N ARG G 70 -40.53 -6.81 37.76
CA ARG G 70 -40.51 -7.98 36.89
C ARG G 70 -41.87 -8.67 36.90
N GLU G 71 -42.55 -8.60 38.04
CA GLU G 71 -43.87 -9.21 38.18
C GLU G 71 -44.98 -8.23 37.83
N GLY G 72 -44.62 -7.14 37.17
CA GLY G 72 -45.59 -6.13 36.75
C GLY G 72 -46.21 -5.38 37.91
N LEU G 73 -45.42 -5.17 38.96
CA LEU G 73 -45.91 -4.46 40.14
C LEU G 73 -45.15 -3.15 40.36
N GLY G 74 -45.88 -2.07 40.60
CA GLY G 74 -45.28 -0.78 40.88
C GLY G 74 -44.93 -0.65 42.35
N LEU G 75 -43.82 -1.26 42.74
CA LEU G 75 -43.38 -1.26 44.13
C LEU G 75 -42.03 -0.56 44.28
N PRO G 76 -42.05 0.75 44.52
CA PRO G 76 -40.82 1.54 44.64
C PRO G 76 -40.08 1.27 45.96
N PRO G 77 -38.74 1.31 45.93
CA PRO G 77 -37.94 1.11 47.13
C PRO G 77 -37.83 2.39 47.96
N GLY G 78 -38.09 2.27 49.26
CA GLY G 78 -38.02 3.41 50.15
C GLY G 78 -36.75 3.42 50.99
N ASP G 79 -36.93 3.49 52.30
CA ASP G 79 -35.79 3.51 53.22
C ASP G 79 -34.98 2.22 53.16
N ASP G 80 -33.66 2.38 53.16
CA ASP G 80 -32.75 1.24 53.17
C ASP G 80 -31.60 1.53 54.14
N PRO G 81 -31.50 0.74 55.21
CA PRO G 81 -30.42 0.88 56.20
C PRO G 81 -29.04 0.79 55.57
N MET G 82 -28.91 0.06 54.47
CA MET G 82 -27.65 -0.05 53.76
C MET G 82 -27.17 1.30 53.25
N LEU G 83 -28.12 2.12 52.79
CA LEU G 83 -27.80 3.44 52.27
C LEU G 83 -27.37 4.38 53.40
N LEU G 84 -27.97 4.22 54.57
CA LEU G 84 -27.58 4.99 55.75
C LEU G 84 -26.16 4.62 56.16
N ALA G 85 -25.86 3.33 56.17
CA ALA G 85 -24.56 2.82 56.55
C ALA G 85 -23.50 3.22 55.55
N TYR G 86 -23.86 3.22 54.27
CA TYR G 86 -22.94 3.55 53.19
C TYR G 86 -22.48 5.01 53.28
N LEU G 87 -23.39 5.89 53.70
CA LEU G 87 -23.08 7.30 53.84
C LEU G 87 -22.22 7.55 55.07
N LEU G 88 -22.52 6.85 56.16
CA LEU G 88 -21.73 6.94 57.38
C LEU G 88 -20.30 6.45 57.14
N ASP G 89 -20.18 5.35 56.41
CA ASP G 89 -18.88 4.76 56.10
C ASP G 89 -19.02 3.85 54.88
N PRO G 90 -18.46 4.27 53.74
CA PRO G 90 -18.57 3.54 52.46
C PRO G 90 -17.97 2.13 52.49
N SER G 91 -17.33 1.78 53.60
CA SER G 91 -16.83 0.42 53.78
C SER G 91 -17.98 -0.53 54.09
N ASN G 92 -19.12 0.05 54.49
CA ASN G 92 -20.34 -0.73 54.69
C ASN G 92 -20.98 -1.07 53.36
N THR G 93 -20.82 -2.33 52.93
CA THR G 93 -21.25 -2.73 51.60
C THR G 93 -22.25 -3.88 51.60
N THR G 94 -22.22 -4.68 52.66
CA THR G 94 -23.10 -5.85 52.76
C THR G 94 -23.91 -5.82 54.04
N PRO G 95 -25.12 -6.42 54.02
CA PRO G 95 -25.94 -6.53 55.22
C PRO G 95 -25.23 -7.24 56.35
N GLU G 96 -24.44 -8.26 56.02
CA GLU G 96 -23.66 -8.99 57.02
C GLU G 96 -22.68 -8.06 57.73
N GLY G 97 -21.92 -7.31 56.94
CA GLY G 97 -20.94 -6.38 57.48
C GLY G 97 -21.57 -5.31 58.34
N VAL G 98 -22.70 -4.78 57.89
CA VAL G 98 -23.43 -3.76 58.64
C VAL G 98 -23.96 -4.32 59.96
N ALA G 99 -24.55 -5.50 59.89
CA ALA G 99 -25.09 -6.15 61.09
C ALA G 99 -23.99 -6.50 62.08
N ARG G 100 -22.87 -7.01 61.59
CA ARG G 100 -21.77 -7.39 62.47
C ARG G 100 -21.09 -6.18 63.07
N ARG G 101 -21.27 -5.02 62.46
CA ARG G 101 -20.65 -3.79 62.96
C ARG G 101 -21.58 -3.04 63.91
N TYR G 102 -22.86 -2.96 63.55
CA TYR G 102 -23.79 -2.13 64.29
C TYR G 102 -24.79 -2.91 65.15
N GLY G 103 -24.74 -4.24 65.04
CA GLY G 103 -25.60 -5.09 65.84
C GLY G 103 -26.59 -5.90 65.03
N GLY G 104 -27.11 -6.96 65.64
CA GLY G 104 -28.05 -7.85 64.96
C GLY G 104 -27.34 -8.94 64.21
N GLU G 105 -28.08 -9.70 63.41
CA GLU G 105 -27.49 -10.77 62.61
C GLU G 105 -28.27 -11.00 61.32
N TRP G 106 -27.54 -11.06 60.21
CA TRP G 106 -28.12 -11.30 58.90
C TRP G 106 -28.29 -12.79 58.64
N THR G 107 -29.49 -13.31 58.90
CA THR G 107 -29.76 -14.73 58.71
C THR G 107 -30.36 -15.01 57.35
N GLU G 108 -31.08 -16.13 57.24
CA GLU G 108 -31.69 -16.53 55.98
C GLU G 108 -33.21 -16.59 56.08
N GLU G 109 -33.74 -16.08 57.18
CA GLU G 109 -35.19 -16.08 57.39
C GLU G 109 -35.77 -14.70 57.12
N ALA G 110 -36.85 -14.67 56.33
CA ALA G 110 -37.44 -13.41 55.86
C ALA G 110 -38.01 -12.58 57.02
N GLY G 111 -38.61 -13.25 57.99
CA GLY G 111 -39.18 -12.56 59.14
C GLY G 111 -38.12 -11.86 59.96
N GLU G 112 -36.97 -12.50 60.10
CA GLU G 112 -35.86 -11.94 60.87
C GLU G 112 -35.20 -10.78 60.12
N ARG G 113 -35.07 -10.91 58.81
CA ARG G 113 -34.49 -9.86 57.98
C ARG G 113 -35.32 -8.59 58.06
N ALA G 114 -36.65 -8.75 58.11
CA ALA G 114 -37.55 -7.63 58.26
C ALA G 114 -37.37 -6.98 59.64
N ALA G 115 -37.25 -7.82 60.66
CA ALA G 115 -37.02 -7.34 62.02
C ALA G 115 -35.66 -6.68 62.13
N LEU G 116 -34.69 -7.23 61.42
CA LEU G 116 -33.33 -6.67 61.38
C LEU G 116 -33.32 -5.32 60.68
N SER G 117 -34.07 -5.22 59.58
CA SER G 117 -34.15 -3.99 58.81
C SER G 117 -34.71 -2.84 59.65
N GLU G 118 -35.70 -3.17 60.49
CA GLU G 118 -36.32 -2.17 61.34
C GLU G 118 -35.35 -1.63 62.39
N ARG G 119 -34.68 -2.54 63.10
CA ARG G 119 -33.75 -2.16 64.15
C ARG G 119 -32.50 -1.49 63.61
N LEU G 120 -32.03 -1.94 62.46
CA LEU G 120 -30.85 -1.36 61.83
C LEU G 120 -31.10 0.07 61.39
N PHE G 121 -32.29 0.32 60.84
CA PHE G 121 -32.64 1.67 60.40
C PHE G 121 -32.71 2.61 61.59
N ALA G 122 -33.39 2.19 62.65
CA ALA G 122 -33.52 2.98 63.86
C ALA G 122 -32.16 3.30 64.47
N ASN G 123 -31.25 2.33 64.41
CA ASN G 123 -29.91 2.51 64.95
C ASN G 123 -29.08 3.47 64.11
N LEU G 124 -29.07 3.26 62.80
CA LEU G 124 -28.27 4.06 61.89
C LEU G 124 -28.83 5.47 61.72
N TRP G 125 -30.14 5.61 61.84
CA TRP G 125 -30.78 6.92 61.72
C TRP G 125 -30.46 7.77 62.95
N GLY G 126 -30.30 7.11 64.09
CA GLY G 126 -29.92 7.80 65.32
C GLY G 126 -28.48 8.29 65.25
N ARG G 127 -27.62 7.50 64.62
CA ARG G 127 -26.22 7.87 64.44
C ARG G 127 -26.08 9.04 63.47
N LEU G 128 -27.00 9.13 62.52
CA LEU G 128 -26.94 10.15 61.48
C LEU G 128 -27.55 11.47 61.93
N GLU G 129 -27.98 11.54 63.19
CA GLU G 129 -28.53 12.77 63.72
C GLU G 129 -27.45 13.84 63.85
N GLY G 130 -27.74 15.02 63.30
CA GLY G 130 -26.78 16.11 63.30
C GLY G 130 -26.01 16.20 61.99
N GLU G 131 -25.80 15.05 61.36
CA GLU G 131 -25.09 15.00 60.08
C GLU G 131 -25.99 15.45 58.95
N GLU G 132 -26.18 16.76 58.83
CA GLU G 132 -27.14 17.31 57.87
C GLU G 132 -26.69 17.15 56.43
N ARG G 133 -25.38 17.17 56.19
CA ARG G 133 -24.86 16.99 54.83
C ARG G 133 -25.07 15.55 54.37
N LEU G 134 -24.84 14.61 55.28
CA LEU G 134 -25.04 13.19 54.99
C LEU G 134 -26.51 12.87 54.81
N LEU G 135 -27.35 13.50 55.61
CA LEU G 135 -28.80 13.30 55.50
C LEU G 135 -29.34 13.90 54.22
N TRP G 136 -28.65 14.93 53.72
CA TRP G 136 -29.05 15.55 52.46
C TRP G 136 -28.77 14.60 51.29
N LEU G 137 -27.62 13.95 51.33
CA LEU G 137 -27.25 12.97 50.30
C LEU G 137 -28.22 11.80 50.29
N TYR G 138 -28.76 11.48 51.46
CA TYR G 138 -29.71 10.38 51.57
C TYR G 138 -31.04 10.73 50.93
N ARG G 139 -31.59 11.87 51.33
CA ARG G 139 -32.92 12.28 50.87
C ARG G 139 -32.93 12.77 49.43
N GLU G 140 -31.89 13.52 49.04
CA GLU G 140 -31.88 14.18 47.75
C GLU G 140 -31.19 13.38 46.65
N VAL G 141 -30.37 12.40 47.02
CA VAL G 141 -29.61 11.64 46.05
C VAL G 141 -29.80 10.13 46.17
N GLU G 142 -29.32 9.55 47.27
CA GLU G 142 -29.22 8.09 47.38
C GLU G 142 -30.57 7.37 47.38
N ARG G 143 -31.48 7.78 48.26
CA ARG G 143 -32.79 7.14 48.35
C ARG G 143 -33.63 7.30 47.06
N PRO G 144 -33.68 8.51 46.47
CA PRO G 144 -34.43 8.57 45.22
C PRO G 144 -33.75 7.85 44.06
N LEU G 145 -32.42 7.71 44.12
CA LEU G 145 -31.69 7.00 43.06
C LEU G 145 -32.03 5.51 43.06
N SER G 146 -32.20 4.94 44.25
CA SER G 146 -32.56 3.54 44.38
C SER G 146 -33.87 3.25 43.67
N ALA G 147 -34.76 4.23 43.67
CA ALA G 147 -36.02 4.14 42.94
C ALA G 147 -35.75 4.20 41.44
N VAL G 148 -34.83 5.07 41.04
CA VAL G 148 -34.44 5.20 39.64
C VAL G 148 -33.75 3.92 39.16
N LEU G 149 -32.78 3.46 39.93
CA LEU G 149 -32.02 2.26 39.59
C LEU G 149 -32.90 1.01 39.53
N ALA G 150 -33.98 1.02 40.31
CA ALA G 150 -34.94 -0.08 40.30
C ALA G 150 -35.56 -0.23 38.92
N HIS G 151 -36.03 0.88 38.36
CA HIS G 151 -36.62 0.88 37.02
C HIS G 151 -35.58 0.59 35.95
N VAL G 152 -34.37 1.11 36.14
CA VAL G 152 -33.28 0.93 35.18
C VAL G 152 -32.93 -0.55 35.03
N GLU G 153 -32.75 -1.24 36.15
CA GLU G 153 -32.41 -2.66 36.14
C GLU G 153 -33.51 -3.50 35.51
N ALA G 154 -34.76 -3.15 35.82
CA ALA G 154 -35.90 -3.90 35.32
C ALA G 154 -36.17 -3.63 33.84
N THR G 155 -35.69 -2.51 33.35
CA THR G 155 -35.86 -2.16 31.94
C THR G 155 -34.98 -3.04 31.06
N GLY G 156 -33.72 -3.17 31.42
CA GLY G 156 -32.78 -3.98 30.66
C GLY G 156 -32.39 -3.33 29.35
N VAL G 157 -31.53 -4.00 28.60
CA VAL G 157 -31.09 -3.50 27.30
C VAL G 157 -31.29 -4.56 26.22
N ARG G 158 -31.68 -4.13 25.03
CA ARG G 158 -31.89 -5.03 23.91
C ARG G 158 -30.54 -5.45 23.32
N LEU G 159 -30.39 -6.74 23.05
CA LEU G 159 -29.12 -7.28 22.58
C LEU G 159 -29.28 -8.05 21.27
N ASP G 160 -28.48 -7.69 20.28
CA ASP G 160 -28.50 -8.40 18.99
C ASP G 160 -27.78 -9.73 19.15
N VAL G 161 -28.52 -10.74 19.61
CA VAL G 161 -27.96 -12.06 19.90
C VAL G 161 -27.38 -12.73 18.67
N ALA G 162 -28.12 -12.69 17.56
CA ALA G 162 -27.69 -13.31 16.31
C ALA G 162 -26.36 -12.72 15.83
N TYR G 163 -26.19 -11.43 16.06
CA TYR G 163 -24.95 -10.74 15.71
C TYR G 163 -23.78 -11.28 16.51
N LEU G 164 -24.04 -11.57 17.79
CA LEU G 164 -23.00 -12.09 18.68
C LEU G 164 -22.67 -13.55 18.38
N ARG G 165 -23.68 -14.33 18.04
CA ARG G 165 -23.49 -15.73 17.67
C ARG G 165 -22.61 -15.82 16.43
N ALA G 166 -22.90 -14.97 15.45
CA ALA G 166 -22.12 -14.91 14.23
C ALA G 166 -20.71 -14.40 14.52
N LEU G 167 -20.61 -13.42 15.41
CA LEU G 167 -19.32 -12.88 15.81
C LEU G 167 -18.52 -13.92 16.58
N SER G 168 -19.23 -14.77 17.34
CA SER G 168 -18.59 -15.82 18.12
C SER G 168 -17.88 -16.81 17.23
N LEU G 169 -18.54 -17.23 16.15
CA LEU G 169 -17.97 -18.19 15.21
C LEU G 169 -16.76 -17.62 14.49
N GLU G 170 -16.84 -16.35 14.12
CA GLU G 170 -15.76 -15.68 13.41
C GLU G 170 -14.52 -15.56 14.29
N VAL G 171 -14.72 -15.20 15.55
CA VAL G 171 -13.62 -15.07 16.49
C VAL G 171 -13.01 -16.44 16.80
N ALA G 172 -13.87 -17.45 16.91
CA ALA G 172 -13.44 -18.81 17.22
C ALA G 172 -12.45 -19.34 16.19
N GLU G 173 -12.70 -19.06 14.92
CA GLU G 173 -11.80 -19.48 13.84
C GLU G 173 -10.44 -18.81 13.97
N GLU G 174 -10.46 -17.51 14.23
CA GLU G 174 -9.24 -16.72 14.37
C GLU G 174 -8.44 -17.16 15.59
N ILE G 175 -9.15 -17.58 16.63
CA ILE G 175 -8.51 -18.08 17.85
C ILE G 175 -7.79 -19.40 17.58
N ALA G 176 -8.49 -20.33 16.95
CA ALA G 176 -7.90 -21.63 16.61
C ALA G 176 -6.72 -21.47 15.66
N ARG G 177 -6.79 -20.45 14.80
CA ARG G 177 -5.73 -20.15 13.86
C ARG G 177 -4.48 -19.69 14.59
N LEU G 178 -4.67 -18.86 15.62
CA LEU G 178 -3.56 -18.37 16.42
C LEU G 178 -2.95 -19.47 17.29
N GLU G 179 -3.81 -20.33 17.83
CA GLU G 179 -3.37 -21.40 18.71
C GLU G 179 -2.46 -22.40 17.99
N ALA G 180 -2.80 -22.67 16.73
CA ALA G 180 -2.02 -23.62 15.92
C ALA G 180 -0.61 -23.10 15.66
N GLU G 181 -0.50 -21.78 15.48
CA GLU G 181 0.80 -21.16 15.22
C GLU G 181 1.64 -21.11 16.48
N VAL G 182 1.00 -20.88 17.62
CA VAL G 182 1.68 -20.89 18.90
C VAL G 182 2.20 -22.29 19.20
N PHE G 183 1.36 -23.29 18.95
CA PHE G 183 1.76 -24.70 19.14
C PHE G 183 2.94 -25.06 18.24
N ARG G 184 2.95 -24.49 17.04
CA ARG G 184 4.02 -24.75 16.08
C ARG G 184 5.34 -24.18 16.57
N LEU G 185 5.32 -22.91 16.96
CA LEU G 185 6.51 -22.22 17.43
C LEU G 185 7.02 -22.81 18.75
N ALA G 186 6.09 -23.26 19.59
CA ALA G 186 6.45 -23.88 20.86
C ALA G 186 7.00 -25.29 20.63
N GLY G 187 6.58 -25.91 19.55
CA GLY G 187 7.01 -27.24 19.21
C GLY G 187 6.14 -28.32 19.83
N HIS G 188 5.15 -27.90 20.61
CA HIS G 188 4.24 -28.82 21.28
C HIS G 188 3.00 -28.10 21.77
N PRO G 189 1.85 -28.79 21.80
CA PRO G 189 0.60 -28.19 22.27
C PRO G 189 0.51 -28.08 23.79
N PHE G 190 0.04 -26.94 24.27
CA PHE G 190 -0.15 -26.73 25.70
C PHE G 190 -1.33 -25.78 25.93
N ASN G 191 -1.83 -25.72 27.16
CA ASN G 191 -2.93 -24.83 27.46
C ASN G 191 -2.48 -23.37 27.47
N LEU G 192 -2.85 -22.64 26.43
CA LEU G 192 -2.43 -21.24 26.28
C LEU G 192 -3.17 -20.35 27.26
N ASN G 193 -4.30 -20.84 27.77
CA ASN G 193 -5.08 -20.11 28.77
C ASN G 193 -4.49 -20.27 30.17
N SER G 194 -3.66 -21.30 30.35
CA SER G 194 -2.99 -21.55 31.62
C SER G 194 -1.70 -20.73 31.72
N ARG G 195 -1.65 -19.80 32.67
CA ARG G 195 -0.49 -18.94 32.82
CA ARG G 195 -0.49 -18.94 32.83
C ARG G 195 0.70 -19.71 33.41
N ASP G 196 0.41 -20.80 34.12
CA ASP G 196 1.46 -21.62 34.69
C ASP G 196 2.25 -22.31 33.58
N GLN G 197 1.53 -22.84 32.60
CA GLN G 197 2.16 -23.53 31.48
C GLN G 197 2.88 -22.55 30.56
N LEU G 198 2.28 -21.39 30.36
CA LEU G 198 2.85 -20.39 29.46
C LEU G 198 4.20 -19.89 29.97
N GLU G 199 4.32 -19.77 31.29
CA GLU G 199 5.54 -19.32 31.93
C GLU G 199 6.72 -20.21 31.56
N ARG G 200 6.52 -21.52 31.66
CA ARG G 200 7.57 -22.49 31.38
C ARG G 200 7.94 -22.53 29.91
N VAL G 201 6.92 -22.54 29.04
CA VAL G 201 7.13 -22.53 27.61
C VAL G 201 7.96 -21.31 27.20
N LEU G 202 7.63 -20.16 27.77
CA LEU G 202 8.32 -18.92 27.44
C LEU G 202 9.68 -18.79 28.13
N PHE G 203 9.69 -18.86 29.46
CA PHE G 203 10.88 -18.52 30.23
C PHE G 203 11.84 -19.68 30.48
N ASP G 204 11.33 -20.91 30.41
CA ASP G 204 12.18 -22.09 30.60
C ASP G 204 12.59 -22.72 29.26
N GLU G 205 11.58 -23.18 28.52
CA GLU G 205 11.83 -23.88 27.26
C GLU G 205 12.48 -22.97 26.21
N LEU G 206 11.78 -21.90 25.84
CA LEU G 206 12.29 -20.99 24.82
C LEU G 206 13.39 -20.09 25.36
N GLY G 207 13.58 -20.12 26.68
CA GLY G 207 14.65 -19.37 27.32
C GLY G 207 14.53 -17.87 27.14
N LEU G 208 13.37 -17.33 27.46
CA LEU G 208 13.12 -15.89 27.35
C LEU G 208 13.32 -15.20 28.70
N PRO G 209 13.82 -13.96 28.67
CA PRO G 209 14.05 -13.19 29.90
C PRO G 209 12.78 -12.92 30.69
N ALA G 210 12.78 -13.32 31.96
CA ALA G 210 11.65 -13.07 32.85
C ALA G 210 11.80 -11.73 33.56
N ILE G 211 10.93 -10.79 33.23
CA ILE G 211 11.04 -9.43 33.74
C ILE G 211 10.49 -9.30 35.16
N GLY G 212 9.17 -9.37 35.31
CA GLY G 212 8.54 -9.13 36.59
C GLY G 212 7.95 -10.36 37.24
N LYS G 213 7.75 -10.29 38.55
CA LYS G 213 7.14 -11.37 39.31
C LYS G 213 5.67 -11.07 39.58
N THR G 214 4.93 -12.11 39.97
CA THR G 214 3.54 -11.93 40.38
C THR G 214 3.51 -11.43 41.81
N GLU G 215 2.38 -10.86 42.23
CA GLU G 215 2.32 -10.12 43.48
C GLU G 215 2.34 -10.99 44.73
N LYS G 216 1.58 -12.08 44.73
CA LYS G 216 1.37 -12.85 45.96
C LYS G 216 2.13 -14.18 46.02
N THR G 217 2.34 -14.80 44.86
CA THR G 217 2.98 -16.11 44.83
C THR G 217 4.40 -16.07 44.28
N GLY G 218 4.82 -14.90 43.82
CA GLY G 218 6.19 -14.70 43.35
C GLY G 218 6.51 -15.44 42.06
N LYS G 219 5.49 -15.83 41.32
CA LYS G 219 5.68 -16.49 40.04
C LYS G 219 6.15 -15.48 38.99
N ARG G 220 6.78 -15.97 37.93
CA ARG G 220 7.24 -15.10 36.85
C ARG G 220 6.05 -14.64 36.01
N SER G 221 5.81 -13.34 36.01
CA SER G 221 4.61 -12.77 35.37
C SER G 221 4.64 -12.91 33.85
N THR G 222 3.48 -13.26 33.28
CA THR G 222 3.31 -13.31 31.85
C THR G 222 2.24 -12.31 31.42
N SER G 223 2.18 -11.18 32.12
CA SER G 223 1.20 -10.14 31.84
C SER G 223 1.46 -9.49 30.49
N ALA G 224 0.50 -8.73 30.00
CA ALA G 224 0.62 -8.05 28.72
C ALA G 224 1.71 -6.99 28.75
N ALA G 225 1.90 -6.38 29.92
CA ALA G 225 2.93 -5.37 30.09
C ALA G 225 4.32 -5.99 29.99
N VAL G 226 4.48 -7.17 30.56
CA VAL G 226 5.75 -7.89 30.54
C VAL G 226 6.05 -8.41 29.14
N LEU G 227 5.05 -9.02 28.50
CA LEU G 227 5.24 -9.65 27.19
C LEU G 227 5.43 -8.63 26.08
N GLU G 228 4.96 -7.40 26.28
CA GLU G 228 5.09 -6.35 25.28
C GLU G 228 6.55 -6.03 24.98
N ALA G 229 7.42 -6.33 25.96
CA ALA G 229 8.85 -6.13 25.79
C ALA G 229 9.45 -7.16 24.85
N LEU G 230 9.02 -8.41 24.98
CA LEU G 230 9.52 -9.49 24.14
C LEU G 230 8.65 -9.65 22.90
N ARG G 231 8.08 -8.56 22.42
CA ARG G 231 7.12 -8.60 21.33
C ARG G 231 7.75 -9.07 20.02
N GLU G 232 9.06 -8.88 19.89
CA GLU G 232 9.76 -9.35 18.70
C GLU G 232 10.98 -10.19 19.07
N ALA G 233 11.23 -10.33 20.38
CA ALA G 233 12.25 -11.23 20.87
C ALA G 233 11.86 -12.66 20.49
N HIS G 234 10.56 -12.87 20.35
CA HIS G 234 10.02 -14.11 19.82
C HIS G 234 8.67 -13.82 19.17
N ALA G 235 8.43 -14.41 18.00
CA ALA G 235 7.18 -14.19 17.29
C ALA G 235 6.01 -14.90 17.97
N ILE G 236 6.34 -15.78 18.90
CA ILE G 236 5.33 -16.51 19.65
C ILE G 236 4.63 -15.58 20.63
N VAL G 237 5.34 -14.55 21.08
CA VAL G 237 4.80 -13.59 22.03
C VAL G 237 3.71 -12.74 21.38
N GLU G 238 4.00 -12.24 20.18
CA GLU G 238 3.04 -11.43 19.43
C GLU G 238 1.73 -12.17 19.21
N LYS G 239 1.82 -13.46 18.89
CA LYS G 239 0.64 -14.28 18.64
C LYS G 239 -0.12 -14.57 19.94
N ILE G 240 0.61 -14.76 21.02
CA ILE G 240 0.01 -15.00 22.33
C ILE G 240 -0.82 -13.81 22.78
N LEU G 241 -0.26 -12.61 22.63
CA LEU G 241 -0.92 -11.39 23.06
C LEU G 241 -2.16 -11.09 22.20
N GLN G 242 -2.12 -11.52 20.94
CA GLN G 242 -3.30 -11.44 20.08
C GLN G 242 -4.32 -12.48 20.52
N TYR G 243 -3.83 -13.66 20.87
CA TYR G 243 -4.66 -14.74 21.37
C TYR G 243 -5.34 -14.34 22.68
N ARG G 244 -4.60 -13.61 23.51
CA ARG G 244 -5.11 -13.14 24.80
C ARG G 244 -6.32 -12.23 24.64
N GLU G 245 -6.26 -11.30 23.70
CA GLU G 245 -7.34 -10.35 23.50
C GLU G 245 -8.60 -11.03 22.98
N LEU G 246 -8.44 -11.91 22.00
CA LEU G 246 -9.57 -12.63 21.41
C LEU G 246 -10.29 -13.49 22.42
N THR G 247 -9.52 -14.27 23.19
CA THR G 247 -10.09 -15.14 24.21
C THR G 247 -10.71 -14.32 25.35
N LYS G 248 -10.16 -13.14 25.57
CA LYS G 248 -10.69 -12.23 26.59
C LYS G 248 -12.09 -11.77 26.22
N LEU G 249 -12.22 -11.22 25.01
CA LEU G 249 -13.50 -10.67 24.56
C LEU G 249 -14.54 -11.75 24.31
N LYS G 250 -14.09 -12.95 23.98
CA LYS G 250 -14.99 -14.05 23.69
C LYS G 250 -15.55 -14.69 24.96
N SER G 251 -14.66 -14.99 25.91
CA SER G 251 -15.05 -15.71 27.12
C SER G 251 -15.78 -14.82 28.12
N THR G 252 -15.61 -13.51 28.00
CA THR G 252 -16.20 -12.58 28.96
C THR G 252 -17.48 -11.93 28.45
N TYR G 253 -17.52 -11.65 27.15
CA TYR G 253 -18.62 -10.87 26.59
C TYR G 253 -19.40 -11.59 25.49
N ILE G 254 -18.69 -11.96 24.42
CA ILE G 254 -19.33 -12.52 23.23
C ILE G 254 -20.17 -13.77 23.52
N ASP G 255 -19.65 -14.68 24.32
CA ASP G 255 -20.34 -15.93 24.64
C ASP G 255 -21.33 -15.83 25.82
N PRO G 256 -20.94 -15.21 26.95
CA PRO G 256 -21.87 -15.26 28.09
C PRO G 256 -23.15 -14.43 27.91
N LEU G 257 -23.02 -13.22 27.37
CA LEU G 257 -24.15 -12.28 27.27
C LEU G 257 -25.40 -12.80 26.57
N PRO G 258 -25.25 -13.52 25.42
CA PRO G 258 -26.47 -14.02 24.79
C PRO G 258 -27.27 -15.01 25.64
N GLU G 259 -26.60 -15.65 26.59
CA GLU G 259 -27.23 -16.64 27.46
C GLU G 259 -28.05 -15.98 28.58
N LEU G 260 -27.85 -14.68 28.77
CA LEU G 260 -28.48 -13.98 29.89
C LEU G 260 -29.71 -13.17 29.46
N ILE G 261 -30.21 -13.43 28.25
CA ILE G 261 -31.41 -12.76 27.78
C ILE G 261 -32.64 -13.27 28.56
N HIS G 262 -33.34 -12.35 29.20
CA HIS G 262 -34.48 -12.72 30.04
C HIS G 262 -35.71 -13.07 29.19
N PRO G 263 -36.42 -14.15 29.57
CA PRO G 263 -37.58 -14.65 28.82
C PRO G 263 -38.75 -13.68 28.73
N ARG G 264 -39.12 -13.04 29.84
CA ARG G 264 -40.31 -12.21 29.88
C ARG G 264 -40.08 -10.79 29.38
N THR G 265 -38.81 -10.41 29.23
CA THR G 265 -38.47 -9.06 28.76
C THR G 265 -37.79 -9.09 27.40
N GLY G 266 -37.11 -10.19 27.11
CA GLY G 266 -36.38 -10.33 25.86
C GLY G 266 -35.16 -9.43 25.81
N ARG G 267 -34.72 -8.98 26.98
CA ARG G 267 -33.60 -8.04 27.08
C ARG G 267 -32.56 -8.50 28.09
N LEU G 268 -31.40 -7.85 28.07
CA LEU G 268 -30.31 -8.16 28.99
C LEU G 268 -30.37 -7.26 30.22
N HIS G 269 -30.35 -7.86 31.41
CA HIS G 269 -30.50 -7.10 32.65
C HIS G 269 -29.24 -7.16 33.52
N THR G 270 -28.79 -5.99 33.96
CA THR G 270 -27.66 -5.89 34.86
C THR G 270 -28.10 -5.41 36.24
N ARG G 271 -27.17 -5.40 37.18
CA ARG G 271 -27.43 -4.86 38.51
C ARG G 271 -26.56 -3.65 38.76
N PHE G 272 -27.14 -2.59 39.31
CA PHE G 272 -26.38 -1.41 39.67
C PHE G 272 -26.25 -1.29 41.17
N ASN G 273 -25.15 -1.79 41.71
CA ASN G 273 -24.90 -1.80 43.14
C ASN G 273 -24.64 -0.40 43.67
N GLN G 274 -25.40 -0.01 44.68
CA GLN G 274 -25.38 1.36 45.19
C GLN G 274 -24.43 1.51 46.38
N THR G 275 -24.08 0.39 47.01
CA THR G 275 -23.19 0.39 48.15
C THR G 275 -22.05 -0.60 47.96
N ALA G 276 -21.14 -0.29 47.04
CA ALA G 276 -20.08 -1.24 46.69
C ALA G 276 -18.72 -0.59 46.47
N THR G 277 -18.68 0.74 46.43
CA THR G 277 -17.42 1.45 46.19
C THR G 277 -17.04 2.34 47.37
N ALA G 278 -15.78 2.75 47.39
CA ALA G 278 -15.26 3.57 48.50
C ALA G 278 -15.38 5.06 48.19
N THR G 279 -15.65 5.40 46.93
CA THR G 279 -15.70 6.79 46.52
C THR G 279 -17.13 7.31 46.36
N GLY G 280 -18.09 6.38 46.36
CA GLY G 280 -19.48 6.75 46.18
C GLY G 280 -19.96 6.44 44.78
N ARG G 281 -19.10 5.80 43.99
CA ARG G 281 -19.47 5.37 42.64
C ARG G 281 -20.48 4.24 42.67
N LEU G 282 -21.04 3.95 41.50
CA LEU G 282 -21.88 2.78 41.32
C LEU G 282 -21.07 1.68 40.67
N SER G 283 -21.48 0.43 40.87
CA SER G 283 -20.83 -0.69 40.19
C SER G 283 -21.89 -1.54 39.51
N SER G 284 -21.53 -2.11 38.36
CA SER G 284 -22.44 -2.97 37.61
C SER G 284 -21.97 -4.42 37.67
N SER G 285 -22.91 -5.33 37.89
CA SER G 285 -22.55 -6.74 37.98
C SER G 285 -23.70 -7.65 37.54
N ASP G 286 -23.34 -8.90 37.25
CA ASP G 286 -24.30 -9.95 36.90
C ASP G 286 -25.26 -9.60 35.76
N PRO G 287 -24.73 -9.28 34.57
CA PRO G 287 -23.33 -9.13 34.18
C PRO G 287 -22.87 -7.68 34.33
N ASN G 288 -21.56 -7.46 34.38
CA ASN G 288 -21.02 -6.11 34.41
C ASN G 288 -21.21 -5.44 33.06
N LEU G 289 -22.03 -4.39 33.03
CA LEU G 289 -22.26 -3.63 31.80
C LEU G 289 -21.57 -2.27 31.84
N GLN G 290 -20.63 -2.13 32.77
CA GLN G 290 -19.84 -0.89 32.87
C GLN G 290 -18.43 -1.11 32.36
N ASN G 291 -18.20 -2.24 31.71
CA ASN G 291 -16.89 -2.53 31.14
C ASN G 291 -16.98 -3.26 29.81
N ILE G 292 -18.04 -2.97 29.05
CA ILE G 292 -18.17 -3.49 27.70
C ILE G 292 -17.07 -2.89 26.83
N PRO G 293 -16.31 -3.76 26.13
CA PRO G 293 -15.18 -3.34 25.29
C PRO G 293 -15.54 -2.23 24.29
N VAL G 294 -14.57 -1.38 23.99
CA VAL G 294 -14.80 -0.23 23.12
C VAL G 294 -13.49 0.26 22.53
N ARG G 295 -12.39 -0.12 23.16
CA ARG G 295 -11.07 0.36 22.77
C ARG G 295 -10.58 -0.28 21.47
N THR G 296 -10.37 -1.60 21.51
CA THR G 296 -9.86 -2.34 20.36
C THR G 296 -10.89 -2.42 19.24
N PRO G 297 -10.43 -2.63 17.99
CA PRO G 297 -11.31 -2.82 16.83
C PRO G 297 -12.41 -3.86 17.06
N LEU G 298 -12.05 -5.01 17.63
CA LEU G 298 -13.04 -6.06 17.90
C LEU G 298 -13.97 -5.63 19.02
N GLY G 299 -13.44 -4.86 19.97
CA GLY G 299 -14.22 -4.38 21.09
C GLY G 299 -15.37 -3.51 20.65
N GLN G 300 -15.13 -2.71 19.61
CA GLN G 300 -16.17 -1.83 19.07
C GLN G 300 -17.30 -2.62 18.44
N ARG G 301 -16.95 -3.76 17.83
CA ARG G 301 -17.94 -4.62 17.21
C ARG G 301 -18.89 -5.20 18.25
N ILE G 302 -18.36 -5.52 19.43
CA ILE G 302 -19.16 -6.03 20.53
C ILE G 302 -20.19 -4.98 20.97
N ARG G 303 -19.78 -3.72 20.96
CA ARG G 303 -20.61 -2.63 21.43
C ARG G 303 -21.85 -2.42 20.54
N ARG G 304 -21.74 -2.81 19.27
CA ARG G 304 -22.86 -2.68 18.34
C ARG G 304 -24.01 -3.61 18.72
N ALA G 305 -23.67 -4.74 19.35
CA ALA G 305 -24.66 -5.73 19.75
C ALA G 305 -25.72 -5.15 20.68
N PHE G 306 -25.38 -4.06 21.37
CA PHE G 306 -26.35 -3.34 22.19
C PHE G 306 -27.17 -2.39 21.33
N ILE G 307 -28.42 -2.77 21.09
CA ILE G 307 -29.27 -2.01 20.17
C ILE G 307 -30.51 -1.48 20.87
N ALA G 308 -31.13 -0.47 20.26
CA ALA G 308 -32.38 0.08 20.78
C ALA G 308 -33.55 -0.76 20.29
N GLU G 309 -34.70 -0.61 20.94
CA GLU G 309 -35.91 -1.31 20.52
C GLU G 309 -36.30 -0.83 19.12
N GLU G 310 -36.99 -1.68 18.36
CA GLU G 310 -37.44 -1.29 17.03
C GLU G 310 -38.45 -0.15 17.15
N GLY G 311 -38.09 1.00 16.60
CA GLY G 311 -38.89 2.20 16.74
C GLY G 311 -38.32 3.12 17.81
N TRP G 312 -37.15 2.74 18.31
CA TRP G 312 -36.48 3.51 19.36
C TRP G 312 -35.04 3.84 18.95
N LEU G 313 -34.41 4.74 19.69
CA LEU G 313 -33.03 5.13 19.43
C LEU G 313 -32.22 5.20 20.72
N LEU G 314 -30.92 4.95 20.62
CA LEU G 314 -30.03 5.07 21.77
C LEU G 314 -29.44 6.48 21.85
N VAL G 315 -29.58 7.10 23.01
CA VAL G 315 -29.02 8.43 23.24
C VAL G 315 -27.87 8.33 24.25
N ALA G 316 -26.66 8.61 23.79
CA ALA G 316 -25.48 8.50 24.64
C ALA G 316 -24.94 9.86 25.04
N LEU G 317 -24.84 10.08 26.35
CA LEU G 317 -24.33 11.34 26.87
C LEU G 317 -23.10 11.13 27.75
N ASP G 318 -21.99 11.76 27.39
CA ASP G 318 -20.75 11.64 28.15
C ASP G 318 -20.28 12.98 28.69
N TYR G 319 -20.00 13.03 29.99
CA TYR G 319 -19.39 14.21 30.59
C TYR G 319 -17.99 14.41 30.02
N SER G 320 -17.62 15.65 29.78
CA SER G 320 -16.30 15.96 29.24
C SER G 320 -15.35 16.44 30.33
N GLN G 321 -14.40 15.57 30.70
CA GLN G 321 -13.41 15.85 31.73
C GLN G 321 -14.05 16.34 33.03
N ILE G 322 -15.11 15.65 33.46
CA ILE G 322 -15.87 16.09 34.64
C ILE G 322 -15.01 16.11 35.90
N GLU G 323 -14.10 15.14 36.03
CA GLU G 323 -13.24 15.05 37.21
C GLU G 323 -12.21 16.18 37.24
N LEU G 324 -11.68 16.53 36.07
CA LEU G 324 -10.74 17.63 35.98
C LEU G 324 -11.44 18.95 36.26
N ARG G 325 -12.69 19.05 35.82
CA ARG G 325 -13.50 20.24 36.08
C ARG G 325 -13.85 20.35 37.55
N VAL G 326 -14.10 19.20 38.18
CA VAL G 326 -14.36 19.14 39.61
C VAL G 326 -13.14 19.63 40.39
N LEU G 327 -11.96 19.21 39.95
CA LEU G 327 -10.71 19.63 40.56
C LEU G 327 -10.55 21.15 40.50
N ALA G 328 -10.94 21.73 39.38
CA ALA G 328 -10.88 23.18 39.21
C ALA G 328 -11.77 23.89 40.21
N HIS G 329 -12.94 23.32 40.47
CA HIS G 329 -13.89 23.90 41.43
C HIS G 329 -13.37 23.77 42.86
N LEU G 330 -12.94 22.57 43.23
CA LEU G 330 -12.47 22.30 44.58
C LEU G 330 -11.20 23.07 44.93
N SER G 331 -10.26 23.09 43.99
CA SER G 331 -9.01 23.81 44.20
C SER G 331 -9.22 25.32 44.10
N GLY G 332 -10.13 25.72 43.21
CA GLY G 332 -10.40 27.13 42.99
C GLY G 332 -9.25 27.81 42.27
N ASP G 333 -8.49 27.03 41.52
CA ASP G 333 -7.33 27.55 40.80
C ASP G 333 -7.75 28.45 39.64
N GLU G 334 -7.39 29.72 39.74
CA GLU G 334 -7.80 30.73 38.77
C GLU G 334 -7.42 30.38 37.34
N ASN G 335 -6.23 29.84 37.15
CA ASN G 335 -5.76 29.48 35.82
C ASN G 335 -6.54 28.30 35.23
N LEU G 336 -6.62 27.21 35.99
CA LEU G 336 -7.32 26.02 35.53
C LEU G 336 -8.80 26.31 35.27
N ILE G 337 -9.37 27.20 36.07
CA ILE G 337 -10.74 27.65 35.88
C ILE G 337 -10.86 28.40 34.56
N ARG G 338 -9.88 29.27 34.29
CA ARG G 338 -9.87 30.05 33.06
C ARG G 338 -9.72 29.18 31.82
N VAL G 339 -9.05 28.03 31.98
CA VAL G 339 -8.87 27.09 30.88
C VAL G 339 -10.22 26.55 30.41
N PHE G 340 -11.09 26.22 31.37
CA PHE G 340 -12.43 25.73 31.05
C PHE G 340 -13.38 26.88 30.73
N GLN G 341 -13.10 28.05 31.30
CA GLN G 341 -13.97 29.21 31.16
C GLN G 341 -13.97 29.74 29.73
N GLU G 342 -12.82 29.69 29.08
CA GLU G 342 -12.67 30.24 27.73
C GLU G 342 -13.07 29.23 26.65
N GLY G 343 -13.08 27.95 27.02
CA GLY G 343 -13.61 26.91 26.16
C GLY G 343 -12.82 26.63 24.89
N ARG G 344 -11.50 26.51 25.01
CA ARG G 344 -10.68 26.05 23.91
C ARG G 344 -10.17 24.65 24.21
N ASP G 345 -9.18 24.18 23.46
CA ASP G 345 -8.60 22.87 23.69
C ASP G 345 -7.96 22.84 25.08
N ILE G 346 -8.58 22.07 25.97
CA ILE G 346 -8.18 22.03 27.38
C ILE G 346 -6.70 21.66 27.56
N HIS G 347 -6.25 20.66 26.83
CA HIS G 347 -4.89 20.18 26.95
C HIS G 347 -3.89 21.13 26.27
N THR G 348 -4.37 21.86 25.26
CA THR G 348 -3.53 22.84 24.56
C THR G 348 -3.44 24.13 25.37
N GLU G 349 -4.54 24.52 25.98
CA GLU G 349 -4.56 25.71 26.83
C GLU G 349 -3.76 25.45 28.11
N THR G 350 -3.60 24.17 28.45
CA THR G 350 -2.78 23.77 29.57
C THR G 350 -1.31 23.78 29.16
N ALA G 351 -1.06 23.50 27.87
CA ALA G 351 0.29 23.46 27.33
C ALA G 351 0.98 24.82 27.45
N SER G 352 0.19 25.89 27.37
CA SER G 352 0.68 27.23 27.67
C SER G 352 0.66 27.42 29.19
N TRP G 353 1.45 26.60 29.87
CA TRP G 353 1.53 26.52 31.34
C TRP G 353 1.23 27.81 32.09
N LEU G 365 5.18 18.13 20.88
CA LEU G 365 3.99 17.94 21.72
C LEU G 365 4.30 18.17 23.20
N MET G 366 4.39 19.44 23.56
CA MET G 366 4.36 19.87 24.95
C MET G 366 2.92 19.68 25.46
N ARG G 367 2.05 19.29 24.53
CA ARG G 367 0.63 19.07 24.78
C ARG G 367 0.33 17.60 25.13
N ARG G 368 1.06 16.67 24.54
CA ARG G 368 0.91 15.26 24.89
C ARG G 368 1.41 15.08 26.31
N ALA G 369 2.32 15.97 26.69
CA ALA G 369 2.79 16.07 28.07
C ALA G 369 1.70 16.65 28.96
N ALA G 370 0.95 17.62 28.43
CA ALA G 370 -0.10 18.29 29.18
C ALA G 370 -1.35 17.42 29.33
N LYS G 371 -1.69 16.70 28.26
CA LYS G 371 -2.84 15.80 28.28
C LYS G 371 -2.59 14.63 29.24
N THR G 372 -1.37 14.12 29.23
CA THR G 372 -1.00 12.97 30.05
C THR G 372 -0.99 13.32 31.54
N ILE G 373 -0.72 14.58 31.85
CA ILE G 373 -0.60 15.00 33.25
C ILE G 373 -1.93 15.56 33.78
N ASN G 374 -2.75 16.11 32.88
CA ASN G 374 -4.08 16.57 33.27
C ASN G 374 -4.95 15.40 33.70
N PHE G 375 -4.59 14.22 33.21
CA PHE G 375 -5.28 12.98 33.55
C PHE G 375 -4.61 12.28 34.72
N GLY G 376 -3.29 12.46 34.83
CA GLY G 376 -2.51 11.75 35.84
C GLY G 376 -2.47 12.41 37.21
N VAL G 377 -2.74 13.70 37.26
CA VAL G 377 -2.69 14.45 38.51
C VAL G 377 -3.77 13.98 39.48
N LEU G 378 -4.89 13.50 38.92
CA LEU G 378 -6.02 13.05 39.72
C LEU G 378 -5.73 11.72 40.41
N TYR G 379 -4.85 10.91 39.82
CA TYR G 379 -4.58 9.58 40.33
C TYR G 379 -3.35 9.54 41.23
N GLY G 380 -2.48 10.53 41.08
CA GLY G 380 -1.24 10.58 41.84
C GLY G 380 -0.09 9.94 41.07
N MET G 381 -0.08 10.19 39.76
CA MET G 381 0.96 9.65 38.89
C MET G 381 2.35 10.15 39.28
N SER G 382 3.31 9.24 39.35
CA SER G 382 4.67 9.59 39.72
C SER G 382 5.49 10.01 38.50
N ALA G 383 6.71 10.49 38.75
CA ALA G 383 7.59 10.93 37.67
C ALA G 383 8.13 9.75 36.88
N HIS G 384 8.09 8.54 37.46
CA HIS G 384 8.42 7.35 36.68
C HIS G 384 7.44 7.25 35.53
N ARG G 385 6.16 7.13 35.88
CA ARG G 385 5.12 6.80 34.92
C ARG G 385 5.08 7.79 33.77
N LEU G 386 5.55 9.00 34.03
CA LEU G 386 5.62 10.02 33.01
C LEU G 386 6.92 9.89 32.21
N SER G 387 7.92 9.22 32.78
CA SER G 387 9.18 9.00 32.09
C SER G 387 9.09 7.80 31.14
N GLN G 388 8.30 6.81 31.54
CA GLN G 388 8.12 5.60 30.72
C GLN G 388 7.06 5.81 29.65
N GLU G 389 6.14 6.75 29.89
CA GLU G 389 5.05 6.98 28.97
C GLU G 389 5.44 7.88 27.80
N LEU G 390 6.37 8.80 28.03
CA LEU G 390 6.71 9.78 27.01
C LEU G 390 8.17 9.71 26.56
N ALA G 391 8.85 8.62 26.92
CA ALA G 391 10.21 8.33 26.46
C ALA G 391 11.19 9.48 26.67
N ILE G 392 11.16 10.06 27.87
CA ILE G 392 12.02 11.18 28.22
C ILE G 392 12.47 10.94 29.67
N PRO G 393 13.77 11.15 29.97
CA PRO G 393 14.32 10.70 31.26
C PRO G 393 13.59 11.21 32.51
N TYR G 394 13.90 10.55 33.63
CA TYR G 394 13.29 10.82 34.92
C TYR G 394 13.45 12.28 35.36
N GLU G 395 14.47 12.94 34.84
CA GLU G 395 14.77 14.32 35.21
C GLU G 395 13.76 15.31 34.63
N GLU G 396 13.51 15.22 33.33
CA GLU G 396 12.60 16.14 32.65
C GLU G 396 11.15 15.88 33.05
N ALA G 397 10.88 14.69 33.57
CA ALA G 397 9.55 14.35 34.06
C ALA G 397 9.23 15.19 35.29
N GLN G 398 10.19 15.27 36.21
CA GLN G 398 10.04 16.07 37.43
C GLN G 398 9.76 17.54 37.12
N ALA G 399 10.47 18.07 36.13
CA ALA G 399 10.32 19.46 35.73
C ALA G 399 8.92 19.73 35.20
N PHE G 400 8.38 18.78 34.43
CA PHE G 400 7.05 18.92 33.86
C PHE G 400 5.97 18.93 34.94
N ILE G 401 6.17 18.14 35.99
CA ILE G 401 5.24 18.09 37.10
C ILE G 401 5.18 19.44 37.83
N GLU G 402 6.35 20.03 38.05
CA GLU G 402 6.43 21.31 38.74
CA GLU G 402 6.46 21.31 38.74
C GLU G 402 6.09 22.48 37.82
N ARG G 403 6.27 22.27 36.51
CA ARG G 403 5.90 23.29 35.53
C ARG G 403 4.38 23.31 35.39
N TYR G 404 3.74 22.25 35.87
CA TYR G 404 2.29 22.15 35.89
C TYR G 404 1.78 22.71 37.19
N PHE G 405 2.58 22.53 38.23
CA PHE G 405 2.19 23.01 39.54
C PHE G 405 2.59 24.46 39.79
N GLN G 406 3.41 25.11 38.98
CA GLN G 406 3.40 26.55 39.21
C GLN G 406 2.43 27.18 38.23
N SER G 407 1.79 26.38 37.38
CA SER G 407 0.80 26.96 36.49
C SER G 407 -0.52 26.89 37.22
N PHE G 408 -0.69 25.82 37.98
CA PHE G 408 -1.89 25.61 38.78
C PHE G 408 -1.53 25.35 40.24
N PRO G 409 -1.06 26.40 40.94
CA PRO G 409 -0.57 26.23 42.31
C PRO G 409 -1.67 25.83 43.30
N LYS G 410 -2.89 26.30 43.06
CA LYS G 410 -3.99 26.03 43.98
C LYS G 410 -4.39 24.56 43.95
N VAL G 411 -4.01 23.85 42.89
CA VAL G 411 -4.26 22.42 42.80
C VAL G 411 -3.37 21.67 43.78
N ARG G 412 -2.08 21.99 43.76
CA ARG G 412 -1.13 21.41 44.71
C ARG G 412 -1.49 21.80 46.14
N ALA G 413 -1.91 23.04 46.31
CA ALA G 413 -2.32 23.53 47.62
C ALA G 413 -3.56 22.79 48.12
N TRP G 414 -4.48 22.49 47.20
CA TRP G 414 -5.70 21.77 47.55
C TRP G 414 -5.40 20.33 47.96
N ILE G 415 -4.49 19.69 47.25
CA ILE G 415 -4.08 18.32 47.56
C ILE G 415 -3.49 18.25 48.97
N GLU G 416 -2.58 19.16 49.27
CA GLU G 416 -1.93 19.20 50.57
C GLU G 416 -2.89 19.62 51.67
N LYS G 417 -3.90 20.40 51.30
CA LYS G 417 -4.94 20.80 52.24
C LYS G 417 -5.87 19.63 52.51
N THR G 418 -6.11 18.83 51.48
CA THR G 418 -6.95 17.64 51.60
C THR G 418 -6.31 16.60 52.50
N LEU G 419 -5.02 16.35 52.29
CA LEU G 419 -4.28 15.37 53.07
C LEU G 419 -4.18 15.76 54.54
N GLU G 420 -3.90 17.04 54.79
CA GLU G 420 -3.83 17.57 56.14
C GLU G 420 -5.18 17.43 56.86
N GLU G 421 -6.25 17.76 56.15
CA GLU G 421 -7.59 17.65 56.69
C GLU G 421 -7.95 16.18 56.91
N GLY G 422 -7.35 15.30 56.11
CA GLY G 422 -7.58 13.88 56.23
C GLY G 422 -6.83 13.26 57.40
N ARG G 423 -5.63 13.78 57.67
CA ARG G 423 -4.83 13.29 58.79
C ARG G 423 -5.43 13.70 60.13
N ARG G 424 -6.11 14.84 60.12
CA ARG G 424 -6.67 15.41 61.35
C ARG G 424 -8.03 14.81 61.68
N ARG G 425 -8.92 14.74 60.69
CA ARG G 425 -10.27 14.27 60.90
C ARG G 425 -10.39 12.76 60.71
N GLY G 426 -9.48 12.19 59.93
CA GLY G 426 -9.49 10.76 59.69
C GLY G 426 -10.22 10.37 58.42
N TYR G 427 -10.83 11.35 57.76
CA TYR G 427 -11.59 11.09 56.54
C TYR G 427 -11.48 12.24 55.55
N VAL G 428 -11.89 11.99 54.31
CA VAL G 428 -11.91 13.01 53.27
C VAL G 428 -13.34 13.22 52.77
N GLU G 429 -13.62 14.41 52.26
CA GLU G 429 -14.97 14.78 51.86
C GLU G 429 -15.11 15.12 50.39
N THR G 430 -16.27 14.83 49.82
CA THR G 430 -16.63 15.30 48.49
C THR G 430 -17.19 16.71 48.60
N LEU G 431 -17.62 17.27 47.48
CA LEU G 431 -18.21 18.60 47.47
C LEU G 431 -19.49 18.64 48.30
N PHE G 432 -20.29 17.57 48.20
CA PHE G 432 -21.56 17.49 48.92
C PHE G 432 -21.38 16.96 50.34
N GLY G 433 -20.18 16.48 50.65
CA GLY G 433 -19.87 16.06 51.99
C GLY G 433 -19.88 14.55 52.22
N ARG G 434 -19.72 13.79 51.15
CA ARG G 434 -19.61 12.34 51.27
C ARG G 434 -18.24 11.98 51.84
N ARG G 435 -18.23 11.11 52.84
CA ARG G 435 -17.00 10.79 53.56
C ARG G 435 -16.35 9.48 53.13
N ARG G 436 -15.03 9.47 53.07
CA ARG G 436 -14.27 8.24 52.98
C ARG G 436 -13.17 8.24 54.03
N TYR G 437 -13.19 7.25 54.92
CA TYR G 437 -12.21 7.17 55.99
C TYR G 437 -10.91 6.53 55.51
N VAL G 438 -9.84 7.33 55.49
CA VAL G 438 -8.53 6.85 55.07
C VAL G 438 -7.63 6.65 56.29
N PRO G 439 -7.34 5.38 56.62
CA PRO G 439 -6.62 5.02 57.85
C PRO G 439 -5.15 5.42 57.86
N ASP G 440 -4.38 4.93 56.88
CA ASP G 440 -2.92 5.05 56.93
C ASP G 440 -2.38 6.34 56.32
N LEU G 441 -3.05 7.45 56.59
CA LEU G 441 -2.55 8.75 56.14
C LEU G 441 -1.37 9.19 56.99
N GLU G 442 -1.24 8.59 58.18
CA GLU G 442 -0.14 8.91 59.07
C GLU G 442 0.71 7.67 59.36
N ALA G 443 0.71 6.72 58.43
CA ALA G 443 1.56 5.55 58.55
C ALA G 443 3.03 5.93 58.47
N ARG G 444 3.88 5.17 59.15
CA ARG G 444 5.30 5.50 59.21
C ARG G 444 6.12 4.81 58.12
N VAL G 445 5.44 4.04 57.27
CA VAL G 445 6.08 3.49 56.09
C VAL G 445 5.68 4.34 54.88
N LYS G 446 6.67 4.84 54.16
CA LYS G 446 6.43 5.80 53.07
C LYS G 446 5.57 5.21 51.96
N SER G 447 5.84 3.96 51.58
CA SER G 447 5.07 3.30 50.53
C SER G 447 3.60 3.20 50.90
N VAL G 448 3.33 2.82 52.15
CA VAL G 448 1.97 2.68 52.64
C VAL G 448 1.29 4.04 52.78
N ARG G 449 2.02 5.01 53.33
CA ARG G 449 1.47 6.33 53.56
C ARG G 449 1.12 7.05 52.26
N GLU G 450 2.04 7.04 51.31
CA GLU G 450 1.83 7.72 50.04
C GLU G 450 0.76 7.03 49.20
N ALA G 451 0.64 5.72 49.34
CA ALA G 451 -0.42 4.97 48.66
C ALA G 451 -1.77 5.36 49.23
N ALA G 452 -1.83 5.51 50.55
CA ALA G 452 -3.04 5.96 51.23
C ALA G 452 -3.30 7.43 50.90
N GLU G 453 -2.23 8.19 50.68
CA GLU G 453 -2.36 9.58 50.29
C GLU G 453 -3.00 9.72 48.91
N ARG G 454 -2.60 8.87 47.98
CA ARG G 454 -3.14 8.90 46.62
C ARG G 454 -4.64 8.57 46.63
N MET G 455 -5.03 7.66 47.52
CA MET G 455 -6.45 7.34 47.68
C MET G 455 -7.19 8.51 48.29
N ALA G 456 -6.49 9.27 49.12
CA ALA G 456 -7.11 10.35 49.90
C ALA G 456 -7.57 11.51 49.03
N PHE G 457 -6.67 12.12 48.26
CA PHE G 457 -7.02 13.32 47.51
C PHE G 457 -7.73 13.00 46.20
N ASN G 458 -7.85 11.71 45.88
CA ASN G 458 -8.58 11.30 44.68
C ASN G 458 -10.08 11.21 44.95
N MET G 459 -10.44 10.79 46.15
CA MET G 459 -11.83 10.58 46.53
C MET G 459 -12.72 11.83 46.40
N PRO G 460 -12.23 13.01 46.82
CA PRO G 460 -13.08 14.19 46.61
C PRO G 460 -13.34 14.50 45.14
N VAL G 461 -12.40 14.11 44.27
CA VAL G 461 -12.55 14.36 42.83
C VAL G 461 -13.48 13.35 42.19
N GLN G 462 -13.22 12.07 42.42
CA GLN G 462 -14.05 11.00 41.87
C GLN G 462 -15.41 10.96 42.56
N GLY G 463 -15.43 11.30 43.85
CA GLY G 463 -16.66 11.27 44.62
C GLY G 463 -17.63 12.36 44.23
N THR G 464 -17.12 13.58 44.07
CA THR G 464 -17.94 14.71 43.65
C THR G 464 -18.55 14.43 42.27
N ALA G 465 -17.72 13.95 41.36
CA ALA G 465 -18.18 13.60 40.01
C ALA G 465 -19.24 12.52 40.07
N ALA G 466 -19.09 11.61 41.02
CA ALA G 466 -20.07 10.55 41.24
C ALA G 466 -21.36 11.13 41.80
N ASP G 467 -21.24 12.09 42.71
CA ASP G 467 -22.40 12.74 43.31
C ASP G 467 -23.19 13.55 42.29
N LEU G 468 -22.48 14.20 41.38
CA LEU G 468 -23.12 15.02 40.35
C LEU G 468 -23.89 14.14 39.36
N MET G 469 -23.27 13.06 38.91
CA MET G 469 -23.91 12.12 38.00
C MET G 469 -25.13 11.47 38.67
N LYS G 470 -24.95 11.06 39.92
CA LYS G 470 -26.04 10.46 40.70
C LYS G 470 -27.22 11.43 40.82
N LEU G 471 -26.91 12.68 41.14
CA LEU G 471 -27.94 13.70 41.28
C LEU G 471 -28.59 14.02 39.94
N ALA G 472 -27.79 13.93 38.87
CA ALA G 472 -28.30 14.16 37.52
C ALA G 472 -29.30 13.08 37.14
N MET G 473 -29.00 11.84 37.53
CA MET G 473 -29.89 10.71 37.25
C MET G 473 -31.21 10.86 38.02
N VAL G 474 -31.13 11.40 39.22
CA VAL G 474 -32.32 11.62 40.05
C VAL G 474 -33.22 12.69 39.42
N LYS G 475 -32.60 13.72 38.86
CA LYS G 475 -33.34 14.80 38.22
C LYS G 475 -33.89 14.39 36.85
N LEU G 476 -33.10 13.60 36.12
CA LEU G 476 -33.42 13.28 34.74
C LEU G 476 -34.54 12.25 34.58
N PHE G 477 -34.55 11.25 35.46
CA PHE G 477 -35.48 10.12 35.31
C PHE G 477 -36.97 10.51 35.31
N PRO G 478 -37.42 11.38 36.23
CA PRO G 478 -38.84 11.75 36.15
C PRO G 478 -39.16 12.57 34.89
N ARG G 479 -38.13 13.20 34.33
CA ARG G 479 -38.31 13.94 33.08
C ARG G 479 -38.35 12.99 31.89
N LEU G 480 -37.68 11.85 32.01
CA LEU G 480 -37.65 10.87 30.94
C LEU G 480 -38.97 10.12 30.83
N GLU G 481 -39.64 9.93 31.96
CA GLU G 481 -40.91 9.23 32.00
C GLU G 481 -42.03 10.08 31.39
N GLU G 482 -41.94 11.39 31.58
CA GLU G 482 -42.94 12.31 31.03
C GLU G 482 -42.76 12.45 29.52
N MET G 483 -41.60 12.02 29.03
CA MET G 483 -41.32 12.05 27.60
C MET G 483 -41.41 10.66 26.98
N GLY G 484 -41.67 9.67 27.83
CA GLY G 484 -41.79 8.29 27.37
C GLY G 484 -40.45 7.70 26.99
N ALA G 485 -39.39 8.16 27.64
CA ALA G 485 -38.04 7.65 27.40
C ALA G 485 -37.56 6.79 28.56
N ARG G 486 -36.47 6.06 28.35
CA ARG G 486 -35.94 5.17 29.37
C ARG G 486 -34.48 5.48 29.70
N MET G 487 -34.07 5.10 30.91
CA MET G 487 -32.66 5.19 31.30
C MET G 487 -32.08 3.79 31.35
N LEU G 488 -31.14 3.51 30.44
CA LEU G 488 -30.63 2.14 30.28
C LEU G 488 -29.35 1.88 31.07
N LEU G 489 -28.32 2.67 30.81
CA LEU G 489 -27.00 2.40 31.39
C LEU G 489 -26.32 3.63 31.96
N GLN G 490 -25.48 3.41 32.97
CA GLN G 490 -24.62 4.45 33.50
C GLN G 490 -23.20 3.93 33.59
N VAL G 491 -22.27 4.62 32.95
CA VAL G 491 -20.87 4.23 33.03
C VAL G 491 -20.06 5.35 33.69
N HIS G 492 -20.30 5.52 34.99
CA HIS G 492 -19.57 6.47 35.83
C HIS G 492 -19.79 7.93 35.40
N ASP G 493 -19.22 8.31 34.26
CA ASP G 493 -19.45 9.65 33.73
C ASP G 493 -20.20 9.59 32.40
N GLU G 494 -20.87 8.47 32.16
CA GLU G 494 -21.61 8.27 30.92
C GLU G 494 -23.06 7.87 31.19
N LEU G 495 -23.95 8.21 30.27
CA LEU G 495 -25.35 7.81 30.37
C LEU G 495 -25.89 7.40 29.01
N VAL G 496 -26.46 6.19 28.95
CA VAL G 496 -27.08 5.70 27.72
C VAL G 496 -28.60 5.65 27.89
N LEU G 497 -29.31 6.42 27.08
CA LEU G 497 -30.76 6.50 27.19
C LEU G 497 -31.45 5.84 26.00
N GLU G 498 -32.74 5.56 26.16
CA GLU G 498 -33.53 4.96 25.09
C GLU G 498 -34.82 5.75 24.88
N ALA G 499 -34.97 6.32 23.69
CA ALA G 499 -36.12 7.14 23.36
C ALA G 499 -36.67 6.78 21.98
N PRO G 500 -37.99 6.94 21.79
CA PRO G 500 -38.59 6.78 20.46
C PRO G 500 -37.93 7.69 19.44
N LYS G 501 -37.82 7.24 18.20
CA LYS G 501 -37.07 7.96 17.18
C LYS G 501 -37.61 9.38 16.94
N GLU G 502 -38.90 9.57 17.16
CA GLU G 502 -39.53 10.88 16.96
C GLU G 502 -39.33 11.81 18.15
N ARG G 503 -38.81 11.28 19.25
CA ARG G 503 -38.61 12.07 20.45
C ARG G 503 -37.15 12.04 20.93
N ALA G 504 -36.30 11.31 20.19
CA ALA G 504 -34.92 11.12 20.58
C ALA G 504 -34.13 12.42 20.63
N GLU G 505 -34.38 13.31 19.66
CA GLU G 505 -33.66 14.57 19.58
C GLU G 505 -34.03 15.51 20.73
N ALA G 506 -35.31 15.52 21.09
CA ALA G 506 -35.78 16.35 22.19
C ALA G 506 -35.29 15.82 23.53
N VAL G 507 -35.21 14.50 23.65
CA VAL G 507 -34.70 13.86 24.85
C VAL G 507 -33.21 14.16 25.02
N ALA G 508 -32.47 14.07 23.92
CA ALA G 508 -31.04 14.35 23.94
C ALA G 508 -30.74 15.78 24.39
N ARG G 509 -31.59 16.71 23.99
CA ARG G 509 -31.40 18.12 24.35
C ARG G 509 -31.75 18.38 25.81
N LEU G 510 -32.78 17.72 26.31
CA LEU G 510 -33.21 17.92 27.69
C LEU G 510 -32.24 17.24 28.66
N ALA G 511 -31.83 16.02 28.32
CA ALA G 511 -30.90 15.27 29.15
C ALA G 511 -29.55 15.97 29.24
N LYS G 512 -29.14 16.57 28.12
CA LYS G 512 -27.88 17.31 28.06
C LYS G 512 -27.90 18.49 29.02
N GLU G 513 -29.02 19.19 29.09
CA GLU G 513 -29.15 20.36 29.96
C GLU G 513 -29.16 19.97 31.44
N VAL G 514 -29.90 18.91 31.76
CA VAL G 514 -29.99 18.43 33.14
C VAL G 514 -28.62 18.02 33.67
N MET G 515 -27.86 17.32 32.84
CA MET G 515 -26.53 16.84 33.23
C MET G 515 -25.53 17.98 33.36
N GLU G 516 -25.58 18.94 32.44
CA GLU G 516 -24.63 20.05 32.45
C GLU G 516 -24.89 21.04 33.58
N GLY G 517 -26.15 21.14 34.01
CA GLY G 517 -26.53 22.11 35.03
C GLY G 517 -27.08 21.50 36.30
N VAL G 518 -26.76 20.24 36.55
CA VAL G 518 -27.23 19.53 37.74
C VAL G 518 -26.81 20.27 39.02
N TYR G 519 -25.59 20.80 39.02
CA TYR G 519 -25.10 21.61 40.13
C TYR G 519 -23.97 22.51 39.64
N PRO G 520 -24.28 23.79 39.38
CA PRO G 520 -23.34 24.78 38.84
C PRO G 520 -22.05 24.88 39.64
N LEU G 521 -20.92 24.88 38.92
CA LEU G 521 -19.61 24.96 39.56
C LEU G 521 -18.92 26.26 39.17
N ALA G 522 -17.65 26.39 39.55
CA ALA G 522 -16.85 27.55 39.18
C ALA G 522 -16.52 27.51 37.70
N VAL G 523 -16.62 26.32 37.11
CA VAL G 523 -16.43 26.13 35.68
C VAL G 523 -17.68 25.48 35.09
N PRO G 524 -17.93 25.68 33.79
CA PRO G 524 -19.12 25.05 33.22
C PRO G 524 -18.91 23.56 32.97
N LEU G 525 -19.99 22.78 33.09
CA LEU G 525 -19.93 21.36 32.76
C LEU G 525 -20.40 21.14 31.33
N GLU G 526 -19.58 20.47 30.53
CA GLU G 526 -19.93 20.17 29.14
C GLU G 526 -20.28 18.70 28.98
N VAL G 527 -21.24 18.40 28.11
CA VAL G 527 -21.65 17.03 27.85
C VAL G 527 -21.78 16.74 26.36
N GLU G 528 -20.98 15.80 25.87
CA GLU G 528 -21.11 15.31 24.50
C GLU G 528 -22.34 14.42 24.40
N VAL G 529 -23.10 14.56 23.32
CA VAL G 529 -24.30 13.75 23.12
C VAL G 529 -24.38 13.20 21.71
N GLY G 530 -24.71 11.92 21.59
CA GLY G 530 -24.83 11.28 20.30
C GLY G 530 -26.06 10.39 20.21
N ILE G 531 -26.65 10.31 19.03
CA ILE G 531 -27.85 9.48 18.83
C ILE G 531 -27.59 8.44 17.74
N GLY G 532 -27.94 7.19 18.02
CA GLY G 532 -27.74 6.11 17.09
C GLY G 532 -28.58 4.89 17.41
N GLU G 533 -28.60 3.93 16.49
CA GLU G 533 -29.41 2.72 16.66
C GLU G 533 -28.71 1.71 17.56
N ASP G 534 -27.38 1.78 17.62
CA ASP G 534 -26.61 0.92 18.50
C ASP G 534 -25.64 1.73 19.36
N TRP G 535 -25.08 1.08 20.38
CA TRP G 535 -24.23 1.75 21.35
C TRP G 535 -22.97 2.34 20.70
N LEU G 536 -22.48 1.69 19.65
CA LEU G 536 -21.31 2.19 18.93
C LEU G 536 -21.68 3.40 18.07
N SER G 537 -22.80 3.28 17.36
CA SER G 537 -23.26 4.36 16.49
C SER G 537 -23.62 5.62 17.27
N ALA G 538 -24.24 5.43 18.42
CA ALA G 538 -24.66 6.55 19.26
C ALA G 538 -23.45 7.37 19.73
N LYS G 539 -22.53 6.72 20.43
CA LYS G 539 -21.35 7.40 20.94
C LYS G 539 -20.44 7.88 19.82
N 1W5 H 12 -10.39 2.54 31.44
P 1W5 H 12 -14.34 3.46 28.38
C1 1W5 H 12 -12.92 4.34 33.47
C2 1W5 H 12 -12.27 4.42 34.76
O2 1W5 H 12 -12.70 4.93 35.74
N3 1W5 H 12 -11.00 3.84 34.81
C4 1W5 H 12 -10.34 3.23 33.80
N4 1W5 H 12 -9.13 2.74 34.09
C5 1W5 H 12 -10.99 3.16 32.58
C6 1W5 H 12 -12.30 3.74 32.44
C1' 1W5 H 12 -14.25 4.96 33.46
C2' 1W5 H 12 -14.28 6.44 33.05
C3' 1W5 H 12 -14.70 6.35 31.59
O3' 1W5 H 12 -15.31 7.57 31.14
C4' 1W5 H 12 -15.68 5.19 31.63
O4' 1W5 H 12 -15.08 4.26 32.55
C5' 1W5 H 12 -15.85 4.49 30.30
O5' 1W5 H 12 -14.55 4.22 29.77
ON1 1W5 H 12 -9.20 2.28 31.47
ON2 1W5 H 12 -11.09 2.30 30.51
OP1 1W5 H 12 -15.20 4.05 27.30
OP2 1W5 H 12 -12.85 3.39 28.22
P 1WA I 2 -3.31 4.35 42.87
N1 1WA I 2 -9.78 4.51 37.55
C2 1WA I 2 -10.20 5.26 38.55
N2 1WA I 2 -11.48 5.66 38.53
N3 1WA I 2 -9.48 5.70 39.62
C4 1WA I 2 -8.26 5.30 39.60
N5 1WA I 2 -7.71 4.53 38.63
C6 1WA I 2 -8.50 4.08 37.52
O6 1WA I 2 -7.98 3.40 36.69
C7 1WA I 2 -6.36 4.29 38.93
C8 1WA I 2 -6.11 4.91 40.07
N9 1WA I 2 -7.28 5.55 40.49
C1' 1WA I 2 -7.51 6.37 41.69
C2' 1WA I 2 -8.46 5.71 42.67
C3' 1WA I 2 -7.50 4.99 43.59
O3' 1WA I 2 -8.07 4.68 44.86
C4' 1WA I 2 -6.42 6.05 43.72
O4' 1WA I 2 -6.26 6.51 42.36
C5' 1WA I 2 -5.12 5.61 44.37
O5' 1WA I 2 -3.98 5.68 43.46
OP1 1WA I 2 -1.97 4.14 43.53
OP2 1WA I 2 -4.33 3.25 42.88
#